data_8BPR
#
_entry.id   8BPR
#
loop_
_entity.id
_entity.type
_entity.pdbx_description
1 polymer 'DNA replication and repair protein RecF'
2 polymer 'Recombination protein RecR'
3 polymer 'DNA repair protein RecO'
4 polymer Oligo1
5 polymer Oligo2
6 non-polymer 'PHOSPHOAMINOPHOSPHONIC ACID-ADENYLATE ESTER'
7 non-polymer 'MAGNESIUM ION'
8 non-polymer 'ZINC ION'
#
loop_
_entity_poly.entity_id
_entity_poly.type
_entity_poly.pdbx_seq_one_letter_code
_entity_poly.pdbx_strand_id
1 'polypeptide(L)'
;SMRLLLFRQRNFRNLALEAYRPPPGLSALVGANAQGKTSLLLGIHLALGGEVPLGLADLVRFGEEEAWLHAEVETELGAY
RLEHRLGPGGREVLLNGKRVSLRTLWELPGSVLVSPLDLEAVLGPKEERRAYLDRLIARFSRRYAALLSAYEKALRQRNA
LLKAGGEGLSAWDRELARYGDEIVALRRRFLRRFAPILREVHAALAAKEAGLRLEETAGEGVLRALEASRAEERERGQTL
VGPHRDDLVFLLEGRPAHRFASRGEAKTLALALRLAEHRLLGEHHGEPPLLLVDEWGEELDEARRRAVLAYAQALPQAIL
AGLEAPPGVPVCSVVRGVVLCPGA
;
A,B
2 'polypeptide(L)'
;SMRYPESLLKLTRALSRLPGIGPKTAQRLALHLAFHKEEAEALAEALEGIKRVRACRECGNLAEGELCPICQDEDRDRSL
LAVVESVADLYALERSGEFRGLYHVLGGALNPLEGIGPKELNLEGLFRRLEGVEEVVLATSMTVEGEATALYLAEELKKR
GVRVTRPAYGLPVGGSLEYADEVTLGRALEGRRPV
;
C,D,E,F
3 'polypeptide(L)'
;SMAPAYTGKVERYRLEEGIVVGRKPLPQGDLLLRLVTPRGSLEAVVRKGQRPTGRTGRLSLFHHVRFQLYAKGEGLPTLT
QAELLGRLHGLEAPRRFLLAAFLAELAYRLASPEAAPRIYPLLVSGLRGIAKHEDPLLPLVWAGWRVAKAGGIGPNLEGE
GLRLKRGRLGEEGVYLGREGVEALKATLRLPGAQALPHLEGAPLNRLFLALKAHAEEALGPLRSAEAIGV
;
G
4 'polydeoxyribonucleotide'
;(DG)(DG)(DC)(DC)(DA)(DG)(DA)(DT)(DC)(DT)(DG)(DC)(DC)(DG)(DC)(DG)(DG)(DA)(DT)(DC)
(DC)(DG)(DC)(DG)(DC)
;
X
5 'polydeoxyribonucleotide'
;(DG)(DC)(DG)(DC)(DG)(DG)(DA)(DT)(DC)(DC)(DG)(DC)(DG)(DG)(DC)(DA)(DG)(DA)(DT)(DC)
(DT)(DG)(DG)(DC)(DC)(DT)(DG)(DA)(DT)(DT)(DG)(DC)(DG)(DG)(DT)(DA)(DC)(DA)(DG)(DA)
;
Y
#
loop_
_chem_comp.id
_chem_comp.type
_chem_comp.name
_chem_comp.formula
ANP non-polymer 'PHOSPHOAMINOPHOSPHONIC ACID-ADENYLATE ESTER' 'C10 H17 N6 O12 P3'
DA DNA linking 2'-DEOXYADENOSINE-5'-MONOPHOSPHATE 'C10 H14 N5 O6 P'
DC DNA linking 2'-DEOXYCYTIDINE-5'-MONOPHOSPHATE 'C9 H14 N3 O7 P'
DG DNA linking 2'-DEOXYGUANOSINE-5'-MONOPHOSPHATE 'C10 H14 N5 O7 P'
DT DNA linking THYMIDINE-5'-MONOPHOSPHATE 'C10 H15 N2 O8 P'
MG non-polymer 'MAGNESIUM ION' 'Mg 2'
ZN non-polymer 'ZINC ION' 'Zn 2'
#
# COMPACT_ATOMS: atom_id res chain seq x y z
N MET A 2 -13.07 22.11 -16.36
CA MET A 2 -12.08 21.91 -15.31
C MET A 2 -11.73 23.22 -14.62
N ARG A 3 -11.69 23.19 -13.28
CA ARG A 3 -11.36 24.36 -12.50
C ARG A 3 -11.07 23.98 -11.05
N LEU A 4 -9.99 24.51 -10.49
CA LEU A 4 -9.63 24.26 -9.10
C LEU A 4 -10.20 25.36 -8.22
N LEU A 5 -10.68 24.98 -7.03
CA LEU A 5 -11.38 25.90 -6.15
C LEU A 5 -10.68 26.16 -4.83
N LEU A 6 -10.10 25.12 -4.21
CA LEU A 6 -9.50 25.29 -2.89
C LEU A 6 -8.43 24.23 -2.67
N PHE A 7 -7.37 24.62 -1.97
CA PHE A 7 -6.28 23.71 -1.62
C PHE A 7 -5.84 23.97 -0.19
N ARG A 8 -5.81 22.92 0.62
CA ARG A 8 -5.38 23.01 2.01
C ARG A 8 -4.38 21.90 2.32
N GLN A 9 -3.48 22.16 3.26
CA GLN A 9 -2.42 21.23 3.57
C GLN A 9 -2.10 21.29 5.05
N ARG A 10 -1.24 20.36 5.49
CA ARG A 10 -0.78 20.32 6.88
C ARG A 10 0.51 19.51 6.93
N ASN A 11 1.61 20.16 7.31
CA ASN A 11 2.90 19.51 7.48
C ASN A 11 3.39 18.88 6.18
N PHE A 12 3.47 19.70 5.13
CA PHE A 12 3.98 19.28 3.83
C PHE A 12 5.20 20.14 3.50
N ARG A 13 6.36 19.49 3.38
CA ARG A 13 7.64 20.15 3.10
C ARG A 13 7.82 21.27 4.12
N ASN A 14 8.15 22.49 3.72
CA ASN A 14 8.28 23.62 4.62
C ASN A 14 7.07 24.54 4.56
N LEU A 15 6.00 24.13 3.89
CA LEU A 15 4.82 24.97 3.74
C LEU A 15 4.15 25.22 5.07
N ALA A 16 3.53 26.41 5.19
CA ALA A 16 2.76 26.76 6.38
C ALA A 16 1.69 27.76 5.94
N LEU A 17 0.49 27.26 5.72
CA LEU A 17 -0.61 28.10 5.26
C LEU A 17 -1.93 27.41 5.59
N GLU A 18 -3.02 28.14 5.36
CA GLU A 18 -4.37 27.64 5.62
C GLU A 18 -5.13 27.29 4.35
N ALA A 19 -5.23 28.22 3.41
CA ALA A 19 -5.98 27.98 2.19
C ALA A 19 -5.41 28.82 1.06
N TYR A 20 -5.74 28.43 -0.17
CA TYR A 20 -5.30 29.14 -1.35
C TYR A 20 -6.36 28.96 -2.43
N ARG A 21 -6.88 30.07 -2.96
CA ARG A 21 -7.96 30.06 -3.94
C ARG A 21 -7.52 30.77 -5.21
N PRO A 22 -6.96 30.05 -6.18
CA PRO A 22 -6.54 30.67 -7.43
C PRO A 22 -7.74 31.14 -8.24
N PRO A 23 -7.63 32.27 -8.91
CA PRO A 23 -8.73 32.76 -9.74
C PRO A 23 -8.81 31.97 -11.05
N PRO A 24 -9.94 32.03 -11.75
CA PRO A 24 -10.05 31.33 -13.03
C PRO A 24 -9.34 32.11 -14.14
N GLY A 25 -8.34 31.48 -14.74
CA GLY A 25 -7.55 32.14 -15.77
C GLY A 25 -6.08 32.17 -15.44
N LEU A 26 -5.34 33.08 -16.07
CA LEU A 26 -3.91 33.18 -15.81
C LEU A 26 -3.65 33.72 -14.41
N SER A 27 -2.65 33.13 -13.75
CA SER A 27 -2.24 33.54 -12.41
C SER A 27 -0.73 33.67 -12.39
N ALA A 28 -0.19 33.99 -11.22
CA ALA A 28 1.24 34.16 -11.09
C ALA A 28 1.65 33.98 -9.63
N LEU A 29 2.95 33.73 -9.44
CA LEU A 29 3.55 33.68 -8.11
C LEU A 29 4.90 34.38 -8.16
N VAL A 30 5.26 35.04 -7.07
CA VAL A 30 6.51 35.79 -6.96
C VAL A 30 7.14 35.48 -5.62
N GLY A 31 8.44 35.16 -5.64
CA GLY A 31 9.15 34.90 -4.40
C GLY A 31 10.64 34.81 -4.64
N ALA A 32 11.40 35.04 -3.58
CA ALA A 32 12.85 34.97 -3.64
C ALA A 32 13.30 33.51 -3.54
N ASN A 33 14.59 33.30 -3.32
CA ASN A 33 15.12 31.95 -3.20
C ASN A 33 14.68 31.31 -1.89
N ALA A 34 14.38 30.02 -1.95
CA ALA A 34 14.02 29.21 -0.77
C ALA A 34 12.82 29.80 -0.03
N GLN A 35 11.68 29.81 -0.73
CA GLN A 35 10.43 30.29 -0.15
C GLN A 35 9.31 29.27 -0.23
N GLY A 36 9.19 28.53 -1.31
CA GLY A 36 8.20 27.47 -1.37
C GLY A 36 7.32 27.41 -2.60
N LYS A 37 7.68 28.14 -3.66
CA LYS A 37 6.90 28.06 -4.89
C LYS A 37 6.93 26.65 -5.47
N THR A 38 8.12 26.06 -5.56
CA THR A 38 8.24 24.70 -6.05
C THR A 38 7.50 23.73 -5.14
N SER A 39 7.58 23.94 -3.82
CA SER A 39 6.87 23.08 -2.89
C SER A 39 5.35 23.17 -3.10
N LEU A 40 4.84 24.38 -3.30
CA LEU A 40 3.40 24.55 -3.51
C LEU A 40 2.95 23.87 -4.80
N LEU A 41 3.70 24.06 -5.89
CA LEU A 41 3.34 23.44 -7.15
C LEU A 41 3.41 21.92 -7.06
N LEU A 42 4.44 21.40 -6.40
CA LEU A 42 4.58 19.96 -6.22
C LEU A 42 3.42 19.40 -5.39
N GLY A 43 3.03 20.13 -4.34
CA GLY A 43 1.91 19.69 -3.53
C GLY A 43 0.61 19.65 -4.32
N ILE A 44 0.36 20.68 -5.13
CA ILE A 44 -0.85 20.69 -5.96
C ILE A 44 -0.83 19.51 -6.93
N HIS A 45 0.32 19.30 -7.58
CA HIS A 45 0.42 18.21 -8.56
C HIS A 45 0.19 16.86 -7.90
N LEU A 46 0.75 16.66 -6.71
CA LEU A 46 0.55 15.39 -6.01
C LEU A 46 -0.88 15.24 -5.52
N ALA A 47 -1.51 16.34 -5.10
CA ALA A 47 -2.89 16.26 -4.62
C ALA A 47 -3.85 15.89 -5.75
N LEU A 48 -3.64 16.45 -6.94
CA LEU A 48 -4.54 16.17 -8.05
C LEU A 48 -4.28 14.80 -8.69
N GLY A 49 -3.49 13.94 -8.05
CA GLY A 49 -3.32 12.58 -8.52
C GLY A 49 -2.11 12.31 -9.37
N GLY A 50 -1.17 13.25 -9.46
CA GLY A 50 0.01 13.06 -10.28
C GLY A 50 1.07 12.23 -9.58
N GLU A 51 2.24 12.20 -10.20
CA GLU A 51 3.39 11.47 -9.69
C GLU A 51 4.54 12.45 -9.42
N VAL A 52 5.07 12.41 -8.21
CA VAL A 52 6.14 13.30 -7.79
C VAL A 52 7.46 12.53 -7.81
N PRO A 53 8.50 13.04 -8.47
CA PRO A 53 9.78 12.31 -8.51
C PRO A 53 10.43 12.12 -7.15
N LEU A 54 10.11 12.96 -6.17
CA LEU A 54 10.76 12.88 -4.87
C LEU A 54 10.29 11.65 -4.10
N GLY A 55 11.14 11.19 -3.19
CA GLY A 55 10.78 10.06 -2.36
C GLY A 55 9.66 10.39 -1.39
N LEU A 56 8.88 9.37 -1.05
CA LEU A 56 7.73 9.57 -0.18
C LEU A 56 8.15 9.98 1.22
N ALA A 57 9.22 9.38 1.73
CA ALA A 57 9.65 9.63 3.11
C ALA A 57 10.27 11.01 3.30
N ASP A 58 10.55 11.74 2.22
CA ASP A 58 11.19 13.06 2.32
C ASP A 58 10.23 14.19 1.98
N LEU A 59 8.93 13.95 2.08
CA LEU A 59 7.92 14.97 1.79
C LEU A 59 7.26 15.52 3.04
N VAL A 60 7.80 15.23 4.23
CA VAL A 60 7.23 15.69 5.48
C VAL A 60 8.26 16.57 6.19
N ARG A 61 7.80 17.26 7.23
CA ARG A 61 8.66 18.16 7.98
C ARG A 61 9.74 17.37 8.72
N PHE A 62 10.66 18.11 9.35
CA PHE A 62 11.73 17.53 10.14
C PHE A 62 11.22 17.38 11.57
N GLY A 63 10.85 16.16 11.94
CA GLY A 63 10.34 15.89 13.28
C GLY A 63 8.96 15.26 13.27
N GLU A 64 8.09 15.72 12.38
CA GLU A 64 6.76 15.16 12.27
C GLU A 64 6.81 13.84 11.50
N GLU A 65 5.68 13.12 11.51
CA GLU A 65 5.63 11.81 10.88
C GLU A 65 4.36 11.58 10.08
N GLU A 66 3.61 12.63 9.74
CA GLU A 66 2.40 12.46 8.94
C GLU A 66 2.09 13.78 8.24
N ALA A 67 1.54 13.67 7.03
CA ALA A 67 1.20 14.82 6.22
C ALA A 67 -0.22 14.68 5.69
N TRP A 68 -0.84 15.81 5.39
CA TRP A 68 -2.23 15.84 4.96
C TRP A 68 -2.38 16.79 3.78
N LEU A 69 -3.12 16.35 2.77
CA LEU A 69 -3.42 17.15 1.59
C LEU A 69 -4.91 17.08 1.28
N HIS A 70 -5.45 18.18 0.76
CA HIS A 70 -6.88 18.27 0.51
C HIS A 70 -7.12 19.26 -0.61
N ALA A 71 -7.88 18.83 -1.62
CA ALA A 71 -8.20 19.67 -2.76
C ALA A 71 -9.68 19.55 -3.10
N GLU A 72 -10.23 20.62 -3.65
CA GLU A 72 -11.64 20.67 -4.03
C GLU A 72 -11.73 21.14 -5.48
N VAL A 73 -12.07 20.23 -6.38
CA VAL A 73 -12.09 20.52 -7.81
C VAL A 73 -13.48 20.22 -8.35
N GLU A 74 -13.94 21.05 -9.28
CA GLU A 74 -15.22 20.87 -9.94
C GLU A 74 -15.00 20.82 -11.45
N THR A 75 -15.69 19.91 -12.12
CA THR A 75 -15.55 19.71 -13.54
C THR A 75 -16.88 19.94 -14.25
N GLU A 76 -16.93 19.60 -15.54
CA GLU A 76 -18.17 19.73 -16.30
C GLU A 76 -19.28 18.85 -15.74
N LEU A 77 -18.91 17.73 -15.10
CA LEU A 77 -19.92 16.85 -14.53
C LEU A 77 -20.40 17.35 -13.18
N GLY A 78 -19.50 17.45 -12.21
CA GLY A 78 -19.88 17.91 -10.88
C GLY A 78 -18.66 17.99 -10.00
N ALA A 79 -18.87 18.60 -8.83
CA ALA A 79 -17.79 18.81 -7.87
C ALA A 79 -17.50 17.54 -7.09
N TYR A 80 -16.25 17.40 -6.66
CA TYR A 80 -15.85 16.30 -5.80
C TYR A 80 -14.58 16.70 -5.06
N ARG A 81 -14.29 15.97 -3.99
CA ARG A 81 -13.18 16.29 -3.11
C ARG A 81 -12.19 15.14 -3.06
N LEU A 82 -10.90 15.47 -3.14
CA LEU A 82 -9.82 14.50 -3.04
C LEU A 82 -9.01 14.78 -1.79
N GLU A 83 -8.45 13.72 -1.21
CA GLU A 83 -7.72 13.84 0.05
C GLU A 83 -6.67 12.75 0.13
N HIS A 84 -5.45 13.13 0.52
CA HIS A 84 -4.33 12.22 0.64
C HIS A 84 -3.81 12.23 2.07
N ARG A 85 -3.49 11.05 2.59
CA ARG A 85 -2.89 10.89 3.91
C ARG A 85 -1.48 10.32 3.73
N LEU A 86 -0.50 11.20 3.66
CA LEU A 86 0.89 10.80 3.54
C LEU A 86 1.45 10.48 4.92
N GLY A 87 2.12 9.33 5.04
CA GLY A 87 2.65 8.90 6.30
C GLY A 87 3.66 7.77 6.15
N PRO A 88 4.10 7.22 7.29
CA PRO A 88 5.09 6.12 7.21
C PRO A 88 4.58 4.90 6.48
N GLY A 89 3.30 4.56 6.64
CA GLY A 89 2.78 3.36 6.01
C GLY A 89 2.74 3.45 4.49
N GLY A 90 2.28 4.58 3.97
CA GLY A 90 2.17 4.75 2.54
C GLY A 90 0.98 5.62 2.19
N ARG A 91 0.89 5.94 0.91
CA ARG A 91 -0.18 6.80 0.42
C ARG A 91 -1.53 6.10 0.50
N GLU A 92 -2.56 6.89 0.77
CA GLU A 92 -3.95 6.42 0.71
C GLU A 92 -4.82 7.56 0.20
N VAL A 93 -5.84 7.22 -0.58
CA VAL A 93 -6.68 8.20 -1.26
C VAL A 93 -8.12 8.00 -0.80
N LEU A 94 -8.80 9.12 -0.53
CA LEU A 94 -10.19 9.12 -0.09
C LEU A 94 -10.98 10.04 -1.00
N LEU A 95 -11.63 9.47 -2.01
CA LEU A 95 -12.48 10.23 -2.92
C LEU A 95 -13.88 10.30 -2.33
N ASN A 96 -14.29 11.51 -1.94
CA ASN A 96 -15.59 11.80 -1.33
C ASN A 96 -15.81 11.10 0.01
N GLY A 97 -14.78 10.46 0.55
CA GLY A 97 -14.87 9.89 1.89
C GLY A 97 -14.61 8.40 2.00
N LYS A 98 -14.26 7.70 0.92
CA LYS A 98 -13.99 6.27 1.00
C LYS A 98 -12.69 5.94 0.29
N ARG A 99 -12.05 4.85 0.72
CA ARG A 99 -10.79 4.43 0.14
C ARG A 99 -10.96 4.10 -1.34
N VAL A 100 -10.00 4.56 -2.14
CA VAL A 100 -10.04 4.38 -3.59
C VAL A 100 -8.64 4.01 -4.06
N SER A 101 -8.57 3.06 -4.99
CA SER A 101 -7.29 2.68 -5.57
C SER A 101 -6.74 3.80 -6.43
N LEU A 102 -5.41 3.88 -6.49
CA LEU A 102 -4.77 4.95 -7.24
C LEU A 102 -5.05 4.85 -8.74
N ARG A 103 -5.29 3.64 -9.25
CA ARG A 103 -5.58 3.46 -10.66
C ARG A 103 -6.89 4.12 -11.07
N THR A 104 -7.81 4.35 -10.12
CA THR A 104 -9.08 4.98 -10.47
C THR A 104 -8.89 6.41 -10.92
N LEU A 105 -7.97 7.15 -10.27
CA LEU A 105 -7.73 8.54 -10.63
C LEU A 105 -7.13 8.68 -12.03
N TRP A 106 -6.63 7.57 -12.61
CA TRP A 106 -6.08 7.62 -13.96
C TRP A 106 -7.12 8.03 -14.99
N GLU A 107 -8.41 7.88 -14.70
CA GLU A 107 -9.47 8.29 -15.61
C GLU A 107 -9.85 9.75 -15.44
N LEU A 108 -9.35 10.43 -14.41
CA LEU A 108 -9.67 11.83 -14.17
C LEU A 108 -8.81 12.72 -15.06
N PRO A 109 -9.23 13.97 -15.26
CA PRO A 109 -8.41 14.89 -16.10
C PRO A 109 -6.99 15.06 -15.61
N GLY A 110 -6.80 15.48 -14.36
CA GLY A 110 -5.47 15.61 -13.83
C GLY A 110 -4.82 16.94 -14.19
N SER A 111 -3.48 16.94 -14.20
CA SER A 111 -2.71 18.14 -14.50
C SER A 111 -1.35 17.76 -15.05
N VAL A 112 -0.69 18.72 -15.69
CA VAL A 112 0.64 18.55 -16.25
C VAL A 112 1.58 19.55 -15.61
N LEU A 113 2.81 19.13 -15.35
CA LEU A 113 3.81 19.95 -14.69
C LEU A 113 5.03 20.10 -15.59
N VAL A 114 5.58 21.31 -15.64
CA VAL A 114 6.74 21.63 -16.46
C VAL A 114 7.89 21.99 -15.53
N SER A 115 9.05 21.36 -15.74
CA SER A 115 10.21 21.54 -14.89
C SER A 115 11.46 21.32 -15.72
N PRO A 116 12.62 21.78 -15.25
CA PRO A 116 13.86 21.57 -16.01
C PRO A 116 14.21 20.11 -16.28
N LEU A 117 13.51 19.15 -15.66
CA LEU A 117 13.75 17.76 -15.96
C LEU A 117 13.47 17.44 -17.42
N ASP A 118 12.46 18.10 -18.01
CA ASP A 118 12.20 17.93 -19.44
C ASP A 118 13.39 18.42 -20.26
N LEU A 119 13.96 19.57 -19.88
CA LEU A 119 15.13 20.08 -20.57
C LEU A 119 16.30 19.11 -20.48
N GLU A 120 16.48 18.50 -19.29
CA GLU A 120 17.53 17.49 -19.15
C GLU A 120 17.25 16.28 -20.04
N ALA A 121 15.99 15.87 -20.15
CA ALA A 121 15.65 14.71 -20.95
C ALA A 121 15.85 14.96 -22.45
N VAL A 122 15.61 16.18 -22.92
CA VAL A 122 15.78 16.48 -24.34
C VAL A 122 17.25 16.32 -24.76
N LEU A 123 18.16 16.80 -23.93
CA LEU A 123 19.59 16.77 -24.24
C LEU A 123 20.30 15.57 -23.64
N GLY A 124 19.59 14.47 -23.41
CA GLY A 124 20.15 13.31 -22.78
C GLY A 124 20.63 12.25 -23.75
N PRO A 125 21.10 11.12 -23.23
CA PRO A 125 21.55 10.03 -24.10
C PRO A 125 20.41 9.32 -24.81
N LYS A 126 20.73 8.26 -25.55
CA LYS A 126 19.72 7.53 -26.31
C LYS A 126 18.69 6.88 -25.41
N GLU A 127 19.14 6.23 -24.33
CA GLU A 127 18.23 5.49 -23.47
C GLU A 127 17.23 6.41 -22.80
N GLU A 128 17.65 7.61 -22.39
CA GLU A 128 16.72 8.54 -21.77
C GLU A 128 15.64 8.98 -22.76
N ARG A 129 16.01 9.25 -24.01
CA ARG A 129 15.02 9.63 -25.00
C ARG A 129 14.03 8.49 -25.27
N ARG A 130 14.54 7.25 -25.37
CA ARG A 130 13.65 6.13 -25.59
C ARG A 130 12.70 5.94 -24.40
N ALA A 131 13.21 6.09 -23.18
CA ALA A 131 12.37 5.97 -22.00
C ALA A 131 11.31 7.07 -21.96
N TYR A 132 11.70 8.29 -22.35
CA TYR A 132 10.72 9.37 -22.41
C TYR A 132 9.61 9.06 -23.39
N LEU A 133 9.97 8.55 -24.57
CA LEU A 133 8.95 8.20 -25.55
C LEU A 133 8.02 7.11 -25.02
N ASP A 134 8.60 6.09 -24.38
CA ASP A 134 7.79 5.01 -23.82
C ASP A 134 6.82 5.53 -22.77
N ARG A 135 7.31 6.37 -21.85
CA ARG A 135 6.45 6.90 -20.80
C ARG A 135 5.36 7.81 -21.37
N LEU A 136 5.70 8.59 -22.40
CA LEU A 136 4.69 9.44 -23.03
C LEU A 136 3.60 8.62 -23.68
N ILE A 137 3.96 7.56 -24.40
CA ILE A 137 2.94 6.76 -25.06
C ILE A 137 2.12 5.97 -24.04
N ALA A 138 2.74 5.56 -22.92
CA ALA A 138 2.05 4.72 -21.95
C ALA A 138 0.88 5.42 -21.27
N ARG A 139 0.75 6.74 -21.38
CA ARG A 139 -0.34 7.45 -20.74
C ARG A 139 -1.62 7.46 -21.56
N PHE A 140 -1.62 6.84 -22.74
CA PHE A 140 -2.80 6.81 -23.60
C PHE A 140 -3.38 5.42 -23.77
N SER A 141 -2.73 4.39 -23.22
CA SER A 141 -3.22 3.02 -23.34
C SER A 141 -2.44 2.13 -22.38
N ARG A 142 -3.11 1.09 -21.88
CA ARG A 142 -2.47 0.09 -21.04
C ARG A 142 -1.99 -1.12 -21.84
N ARG A 143 -2.58 -1.35 -23.02
CA ARG A 143 -2.11 -2.42 -23.89
C ARG A 143 -0.63 -2.25 -24.22
N TYR A 144 -0.18 -1.01 -24.37
CA TYR A 144 1.23 -0.76 -24.63
C TYR A 144 2.10 -1.24 -23.47
N ALA A 145 1.69 -0.96 -22.23
CA ALA A 145 2.46 -1.42 -21.09
C ALA A 145 2.48 -2.93 -21.00
N ALA A 146 1.33 -3.57 -21.24
CA ALA A 146 1.30 -5.04 -21.22
C ALA A 146 2.22 -5.63 -22.28
N LEU A 147 2.18 -5.07 -23.49
CA LEU A 147 3.05 -5.55 -24.56
C LEU A 147 4.51 -5.35 -24.20
N LEU A 148 4.85 -4.21 -23.60
CA LEU A 148 6.24 -3.98 -23.20
C LEU A 148 6.71 -4.98 -22.17
N SER A 149 5.87 -5.27 -21.18
CA SER A 149 6.26 -6.25 -20.16
C SER A 149 6.45 -7.63 -20.77
N ALA A 150 5.53 -8.05 -21.64
CA ALA A 150 5.65 -9.36 -22.27
C ALA A 150 6.90 -9.44 -23.14
N TYR A 151 7.18 -8.38 -23.91
CA TYR A 151 8.38 -8.37 -24.75
C TYR A 151 9.64 -8.45 -23.91
N GLU A 152 9.68 -7.71 -22.79
CA GLU A 152 10.85 -7.76 -21.93
C GLU A 152 11.08 -9.16 -21.38
N LYS A 153 10.01 -9.82 -20.92
CA LYS A 153 10.15 -11.18 -20.40
C LYS A 153 10.63 -12.14 -21.47
N ALA A 154 10.07 -12.05 -22.68
CA ALA A 154 10.48 -12.94 -23.75
C ALA A 154 11.94 -12.71 -24.13
N LEU A 155 12.37 -11.44 -24.19
CA LEU A 155 13.75 -11.14 -24.52
C LEU A 155 14.70 -11.69 -23.47
N ARG A 156 14.35 -11.55 -22.19
CA ARG A 156 15.18 -12.11 -21.14
C ARG A 156 15.29 -13.62 -21.26
N GLN A 157 14.17 -14.29 -21.54
CA GLN A 157 14.19 -15.75 -21.70
C GLN A 157 15.09 -16.16 -22.85
N ARG A 158 14.95 -15.52 -24.00
CA ARG A 158 15.75 -15.92 -25.15
C ARG A 158 17.23 -15.64 -24.93
N ASN A 159 17.56 -14.49 -24.31
CA ASN A 159 18.96 -14.19 -24.03
C ASN A 159 19.55 -15.21 -23.07
N ALA A 160 18.79 -15.60 -22.04
CA ALA A 160 19.29 -16.62 -21.12
C ALA A 160 19.51 -17.95 -21.83
N LEU A 161 18.61 -18.32 -22.74
CA LEU A 161 18.80 -19.55 -23.50
C LEU A 161 20.05 -19.47 -24.36
N LEU A 162 20.26 -18.33 -25.03
CA LEU A 162 21.40 -18.19 -25.93
C LEU A 162 22.73 -18.17 -25.19
N LYS A 163 22.75 -17.62 -23.98
CA LYS A 163 24.02 -17.42 -23.27
C LYS A 163 24.77 -18.72 -23.06
N ALA A 164 24.06 -19.83 -22.83
CA ALA A 164 24.73 -21.10 -22.56
C ALA A 164 23.88 -22.25 -23.08
N GLY A 165 24.52 -23.15 -23.83
CA GLY A 165 23.87 -24.35 -24.28
C GLY A 165 22.95 -24.14 -25.46
N GLY A 166 22.32 -25.23 -25.89
CA GLY A 166 21.38 -25.20 -26.99
C GLY A 166 20.10 -25.91 -26.63
N GLU A 167 19.04 -25.53 -27.31
CA GLU A 167 17.69 -26.03 -27.05
C GLU A 167 16.82 -25.56 -28.22
N GLY A 168 15.52 -25.84 -28.16
CA GLY A 168 14.59 -25.31 -29.14
C GLY A 168 14.58 -23.80 -29.15
N LEU A 169 14.87 -23.20 -30.30
CA LEU A 169 15.06 -21.76 -30.41
C LEU A 169 13.99 -21.06 -31.23
N SER A 170 13.41 -21.72 -32.24
CA SER A 170 12.43 -21.07 -33.09
C SER A 170 11.18 -20.66 -32.32
N ALA A 171 10.83 -21.39 -31.26
CA ALA A 171 9.65 -21.07 -30.49
C ALA A 171 9.75 -19.69 -29.86
N TRP A 172 10.90 -19.41 -29.22
CA TRP A 172 11.10 -18.09 -28.62
C TRP A 172 11.18 -17.00 -29.67
N ASP A 173 11.72 -17.32 -30.86
CA ASP A 173 11.77 -16.36 -31.94
C ASP A 173 10.35 -15.94 -32.34
N ARG A 174 9.47 -16.92 -32.55
CA ARG A 174 8.09 -16.60 -32.89
C ARG A 174 7.40 -15.85 -31.75
N GLU A 175 7.69 -16.24 -30.51
CA GLU A 175 7.09 -15.57 -29.36
C GLU A 175 7.46 -14.09 -29.33
N LEU A 176 8.73 -13.78 -29.58
CA LEU A 176 9.16 -12.39 -29.53
C LEU A 176 8.64 -11.60 -30.74
N ALA A 177 8.62 -12.24 -31.91
CA ALA A 177 8.08 -11.59 -33.09
C ALA A 177 6.58 -11.34 -33.00
N ARG A 178 5.88 -12.10 -32.14
CA ARG A 178 4.45 -11.85 -31.95
C ARG A 178 4.19 -10.48 -31.35
N TYR A 179 5.13 -9.95 -30.56
CA TYR A 179 4.94 -8.68 -29.88
C TYR A 179 5.71 -7.52 -30.53
N GLY A 180 6.86 -7.82 -31.15
CA GLY A 180 7.64 -6.74 -31.75
C GLY A 180 6.88 -5.97 -32.80
N ASP A 181 6.16 -6.68 -33.67
CA ASP A 181 5.42 -6.03 -34.75
C ASP A 181 4.32 -5.13 -34.20
N GLU A 182 3.60 -5.60 -33.18
CA GLU A 182 2.55 -4.79 -32.59
C GLU A 182 3.12 -3.53 -31.96
N ILE A 183 4.25 -3.65 -31.26
CA ILE A 183 4.87 -2.48 -30.65
C ILE A 183 5.27 -1.48 -31.73
N VAL A 184 5.89 -1.97 -32.81
CA VAL A 184 6.34 -1.08 -33.88
C VAL A 184 5.16 -0.36 -34.53
N ALA A 185 4.08 -1.11 -34.80
CA ALA A 185 2.92 -0.49 -35.43
C ALA A 185 2.30 0.58 -34.54
N LEU A 186 2.19 0.29 -33.24
CA LEU A 186 1.62 1.29 -32.33
C LEU A 186 2.48 2.54 -32.29
N ARG A 187 3.80 2.37 -32.22
CA ARG A 187 4.68 3.54 -32.21
C ARG A 187 4.54 4.37 -33.48
N ARG A 188 4.48 3.70 -34.63
CA ARG A 188 4.34 4.42 -35.90
C ARG A 188 3.04 5.22 -35.93
N ARG A 189 1.93 4.59 -35.54
CA ARG A 189 0.65 5.29 -35.56
C ARG A 189 0.66 6.50 -34.62
N PHE A 190 1.20 6.32 -33.42
CA PHE A 190 1.22 7.43 -32.47
C PHE A 190 2.07 8.59 -32.99
N LEU A 191 3.25 8.28 -33.54
CA LEU A 191 4.09 9.36 -34.05
C LEU A 191 3.43 10.09 -35.22
N ARG A 192 2.76 9.33 -36.09
CA ARG A 192 2.07 9.96 -37.21
C ARG A 192 0.97 10.90 -36.72
N ARG A 193 0.24 10.49 -35.68
CA ARG A 193 -0.80 11.37 -35.15
C ARG A 193 -0.23 12.53 -34.35
N PHE A 194 0.99 12.41 -33.83
CA PHE A 194 1.52 13.37 -32.88
C PHE A 194 2.35 14.48 -33.52
N ALA A 195 3.05 14.21 -34.62
CA ALA A 195 4.01 15.19 -35.14
C ALA A 195 3.40 16.53 -35.54
N PRO A 196 2.33 16.60 -36.34
CA PRO A 196 1.86 17.92 -36.81
C PRO A 196 1.44 18.86 -35.69
N ILE A 197 0.86 18.34 -34.61
CA ILE A 197 0.47 19.18 -33.48
C ILE A 197 1.71 19.84 -32.89
N LEU A 198 2.78 19.08 -32.70
CA LEU A 198 4.02 19.63 -32.17
C LEU A 198 4.57 20.69 -33.11
N ARG A 199 4.55 20.43 -34.42
CA ARG A 199 5.07 21.41 -35.37
CA ARG A 199 5.07 21.41 -35.37
C ARG A 199 4.30 22.72 -35.30
N GLU A 200 2.96 22.64 -35.29
CA GLU A 200 2.18 23.87 -35.29
C GLU A 200 2.22 24.58 -33.94
N VAL A 201 2.47 23.85 -32.85
CA VAL A 201 2.64 24.50 -31.56
C VAL A 201 3.96 25.25 -31.51
N HIS A 202 5.05 24.60 -31.96
CA HIS A 202 6.35 25.25 -31.93
C HIS A 202 6.44 26.39 -32.93
N ALA A 203 5.61 26.38 -33.98
CA ALA A 203 5.65 27.48 -34.95
C ALA A 203 5.19 28.80 -34.37
N ALA A 204 4.53 28.79 -33.21
CA ALA A 204 4.03 30.01 -32.59
C ALA A 204 4.91 30.51 -31.45
N LEU A 205 6.05 29.87 -31.21
CA LEU A 205 6.96 30.29 -30.15
C LEU A 205 8.33 30.73 -30.66
N ALA A 206 8.68 30.36 -31.89
CA ALA A 206 9.98 30.73 -32.46
C ALA A 206 9.87 30.89 -33.96
N ALA A 207 11.00 30.91 -34.65
CA ALA A 207 11.00 31.10 -36.10
C ALA A 207 11.50 29.89 -36.87
N LYS A 208 12.29 29.02 -36.25
CA LYS A 208 12.90 27.91 -36.97
C LYS A 208 11.91 26.75 -37.09
N GLU A 209 12.40 25.65 -37.66
CA GLU A 209 11.61 24.46 -37.94
C GLU A 209 11.94 23.36 -36.93
N ALA A 210 10.93 22.57 -36.59
CA ALA A 210 11.07 21.47 -35.64
C ALA A 210 10.43 20.22 -36.22
N GLY A 211 10.94 19.06 -35.79
CA GLY A 211 10.44 17.80 -36.28
C GLY A 211 10.91 16.65 -35.44
N LEU A 212 10.55 15.44 -35.87
CA LEU A 212 10.89 14.21 -35.17
C LEU A 212 11.39 13.18 -36.17
N ARG A 213 12.11 12.19 -35.66
CA ARG A 213 12.65 11.13 -36.50
C ARG A 213 12.85 9.88 -35.65
N LEU A 214 12.46 8.73 -36.19
CA LEU A 214 12.56 7.45 -35.50
C LEU A 214 13.07 6.41 -36.49
N GLU A 215 14.31 5.97 -36.31
CA GLU A 215 14.90 4.96 -37.17
C GLU A 215 14.78 3.59 -36.53
N GLU A 216 14.41 2.60 -37.33
CA GLU A 216 14.10 1.26 -36.86
C GLU A 216 15.13 0.26 -37.37
N THR A 217 15.57 -0.62 -36.48
CA THR A 217 16.45 -1.71 -36.89
C THR A 217 15.70 -2.82 -37.61
N ALA A 218 14.44 -3.06 -37.25
CA ALA A 218 13.62 -4.10 -37.84
C ALA A 218 12.35 -3.45 -38.39
N GLY A 219 12.40 -3.01 -39.65
CA GLY A 219 11.26 -2.40 -40.27
C GLY A 219 10.38 -3.40 -40.99
N GLU A 220 10.99 -4.29 -41.76
CA GLU A 220 10.23 -5.27 -42.53
C GLU A 220 9.63 -6.35 -41.63
N GLY A 221 10.31 -6.71 -40.54
CA GLY A 221 9.83 -7.76 -39.67
C GLY A 221 10.90 -8.31 -38.76
N VAL A 222 10.52 -8.74 -37.56
CA VAL A 222 11.51 -9.20 -36.59
C VAL A 222 12.13 -10.52 -37.04
N LEU A 223 11.32 -11.42 -37.61
CA LEU A 223 11.83 -12.72 -38.01
C LEU A 223 12.89 -12.61 -39.11
N ARG A 224 12.61 -11.79 -40.12
CA ARG A 224 13.55 -11.64 -41.23
C ARG A 224 14.87 -11.04 -40.76
N ALA A 225 14.80 -10.04 -39.89
CA ALA A 225 16.03 -9.44 -39.37
C ALA A 225 16.77 -10.39 -38.44
N LEU A 226 16.04 -11.24 -37.71
CA LEU A 226 16.69 -12.20 -36.82
C LEU A 226 17.43 -13.27 -37.61
N GLU A 227 16.80 -13.79 -38.67
CA GLU A 227 17.44 -14.82 -39.48
C GLU A 227 18.60 -14.29 -40.31
N ALA A 228 18.74 -12.97 -40.43
CA ALA A 228 19.79 -12.37 -41.25
C ALA A 228 21.01 -11.95 -40.44
N SER A 229 21.04 -12.22 -39.14
CA SER A 229 22.16 -11.84 -38.29
C SER A 229 22.52 -12.97 -37.32
N ARG A 230 22.47 -14.21 -37.80
CA ARG A 230 22.76 -15.34 -36.94
C ARG A 230 24.22 -15.37 -36.50
N ALA A 231 25.14 -15.05 -37.41
CA ALA A 231 26.57 -15.10 -37.07
C ALA A 231 26.92 -14.07 -36.00
N GLU A 232 26.39 -12.86 -36.11
CA GLU A 232 26.67 -11.84 -35.12
C GLU A 232 26.12 -12.23 -33.75
N GLU A 233 24.92 -12.82 -33.72
CA GLU A 233 24.36 -13.28 -32.45
C GLU A 233 25.21 -14.39 -31.85
N ARG A 234 25.68 -15.32 -32.69
CA ARG A 234 26.52 -16.40 -32.18
C ARG A 234 27.82 -15.87 -31.62
N GLU A 235 28.43 -14.89 -32.30
CA GLU A 235 29.70 -14.33 -31.82
C GLU A 235 29.51 -13.54 -30.54
N ARG A 236 28.51 -12.65 -30.50
CA ARG A 236 28.31 -11.79 -29.34
C ARG A 236 27.62 -12.52 -28.20
N GLY A 237 26.57 -13.27 -28.50
CA GLY A 237 25.79 -13.94 -27.48
C GLY A 237 24.57 -13.20 -27.01
N GLN A 238 24.16 -12.14 -27.70
CA GLN A 238 23.00 -11.35 -27.31
C GLN A 238 22.16 -11.03 -28.54
N THR A 239 20.87 -10.80 -28.33
CA THR A 239 20.01 -10.34 -29.41
C THR A 239 20.40 -8.92 -29.80
N LEU A 240 20.42 -8.66 -31.11
CA LEU A 240 20.88 -7.39 -31.64
C LEU A 240 19.83 -6.65 -32.45
N VAL A 241 18.60 -7.17 -32.50
CA VAL A 241 17.54 -6.57 -33.30
C VAL A 241 16.25 -6.56 -32.49
N GLY A 242 15.52 -5.46 -32.56
CA GLY A 242 14.23 -5.38 -31.93
C GLY A 242 13.83 -3.96 -31.58
N PRO A 243 12.61 -3.78 -31.08
CA PRO A 243 12.17 -2.45 -30.64
C PRO A 243 12.98 -1.90 -29.49
N HIS A 244 13.69 -2.73 -28.74
CA HIS A 244 14.49 -2.28 -27.61
C HIS A 244 15.82 -1.67 -28.03
N ARG A 245 15.97 -1.33 -29.32
CA ARG A 245 17.18 -0.66 -29.79
C ARG A 245 16.86 0.48 -30.77
N ASP A 246 15.67 1.05 -30.70
CA ASP A 246 15.31 2.15 -31.58
C ASP A 246 15.98 3.45 -31.12
N ASP A 247 15.98 4.44 -32.00
CA ASP A 247 16.61 5.72 -31.74
C ASP A 247 15.64 6.84 -32.10
N LEU A 248 15.46 7.79 -31.17
CA LEU A 248 14.60 8.94 -31.38
C LEU A 248 15.45 10.21 -31.33
N VAL A 249 15.30 11.07 -32.33
CA VAL A 249 16.10 12.27 -32.47
C VAL A 249 15.17 13.46 -32.70
N PHE A 250 15.45 14.57 -32.03
CA PHE A 250 14.76 15.82 -32.24
C PHE A 250 15.57 16.70 -33.18
N LEU A 251 14.90 17.35 -34.12
CA LEU A 251 15.57 18.09 -35.19
C LEU A 251 15.23 19.56 -35.10
N LEU A 252 16.26 20.40 -35.19
CA LEU A 252 16.10 21.85 -35.37
C LEU A 252 16.75 22.22 -36.70
N GLU A 253 15.91 22.64 -37.66
CA GLU A 253 16.37 22.96 -39.01
C GLU A 253 17.10 21.78 -39.65
N GLY A 254 16.60 20.57 -39.38
CA GLY A 254 17.16 19.39 -40.00
C GLY A 254 18.46 18.89 -39.41
N ARG A 255 18.79 19.28 -38.18
CA ARG A 255 20.00 18.83 -37.52
C ARG A 255 19.68 18.34 -36.12
N PRO A 256 20.44 17.38 -35.60
CA PRO A 256 20.17 16.86 -34.26
C PRO A 256 20.25 17.96 -33.21
N ALA A 257 19.36 17.88 -32.22
CA ALA A 257 19.24 18.92 -31.21
C ALA A 257 20.14 18.71 -30.00
N HIS A 258 20.80 17.57 -29.88
CA HIS A 258 21.70 17.33 -28.77
C HIS A 258 23.14 17.66 -29.10
N ARG A 259 23.41 18.21 -30.28
CA ARG A 259 24.75 18.64 -30.66
C ARG A 259 24.82 20.05 -31.23
N PHE A 260 23.72 20.62 -31.71
CA PHE A 260 23.71 21.92 -32.36
C PHE A 260 22.59 22.79 -31.81
N ALA A 261 22.44 22.85 -30.49
CA ALA A 261 21.38 23.64 -29.88
C ALA A 261 21.89 24.35 -28.64
N SER A 262 21.37 25.54 -28.41
CA SER A 262 21.69 26.34 -27.23
C SER A 262 20.62 26.13 -26.15
N ARG A 263 20.80 26.80 -25.01
CA ARG A 263 19.89 26.61 -23.90
C ARG A 263 18.48 27.11 -24.22
N GLY A 264 18.37 28.28 -24.85
CA GLY A 264 17.07 28.85 -25.12
C GLY A 264 16.25 27.99 -26.07
N GLU A 265 16.87 27.53 -27.15
CA GLU A 265 16.17 26.70 -28.12
C GLU A 265 15.74 25.36 -27.50
N ALA A 266 16.60 24.76 -26.70
CA ALA A 266 16.24 23.50 -26.05
C ALA A 266 15.08 23.69 -25.07
N LYS A 267 15.11 24.79 -24.31
CA LYS A 267 14.01 25.07 -23.38
C LYS A 267 12.71 25.29 -24.15
N THR A 268 12.77 26.01 -25.26
CA THR A 268 11.59 26.22 -26.09
C THR A 268 11.05 24.89 -26.63
N LEU A 269 11.96 24.00 -27.05
CA LEU A 269 11.52 22.68 -27.53
C LEU A 269 10.83 21.89 -26.43
N ALA A 270 11.39 21.90 -25.21
CA ALA A 270 10.77 21.18 -24.11
C ALA A 270 9.38 21.74 -23.81
N LEU A 271 9.26 23.07 -23.77
CA LEU A 271 7.95 23.68 -23.53
C LEU A 271 6.96 23.32 -24.62
N ALA A 272 7.41 23.31 -25.88
CA ALA A 272 6.53 22.96 -26.99
C ALA A 272 6.06 21.51 -26.87
N LEU A 273 6.96 20.60 -26.50
CA LEU A 273 6.56 19.21 -26.31
C LEU A 273 5.51 19.09 -25.23
N ARG A 274 5.71 19.77 -24.09
CA ARG A 274 4.74 19.70 -23.01
C ARG A 274 3.40 20.27 -23.42
N LEU A 275 3.41 21.41 -24.14
CA LEU A 275 2.16 22.01 -24.56
C LEU A 275 1.42 21.12 -25.57
N ALA A 276 2.15 20.47 -26.48
CA ALA A 276 1.52 19.56 -27.41
C ALA A 276 0.89 18.38 -26.69
N GLU A 277 1.60 17.83 -25.69
CA GLU A 277 1.01 16.74 -24.90
C GLU A 277 -0.24 17.21 -24.18
N HIS A 278 -0.22 18.42 -23.63
CA HIS A 278 -1.39 18.98 -22.96
C HIS A 278 -2.58 19.08 -23.92
N ARG A 279 -2.33 19.60 -25.13
CA ARG A 279 -3.40 19.74 -26.10
C ARG A 279 -3.97 18.38 -26.51
N LEU A 280 -3.09 17.40 -26.75
CA LEU A 280 -3.56 16.08 -27.16
C LEU A 280 -4.37 15.42 -26.06
N LEU A 281 -3.90 15.52 -24.81
CA LEU A 281 -4.64 14.93 -23.69
C LEU A 281 -5.99 15.61 -23.51
N GLY A 282 -6.04 16.94 -23.65
CA GLY A 282 -7.31 17.64 -23.54
C GLY A 282 -8.28 17.23 -24.62
N GLU A 283 -7.79 17.02 -25.85
CA GLU A 283 -8.66 16.51 -26.89
C GLU A 283 -9.13 15.09 -26.58
N HIS A 284 -8.25 14.27 -26.02
CA HIS A 284 -8.60 12.88 -25.73
C HIS A 284 -9.70 12.79 -24.68
N HIS A 285 -9.53 13.47 -23.55
CA HIS A 285 -10.50 13.38 -22.46
C HIS A 285 -11.68 14.33 -22.61
N GLY A 286 -11.63 15.27 -23.55
CA GLY A 286 -12.70 16.23 -23.75
C GLY A 286 -12.56 17.52 -22.96
N GLU A 287 -12.01 17.42 -21.75
CA GLU A 287 -11.77 18.58 -20.89
C GLU A 287 -10.28 18.74 -20.67
N PRO A 288 -9.67 19.85 -21.09
CA PRO A 288 -8.23 19.99 -20.94
C PRO A 288 -7.83 20.03 -19.48
N PRO A 289 -6.67 19.48 -19.13
CA PRO A 289 -6.24 19.48 -17.73
C PRO A 289 -5.74 20.84 -17.26
N LEU A 290 -5.22 20.89 -16.04
CA LEU A 290 -4.66 22.12 -15.49
C LEU A 290 -3.16 22.18 -15.80
N LEU A 291 -2.69 23.38 -16.14
CA LEU A 291 -1.29 23.59 -16.53
C LEU A 291 -0.56 24.32 -15.43
N LEU A 292 0.59 23.77 -15.01
CA LEU A 292 1.43 24.37 -14.00
C LEU A 292 2.83 24.53 -14.57
N VAL A 293 3.32 25.77 -14.63
CA VAL A 293 4.64 26.06 -15.18
C VAL A 293 5.53 26.58 -14.07
N ASP A 294 6.74 26.05 -14.00
CA ASP A 294 7.73 26.46 -13.00
C ASP A 294 8.92 27.08 -13.71
N GLU A 295 9.32 28.27 -13.25
CA GLU A 295 10.42 29.04 -13.85
C GLU A 295 10.12 29.31 -15.33
N TRP A 296 9.04 30.06 -15.56
CA TRP A 296 8.52 30.23 -16.91
C TRP A 296 9.50 30.96 -17.83
N GLY A 297 10.14 32.01 -17.34
CA GLY A 297 10.91 32.87 -18.20
C GLY A 297 12.32 33.18 -17.73
N GLU A 298 13.01 32.18 -17.19
CA GLU A 298 14.32 32.43 -16.60
C GLU A 298 15.38 32.68 -17.66
N GLU A 299 15.65 31.68 -18.51
CA GLU A 299 16.75 31.74 -19.46
C GLU A 299 16.29 32.17 -20.85
N LEU A 300 15.31 33.08 -20.93
CA LEU A 300 14.79 33.54 -22.20
C LEU A 300 14.95 35.06 -22.30
N ASP A 301 14.99 35.54 -23.55
CA ASP A 301 15.11 36.96 -23.81
C ASP A 301 13.71 37.58 -23.85
N GLU A 302 13.63 38.85 -24.26
CA GLU A 302 12.37 39.58 -24.17
C GLU A 302 11.34 39.04 -25.16
N ALA A 303 11.74 38.81 -26.41
CA ALA A 303 10.79 38.38 -27.43
C ALA A 303 10.20 37.02 -27.09
N ARG A 304 11.02 36.08 -26.63
CA ARG A 304 10.51 34.75 -26.29
C ARG A 304 9.59 34.81 -25.08
N ARG A 305 9.91 35.65 -24.09
CA ARG A 305 9.01 35.79 -22.94
C ARG A 305 7.67 36.37 -23.38
N ARG A 306 7.69 37.38 -24.25
CA ARG A 306 6.45 37.96 -24.75
C ARG A 306 5.64 36.92 -25.51
N ALA A 307 6.30 36.10 -26.32
CA ALA A 307 5.59 35.05 -27.06
C ALA A 307 4.99 34.02 -26.11
N VAL A 308 5.71 33.67 -25.05
CA VAL A 308 5.22 32.69 -24.09
C VAL A 308 3.99 33.23 -23.37
N LEU A 309 4.03 34.49 -22.93
CA LEU A 309 2.89 35.06 -22.23
C LEU A 309 1.66 35.13 -23.11
N ALA A 310 1.84 35.40 -24.40
CA ALA A 310 0.68 35.49 -25.31
C ALA A 310 -0.04 34.16 -25.44
N TYR A 311 0.71 33.06 -25.53
CA TYR A 311 0.09 31.75 -25.74
C TYR A 311 -0.71 31.32 -24.52
N ALA A 312 -0.18 31.53 -23.31
CA ALA A 312 -0.83 31.05 -22.11
C ALA A 312 -2.07 31.86 -21.73
N GLN A 313 -2.30 33.00 -22.39
CA GLN A 313 -3.47 33.81 -22.08
C GLN A 313 -4.77 33.19 -22.57
N ALA A 314 -4.71 32.34 -23.60
CA ALA A 314 -5.90 31.76 -24.19
C ALA A 314 -6.29 30.43 -23.55
N LEU A 315 -5.56 29.97 -22.55
CA LEU A 315 -5.91 28.72 -21.88
C LEU A 315 -6.99 28.94 -20.84
N PRO A 316 -7.75 27.89 -20.50
CA PRO A 316 -8.78 28.02 -19.45
C PRO A 316 -8.22 28.46 -18.12
N GLN A 317 -7.24 27.74 -17.58
CA GLN A 317 -6.62 28.07 -16.32
C GLN A 317 -5.17 27.62 -16.31
N ALA A 318 -4.28 28.49 -15.83
CA ALA A 318 -2.87 28.17 -15.74
C ALA A 318 -2.25 28.97 -14.59
N ILE A 319 -1.14 28.45 -14.06
CA ILE A 319 -0.43 29.07 -12.95
C ILE A 319 1.05 29.12 -13.31
N LEU A 320 1.63 30.32 -13.28
CA LEU A 320 3.04 30.51 -13.55
C LEU A 320 3.77 30.95 -12.28
N ALA A 321 5.03 30.55 -12.17
CA ALA A 321 5.85 30.90 -11.02
C ALA A 321 7.21 31.37 -11.49
N GLY A 322 7.83 32.24 -10.70
CA GLY A 322 9.14 32.76 -11.05
C GLY A 322 9.58 33.83 -10.06
N LEU A 323 10.68 34.48 -10.40
CA LEU A 323 11.24 35.54 -9.56
C LEU A 323 10.77 36.93 -9.98
N GLU A 324 9.97 37.03 -11.04
CA GLU A 324 9.48 38.31 -11.51
C GLU A 324 7.99 38.19 -11.85
N ALA A 325 7.30 39.32 -11.80
CA ALA A 325 5.87 39.36 -12.04
C ALA A 325 5.60 39.74 -13.49
N PRO A 326 4.88 38.93 -14.26
CA PRO A 326 4.53 39.33 -15.62
C PRO A 326 3.64 40.55 -15.58
N PRO A 327 3.76 41.43 -16.58
CA PRO A 327 2.95 42.67 -16.57
C PRO A 327 1.51 42.39 -16.95
N GLY A 328 0.60 42.90 -16.13
CA GLY A 328 -0.83 42.84 -16.42
C GLY A 328 -1.56 41.60 -15.97
N VAL A 329 -1.00 40.84 -15.02
CA VAL A 329 -1.64 39.63 -14.54
C VAL A 329 -1.75 39.67 -13.02
N PRO A 330 -2.73 39.00 -12.41
CA PRO A 330 -2.79 38.95 -10.95
C PRO A 330 -1.54 38.31 -10.37
N VAL A 331 -1.09 38.85 -9.23
CA VAL A 331 0.17 38.45 -8.62
C VAL A 331 -0.07 38.10 -7.16
N CYS A 332 0.51 36.99 -6.72
CA CYS A 332 0.53 36.60 -5.32
C CYS A 332 1.99 36.42 -4.89
N SER A 333 2.24 36.65 -3.60
CA SER A 333 3.58 36.62 -3.05
C SER A 333 3.74 35.47 -2.06
N VAL A 334 4.94 34.90 -2.03
CA VAL A 334 5.28 33.81 -1.12
C VAL A 334 6.45 34.27 -0.27
N VAL A 335 6.30 34.20 1.05
CA VAL A 335 7.34 34.60 2.00
C VAL A 335 7.40 33.55 3.10
N ARG A 336 8.43 32.72 3.07
CA ARG A 336 8.71 31.72 4.10
C ARG A 336 7.57 30.72 4.28
N GLY A 337 6.76 30.51 3.26
CA GLY A 337 5.74 29.49 3.28
C GLY A 337 4.31 30.00 3.35
N VAL A 338 4.09 31.29 3.55
CA VAL A 338 2.74 31.85 3.62
C VAL A 338 2.43 32.55 2.30
N VAL A 339 1.23 32.32 1.78
CA VAL A 339 0.78 32.92 0.53
C VAL A 339 -0.26 33.96 0.88
N LEU A 340 0.04 35.22 0.60
CA LEU A 340 -0.89 36.33 0.84
C LEU A 340 -1.18 37.02 -0.48
N CYS A 341 -2.46 37.24 -0.75
CA CYS A 341 -2.90 37.86 -2.00
C CYS A 341 -3.42 39.25 -1.74
N PRO A 342 -2.70 40.31 -2.14
CA PRO A 342 -3.15 41.70 -1.96
C PRO A 342 -4.37 42.02 -2.82
N MET B 2 49.56 37.22 -15.24
CA MET B 2 49.08 36.49 -16.41
C MET B 2 47.90 37.22 -17.06
N ARG B 3 48.08 37.64 -18.30
CA ARG B 3 47.06 38.38 -19.04
C ARG B 3 46.92 37.81 -20.44
N LEU B 4 45.67 37.65 -20.88
CA LEU B 4 45.38 37.23 -22.25
C LEU B 4 45.30 38.48 -23.10
N LEU B 5 46.37 38.75 -23.86
CA LEU B 5 46.45 40.00 -24.61
C LEU B 5 45.58 39.99 -25.87
N LEU B 6 45.51 38.85 -26.57
CA LEU B 6 44.88 38.84 -27.88
C LEU B 6 44.43 37.42 -28.20
N PHE B 7 43.42 37.33 -29.07
CA PHE B 7 42.84 36.05 -29.45
C PHE B 7 42.23 36.17 -30.83
N ARG B 8 42.63 35.27 -31.73
CA ARG B 8 42.11 35.24 -33.10
C ARG B 8 41.63 33.83 -33.43
N GLN B 9 40.76 33.75 -34.42
CA GLN B 9 40.19 32.47 -34.83
C GLN B 9 39.81 32.54 -36.30
N ARG B 10 39.46 31.38 -36.86
CA ARG B 10 38.97 31.29 -38.22
C ARG B 10 38.22 29.97 -38.38
N ASN B 11 36.95 30.04 -38.78
CA ASN B 11 36.11 28.87 -39.02
C ASN B 11 35.99 28.01 -37.77
N PHE B 12 35.43 28.61 -36.72
CA PHE B 12 35.18 27.92 -35.45
C PHE B 12 33.74 28.18 -35.05
N ARG B 13 32.89 27.15 -35.16
CA ARG B 13 31.46 27.25 -34.87
C ARG B 13 30.89 28.38 -35.73
N ASN B 14 30.08 29.28 -35.18
CA ASN B 14 29.48 30.36 -35.95
C ASN B 14 30.20 31.68 -35.76
N LEU B 15 31.37 31.67 -35.11
CA LEU B 15 32.12 32.91 -34.90
C LEU B 15 32.59 33.48 -36.22
N ALA B 16 32.45 34.80 -36.37
CA ALA B 16 32.85 35.50 -37.59
C ALA B 16 33.58 36.79 -37.25
N LEU B 17 34.46 36.74 -36.26
CA LEU B 17 35.23 37.90 -35.86
C LEU B 17 36.66 37.79 -36.37
N GLU B 18 37.44 38.84 -36.11
CA GLU B 18 38.84 38.89 -36.49
C GLU B 18 39.79 38.92 -35.30
N ALA B 19 39.50 39.73 -34.28
CA ALA B 19 40.33 39.81 -33.10
C ALA B 19 39.48 40.23 -31.92
N TYR B 20 39.94 39.87 -30.72
CA TYR B 20 39.27 40.22 -29.48
C TYR B 20 40.33 40.52 -28.44
N ARG B 21 40.26 41.71 -27.83
CA ARG B 21 41.27 42.18 -26.89
C ARG B 21 40.61 42.52 -25.56
N PRO B 22 40.51 41.56 -24.64
CA PRO B 22 39.89 41.85 -23.35
C PRO B 22 40.76 42.79 -22.54
N PRO B 23 40.15 43.64 -21.71
CA PRO B 23 40.93 44.54 -20.86
C PRO B 23 41.25 43.88 -19.53
N PRO B 24 42.26 44.38 -18.81
CA PRO B 24 42.54 43.83 -17.48
C PRO B 24 41.41 44.10 -16.51
N GLY B 25 41.27 43.21 -15.53
CA GLY B 25 40.20 43.31 -14.57
C GLY B 25 38.90 42.70 -15.06
N LEU B 26 37.83 43.01 -14.34
CA LEU B 26 36.53 42.43 -14.64
C LEU B 26 36.00 42.97 -15.97
N SER B 27 35.32 42.10 -16.72
CA SER B 27 34.71 42.46 -17.98
C SER B 27 33.36 41.74 -18.09
N ALA B 28 32.63 42.05 -19.16
CA ALA B 28 31.29 41.51 -19.34
C ALA B 28 30.99 41.27 -20.80
N LEU B 29 29.99 40.43 -21.05
CA LEU B 29 29.50 40.14 -22.39
C LEU B 29 27.98 40.11 -22.35
N VAL B 30 27.35 40.71 -23.35
CA VAL B 30 25.89 40.83 -23.40
C VAL B 30 25.41 40.41 -24.79
N GLY B 31 24.40 39.54 -24.81
CA GLY B 31 23.81 39.12 -26.08
C GLY B 31 22.49 38.43 -25.82
N ALA B 32 21.76 38.23 -26.92
CA ALA B 32 20.47 37.56 -26.88
C ALA B 32 20.67 36.05 -27.07
N ASN B 33 19.58 35.33 -27.31
CA ASN B 33 19.67 33.89 -27.54
C ASN B 33 20.29 33.60 -28.90
N ALA B 34 21.15 32.59 -28.95
CA ALA B 34 21.79 32.12 -30.17
C ALA B 34 22.57 33.25 -30.86
N GLN B 35 23.59 33.74 -30.17
CA GLN B 35 24.42 34.81 -30.71
C GLN B 35 25.89 34.42 -30.72
N GLY B 36 26.33 33.63 -29.75
CA GLY B 36 27.69 33.12 -29.77
C GLY B 36 28.53 33.44 -28.56
N LYS B 37 27.89 33.68 -27.42
CA LYS B 37 28.65 33.87 -26.18
C LYS B 37 29.32 32.56 -25.75
N THR B 38 28.55 31.47 -25.74
CA THR B 38 29.09 30.17 -25.36
C THR B 38 30.18 29.73 -26.31
N SER B 39 30.01 29.96 -27.61
CA SER B 39 31.05 29.59 -28.56
C SER B 39 32.34 30.36 -28.31
N LEU B 40 32.24 31.66 -28.04
CA LEU B 40 33.44 32.46 -27.76
C LEU B 40 34.14 31.97 -26.50
N LEU B 41 33.37 31.71 -25.44
CA LEU B 41 33.98 31.24 -24.20
C LEU B 41 34.63 29.87 -24.39
N LEU B 42 33.96 28.99 -25.14
CA LEU B 42 34.51 27.66 -25.39
C LEU B 42 35.79 27.74 -26.20
N GLY B 43 35.82 28.62 -27.21
CA GLY B 43 37.04 28.81 -27.99
C GLY B 43 38.19 29.34 -27.15
N ILE B 44 37.90 30.30 -26.27
CA ILE B 44 38.95 30.83 -25.39
C ILE B 44 39.46 29.73 -24.47
N HIS B 45 38.55 28.89 -23.95
CA HIS B 45 38.97 27.79 -23.09
C HIS B 45 39.85 26.80 -23.85
N LEU B 46 39.46 26.44 -25.08
CA LEU B 46 40.24 25.49 -25.86
C LEU B 46 41.61 26.04 -26.22
N ALA B 47 41.69 27.33 -26.55
CA ALA B 47 42.95 27.90 -27.02
C ALA B 47 44.04 27.81 -25.97
N LEU B 48 43.68 27.82 -24.69
CA LEU B 48 44.65 27.75 -23.61
C LEU B 48 44.95 26.33 -23.17
N GLY B 49 44.37 25.33 -23.82
CA GLY B 49 44.65 23.95 -23.49
C GLY B 49 43.72 23.37 -22.44
N GLY B 50 42.42 23.51 -22.65
CA GLY B 50 41.41 23.00 -21.76
C GLY B 50 40.86 21.66 -22.23
N GLU B 51 39.65 21.35 -21.76
CA GLU B 51 38.97 20.11 -22.11
C GLU B 51 37.53 20.41 -22.47
N VAL B 52 37.01 19.67 -23.44
CA VAL B 52 35.62 19.85 -23.87
C VAL B 52 34.95 18.49 -24.06
N LEU B 54 31.68 18.36 -26.37
CA LEU B 54 31.42 18.37 -27.81
C LEU B 54 32.45 17.54 -28.56
N GLY B 55 32.00 16.85 -29.60
CA GLY B 55 32.91 16.03 -30.38
C GLY B 55 33.93 16.88 -31.11
N LEU B 56 35.13 16.32 -31.29
CA LEU B 56 36.21 17.06 -31.93
C LEU B 56 35.89 17.39 -33.39
N ALA B 57 35.02 16.61 -34.02
CA ALA B 57 34.62 16.84 -35.39
C ALA B 57 33.41 17.76 -35.52
N ASP B 58 32.79 18.13 -34.40
CA ASP B 58 31.61 18.99 -34.41
C ASP B 58 31.95 20.46 -34.18
N LEU B 59 33.22 20.79 -33.98
CA LEU B 59 33.63 22.16 -33.70
C LEU B 59 34.00 22.94 -34.95
N VAL B 60 33.84 22.34 -36.12
CA VAL B 60 34.17 23.00 -37.39
C VAL B 60 32.90 23.59 -37.98
N ARG B 61 33.04 24.75 -38.62
CA ARG B 61 31.90 25.41 -39.25
C ARG B 61 31.25 24.50 -40.28
N PHE B 62 29.98 24.74 -40.55
CA PHE B 62 29.23 23.92 -41.48
C PHE B 62 29.83 24.00 -42.88
N GLY B 63 30.00 22.86 -43.53
CA GLY B 63 30.54 22.81 -44.87
C GLY B 63 31.98 23.28 -45.00
N GLU B 64 32.81 23.00 -43.98
CA GLU B 64 34.24 23.31 -44.03
C GLU B 64 35.00 22.14 -43.43
N GLU B 65 36.32 22.21 -43.48
CA GLU B 65 37.16 21.11 -43.03
C GLU B 65 38.34 21.53 -42.17
N GLU B 66 38.67 22.82 -42.07
CA GLU B 66 39.83 23.28 -41.34
C GLU B 66 39.44 24.40 -40.40
N ALA B 67 39.94 24.33 -39.16
CA ALA B 67 39.69 25.33 -38.14
C ALA B 67 41.01 25.80 -37.57
N TRP B 68 41.08 27.09 -37.24
CA TRP B 68 42.31 27.71 -36.75
C TRP B 68 42.01 28.53 -35.50
N LEU B 69 42.82 28.34 -34.47
CA LEU B 69 42.73 29.12 -33.24
C LEU B 69 44.12 29.61 -32.87
N HIS B 70 44.19 30.86 -32.39
CA HIS B 70 45.47 31.47 -32.05
C HIS B 70 45.29 32.38 -30.85
N ALA B 71 46.16 32.23 -29.86
CA ALA B 71 46.11 33.03 -28.65
C ALA B 71 47.51 33.52 -28.28
N GLU B 72 47.55 34.71 -27.69
CA GLU B 72 48.80 35.32 -27.26
C GLU B 72 48.68 35.73 -25.80
N VAL B 73 49.46 35.11 -24.93
CA VAL B 73 49.44 35.37 -23.50
C VAL B 73 50.82 35.84 -23.06
N GLU B 74 50.85 36.84 -22.20
CA GLU B 74 52.09 37.42 -21.67
C GLU B 74 52.10 37.22 -20.17
N THR B 75 52.67 36.11 -19.73
CA THR B 75 52.73 35.79 -18.30
C THR B 75 53.81 36.67 -17.64
N GLU B 76 54.05 36.42 -16.36
CA GLU B 76 54.98 37.26 -15.61
C GLU B 76 56.40 37.16 -16.17
N LEU B 77 56.84 35.94 -16.51
CA LEU B 77 58.22 35.76 -16.95
C LEU B 77 58.43 36.20 -18.39
N GLY B 78 57.46 35.96 -19.27
CA GLY B 78 57.62 36.32 -20.67
C GLY B 78 56.51 35.81 -21.56
N ALA B 79 56.21 36.56 -22.62
CA ALA B 79 55.11 36.21 -23.51
C ALA B 79 55.48 35.01 -24.39
N TYR B 80 54.43 34.32 -24.86
CA TYR B 80 54.58 33.23 -25.80
C TYR B 80 53.26 33.02 -26.51
N ARG B 81 53.31 32.32 -27.64
CA ARG B 81 52.17 32.16 -28.52
C ARG B 81 51.75 30.70 -28.60
N LEU B 82 50.51 30.47 -29.02
CA LEU B 82 49.96 29.14 -29.20
C LEU B 82 49.09 29.12 -30.43
N GLU B 83 49.00 27.94 -31.07
CA GLU B 83 48.14 27.74 -32.23
C GLU B 83 47.54 26.36 -32.18
N HIS B 84 46.36 26.21 -32.77
CA HIS B 84 45.67 24.95 -32.86
C HIS B 84 45.12 24.75 -34.26
N ARG B 85 45.27 23.55 -34.80
CA ARG B 85 44.70 23.18 -36.09
C ARG B 85 43.76 22.00 -35.87
N LEU B 86 42.51 22.14 -36.33
CA LEU B 86 41.51 21.11 -36.17
C LEU B 86 40.97 20.70 -37.54
N GLY B 87 40.66 19.41 -37.68
CA GLY B 87 40.14 18.90 -38.93
C GLY B 87 39.93 17.40 -38.88
N PRO B 88 40.08 16.74 -40.04
CA PRO B 88 39.90 15.28 -40.05
C PRO B 88 41.08 14.55 -39.44
N GLY B 89 42.30 15.04 -39.66
CA GLY B 89 43.47 14.35 -39.12
C GLY B 89 43.53 14.38 -37.60
N GLY B 90 43.22 15.52 -37.01
CA GLY B 90 43.27 15.66 -35.57
C GLY B 90 43.94 16.95 -35.12
N ARG B 91 44.06 17.13 -33.81
CA ARG B 91 44.65 18.35 -33.28
C ARG B 91 46.14 18.40 -33.56
N GLU B 92 46.64 19.60 -33.87
CA GLU B 92 48.06 19.86 -34.11
C GLU B 92 48.46 21.06 -33.26
N VAL B 93 48.86 20.80 -32.03
CA VAL B 93 49.23 21.84 -31.09
C VAL B 93 50.72 22.13 -31.23
N LEU B 94 51.06 23.39 -31.51
CA LEU B 94 52.44 23.82 -31.59
C LEU B 94 52.64 25.02 -30.67
N LEU B 95 53.71 24.97 -29.87
CA LEU B 95 54.01 26.01 -28.88
C LEU B 95 55.11 26.90 -29.43
N ASN B 96 54.76 28.14 -29.78
CA ASN B 96 55.71 29.14 -30.23
C ASN B 96 56.50 28.67 -31.45
N GLY B 97 55.82 27.94 -32.34
CA GLY B 97 56.40 27.50 -33.59
C GLY B 97 56.86 26.05 -33.61
N LYS B 98 57.01 25.43 -32.46
CA LYS B 98 57.50 24.05 -32.37
C LYS B 98 56.35 23.13 -31.95
N ARG B 99 56.16 22.06 -32.71
CA ARG B 99 55.10 21.10 -32.40
C ARG B 99 55.39 20.42 -31.07
N VAL B 100 54.34 20.22 -30.28
CA VAL B 100 54.48 19.63 -28.95
C VAL B 100 53.15 19.00 -28.54
N SER B 101 53.20 18.07 -27.59
CA SER B 101 52.02 17.35 -27.13
C SER B 101 51.27 18.15 -26.07
N LEU B 102 50.06 17.68 -25.75
CA LEU B 102 49.21 18.38 -24.80
C LEU B 102 49.74 18.24 -23.37
N ARG B 103 50.44 17.14 -23.09
CA ARG B 103 50.97 16.89 -21.76
C ARG B 103 51.92 18.01 -21.33
N THR B 104 52.60 18.63 -22.31
CA THR B 104 53.42 19.80 -22.00
C THR B 104 52.55 20.97 -21.57
N LEU B 105 51.43 21.18 -22.26
CA LEU B 105 50.52 22.27 -21.90
C LEU B 105 49.87 22.02 -20.54
N TRP B 106 49.84 20.75 -20.10
CA TRP B 106 49.28 20.41 -18.80
C TRP B 106 50.00 21.15 -17.68
N GLU B 107 51.28 21.46 -17.89
CA GLU B 107 52.06 22.14 -16.86
C GLU B 107 51.65 23.61 -16.72
N LEU B 108 51.22 24.23 -17.82
CA LEU B 108 50.89 25.64 -17.80
C LEU B 108 49.63 25.88 -16.97
N PRO B 109 49.45 27.10 -16.46
CA PRO B 109 48.28 27.38 -15.60
C PRO B 109 46.95 27.08 -16.27
N GLY B 110 46.68 27.72 -17.42
CA GLY B 110 45.44 27.48 -18.13
C GLY B 110 44.31 28.37 -17.69
N SER B 111 43.10 27.80 -17.60
CA SER B 111 41.92 28.58 -17.24
C SER B 111 40.89 27.66 -16.61
N VAL B 112 39.91 28.27 -15.95
CA VAL B 112 38.82 27.58 -15.29
C VAL B 112 37.51 28.06 -15.91
N LEU B 113 36.66 27.13 -16.31
CA LEU B 113 35.38 27.44 -16.95
C LEU B 113 34.24 26.96 -16.07
N VAL B 114 33.29 27.84 -15.80
CA VAL B 114 32.10 27.54 -15.02
C VAL B 114 30.91 27.51 -15.96
N SER B 115 30.21 26.38 -16.00
CA SER B 115 29.13 26.15 -16.95
C SER B 115 27.96 25.54 -16.20
N PRO B 116 26.75 25.58 -16.78
CA PRO B 116 25.60 24.94 -16.12
C PRO B 116 25.73 23.43 -15.98
N LEU B 117 26.83 22.87 -16.49
CA LEU B 117 27.08 21.45 -16.39
C LEU B 117 27.64 21.03 -15.03
N ASP B 118 27.95 22.00 -14.16
CA ASP B 118 28.51 21.69 -12.85
C ASP B 118 27.46 21.34 -11.81
N LEU B 119 26.17 21.60 -12.09
CA LEU B 119 25.13 21.25 -11.13
C LEU B 119 24.99 19.75 -10.98
N GLU B 120 25.20 18.98 -12.05
CA GLU B 120 25.05 17.54 -11.99
C GLU B 120 26.07 16.89 -11.05
N ALA B 121 27.17 17.58 -10.74
CA ALA B 121 28.09 17.07 -9.74
C ALA B 121 27.53 17.19 -8.32
N VAL B 122 26.41 17.89 -8.14
CA VAL B 122 25.80 18.08 -6.84
C VAL B 122 24.47 17.35 -6.73
N LEU B 123 23.64 17.41 -7.77
CA LEU B 123 22.33 16.78 -7.76
C LEU B 123 22.30 15.45 -8.50
N GLY B 124 23.47 14.88 -8.83
CA GLY B 124 23.53 13.66 -9.58
C GLY B 124 23.67 12.43 -8.71
N PRO B 125 23.75 11.26 -9.35
CA PRO B 125 23.90 10.01 -8.60
C PRO B 125 25.27 9.85 -7.96
N LYS B 126 25.48 8.71 -7.31
CA LYS B 126 26.75 8.46 -6.62
C LYS B 126 27.92 8.40 -7.60
N GLU B 127 27.71 7.77 -8.76
CA GLU B 127 28.79 7.58 -9.72
C GLU B 127 29.33 8.92 -10.21
N GLU B 128 28.43 9.87 -10.51
CA GLU B 128 28.87 11.17 -11.01
C GLU B 128 29.69 11.92 -9.97
N ARG B 129 29.25 11.88 -8.71
CA ARG B 129 30.01 12.55 -7.65
C ARG B 129 31.38 11.92 -7.47
N ARG B 130 31.45 10.58 -7.48
CA ARG B 130 32.73 9.91 -7.34
C ARG B 130 33.67 10.26 -8.50
N ALA B 131 33.14 10.29 -9.73
CA ALA B 131 33.96 10.63 -10.88
C ALA B 131 34.45 12.07 -10.81
N TYR B 132 33.58 12.98 -10.35
CA TYR B 132 33.97 14.38 -10.20
C TYR B 132 35.11 14.51 -9.20
N LEU B 133 34.99 13.84 -8.06
CA LEU B 133 36.06 13.89 -7.07
C LEU B 133 37.35 13.29 -7.63
N ASP B 134 37.24 12.19 -8.36
CA ASP B 134 38.43 11.55 -8.94
C ASP B 134 39.15 12.51 -9.88
N ARG B 135 38.41 13.13 -10.79
CA ARG B 135 39.06 14.03 -11.74
C ARG B 135 39.59 15.28 -11.07
N LEU B 136 38.89 15.78 -10.05
CA LEU B 136 39.39 16.97 -9.34
C LEU B 136 40.70 16.67 -8.64
N ILE B 137 40.82 15.50 -8.01
CA ILE B 137 42.09 15.13 -7.40
C ILE B 137 43.16 14.90 -8.46
N ALA B 138 42.79 14.28 -9.57
CA ALA B 138 43.75 13.99 -10.63
C ALA B 138 44.31 15.26 -11.24
N ARG B 139 43.55 16.35 -11.25
CA ARG B 139 44.05 17.59 -11.84
C ARG B 139 45.24 18.16 -11.08
N PHE B 140 45.46 17.76 -9.84
CA PHE B 140 46.55 18.31 -9.04
C PHE B 140 47.78 17.41 -8.97
N SER B 141 47.64 16.10 -9.17
CA SER B 141 48.73 15.16 -9.01
C SER B 141 48.77 14.21 -10.20
N ARG B 142 49.95 13.61 -10.40
CA ARG B 142 50.15 12.67 -11.50
C ARG B 142 50.17 11.22 -11.05
N ARG B 143 50.50 10.95 -9.79
CA ARG B 143 50.52 9.58 -9.29
C ARG B 143 49.11 8.99 -9.22
N TYR B 144 48.10 9.85 -9.03
CA TYR B 144 46.74 9.37 -8.81
C TYR B 144 46.22 8.61 -10.03
N ALA B 145 46.49 9.11 -11.23
CA ALA B 145 46.00 8.43 -12.43
C ALA B 145 46.61 7.05 -12.58
N ALA B 146 47.93 6.94 -12.37
CA ALA B 146 48.59 5.64 -12.47
C ALA B 146 48.07 4.67 -11.42
N LEU B 147 47.89 5.15 -10.19
CA LEU B 147 47.33 4.29 -9.14
C LEU B 147 45.94 3.82 -9.50
N LEU B 148 45.10 4.72 -10.04
CA LEU B 148 43.74 4.34 -10.40
C LEU B 148 43.73 3.31 -11.52
N SER B 149 44.59 3.50 -12.54
CA SER B 149 44.63 2.54 -13.64
C SER B 149 45.09 1.17 -13.17
N ALA B 150 46.14 1.14 -12.33
CA ALA B 150 46.64 -0.14 -11.83
C ALA B 150 45.60 -0.83 -10.97
N TYR B 151 44.91 -0.07 -10.11
CA TYR B 151 43.87 -0.67 -9.27
C TYR B 151 42.73 -1.22 -10.12
N GLU B 152 42.34 -0.49 -11.16
CA GLU B 152 41.26 -0.95 -12.03
C GLU B 152 41.63 -2.25 -12.72
N LYS B 153 42.85 -2.32 -13.25
CA LYS B 153 43.29 -3.55 -13.92
C LYS B 153 43.35 -4.72 -12.95
N ALA B 154 43.89 -4.49 -11.76
CA ALA B 154 43.97 -5.57 -10.77
C ALA B 154 42.60 -6.06 -10.36
N LEU B 155 41.66 -5.14 -10.14
CA LEU B 155 40.31 -5.54 -9.76
C LEU B 155 39.64 -6.30 -10.89
N ARG B 156 39.85 -5.87 -12.13
CA ARG B 156 39.28 -6.60 -13.27
C ARG B 156 39.82 -8.03 -13.33
N GLN B 157 41.14 -8.19 -13.17
CA GLN B 157 41.72 -9.52 -13.20
C GLN B 157 41.17 -10.40 -12.07
N ARG B 158 41.08 -9.84 -10.86
CA ARG B 158 40.59 -10.62 -9.73
C ARG B 158 39.14 -11.03 -9.91
N ASN B 159 38.30 -10.11 -10.37
CA ASN B 159 36.90 -10.45 -10.60
C ASN B 159 36.75 -11.48 -11.70
N ALA B 160 37.53 -11.36 -12.77
CA ALA B 160 37.46 -12.34 -13.85
C ALA B 160 37.86 -13.72 -13.37
N LEU B 161 38.92 -13.79 -12.56
CA LEU B 161 39.35 -15.09 -12.03
C LEU B 161 38.30 -15.66 -11.09
N LEU B 162 37.71 -14.83 -10.22
CA LEU B 162 36.77 -15.33 -9.23
C LEU B 162 35.46 -15.79 -9.88
N LYS B 163 35.00 -15.09 -10.91
CA LYS B 163 33.70 -15.41 -11.50
C LYS B 163 33.71 -16.79 -12.15
N ALA B 164 34.77 -17.12 -12.89
CA ALA B 164 34.85 -18.39 -13.61
C ALA B 164 35.39 -19.45 -12.68
N GLY B 165 34.49 -20.10 -11.95
CA GLY B 165 34.89 -21.16 -11.04
C GLY B 165 35.74 -20.64 -9.89
N GLY B 166 36.73 -21.44 -9.50
CA GLY B 166 37.61 -21.08 -8.42
C GLY B 166 39.06 -21.37 -8.77
N GLU B 167 39.95 -20.73 -8.02
CA GLU B 167 41.39 -20.87 -8.19
C GLU B 167 42.05 -20.27 -6.95
N GLY B 168 43.37 -20.12 -7.00
CA GLY B 168 44.11 -19.54 -5.90
C GLY B 168 44.13 -18.02 -5.93
N LEU B 169 43.53 -17.41 -4.92
CA LEU B 169 43.45 -15.95 -4.81
C LEU B 169 44.34 -15.52 -3.64
N SER B 170 45.62 -15.35 -3.91
CA SER B 170 46.58 -14.85 -2.91
C SER B 170 47.26 -13.56 -3.36
N ALA B 171 47.79 -13.54 -4.58
CA ALA B 171 48.52 -12.36 -5.05
C ALA B 171 47.61 -11.21 -5.43
N TRP B 172 46.44 -11.53 -6.00
CA TRP B 172 45.51 -10.49 -6.42
C TRP B 172 45.04 -9.66 -5.24
N ASP B 173 44.74 -10.32 -4.11
CA ASP B 173 44.36 -9.59 -2.91
C ASP B 173 45.49 -8.69 -2.44
N ARG B 174 46.73 -9.18 -2.49
CA ARG B 174 47.87 -8.37 -2.07
C ARG B 174 48.01 -7.13 -2.93
N GLU B 175 47.90 -7.28 -4.25
CA GLU B 175 48.00 -6.13 -5.15
C GLU B 175 46.87 -5.14 -4.90
N LEU B 176 45.64 -5.65 -4.75
CA LEU B 176 44.50 -4.77 -4.53
C LEU B 176 44.65 -3.98 -3.24
N ALA B 177 45.11 -4.64 -2.16
CA ALA B 177 45.34 -3.93 -0.91
C ALA B 177 46.47 -2.92 -1.05
N ARG B 178 47.55 -3.29 -1.74
CA ARG B 178 48.68 -2.39 -1.88
C ARG B 178 48.31 -1.13 -2.65
N TYR B 179 47.34 -1.22 -3.56
CA TYR B 179 46.94 -0.01 -4.27
C TYR B 179 45.87 0.78 -3.50
N GLY B 180 44.92 0.08 -2.88
CA GLY B 180 43.88 0.77 -2.14
C GLY B 180 44.40 1.52 -0.94
N ASP B 181 45.39 0.95 -0.24
CA ASP B 181 45.93 1.61 0.94
C ASP B 181 46.57 2.95 0.60
N GLU B 182 47.07 3.10 -0.61
CA GLU B 182 47.63 4.38 -1.03
C GLU B 182 46.55 5.31 -1.56
N ILE B 183 45.59 4.77 -2.32
CA ILE B 183 44.53 5.61 -2.87
C ILE B 183 43.72 6.27 -1.75
N VAL B 184 43.35 5.49 -0.74
CA VAL B 184 42.54 6.03 0.35
C VAL B 184 43.32 7.09 1.12
N ALA B 185 44.61 6.83 1.37
CA ALA B 185 45.42 7.80 2.10
C ALA B 185 45.54 9.11 1.33
N LEU B 186 45.76 9.04 0.02
CA LEU B 186 45.85 10.25 -0.78
C LEU B 186 44.54 11.02 -0.77
N ARG B 187 43.41 10.30 -0.90
CA ARG B 187 42.12 10.96 -0.87
C ARG B 187 41.88 11.67 0.45
N ARG B 188 42.20 11.00 1.57
CA ARG B 188 42.05 11.62 2.88
C ARG B 188 42.93 12.86 3.00
N ARG B 189 44.18 12.77 2.55
CA ARG B 189 45.09 13.89 2.69
C ARG B 189 44.61 15.10 1.89
N PHE B 190 44.07 14.87 0.70
CA PHE B 190 43.56 15.98 -0.10
C PHE B 190 42.31 16.59 0.53
N LEU B 191 41.38 15.75 0.98
CA LEU B 191 40.12 16.25 1.52
C LEU B 191 40.30 16.91 2.87
N ARG B 192 41.38 16.60 3.60
CA ARG B 192 41.63 17.29 4.86
C ARG B 192 41.92 18.77 4.63
N ARG B 193 42.51 19.12 3.49
CA ARG B 193 42.87 20.49 3.19
CA ARG B 193 42.87 20.49 3.19
C ARG B 193 41.83 21.21 2.34
N PHE B 194 41.13 20.49 1.46
CA PHE B 194 40.19 21.16 0.56
C PHE B 194 39.05 21.83 1.31
N ALA B 195 38.56 21.21 2.39
CA ALA B 195 37.29 21.64 2.99
C ALA B 195 37.29 23.07 3.53
N PRO B 196 38.28 23.51 4.33
CA PRO B 196 38.16 24.85 4.93
C PRO B 196 38.04 25.97 3.92
N ILE B 197 38.74 25.87 2.79
CA ILE B 197 38.65 26.91 1.76
C ILE B 197 37.23 26.98 1.21
N LEU B 198 36.63 25.82 0.94
CA LEU B 198 35.26 25.80 0.45
C LEU B 198 34.30 26.39 1.48
N ARG B 199 34.48 26.05 2.76
CA ARG B 199 33.60 26.60 3.79
C ARG B 199 33.72 28.11 3.85
N GLU B 200 34.95 28.64 3.81
CA GLU B 200 35.14 30.09 3.86
C GLU B 200 34.54 30.78 2.65
N VAL B 201 34.73 30.20 1.46
CA VAL B 201 34.19 30.81 0.25
C VAL B 201 32.67 30.83 0.29
N HIS B 202 32.05 29.72 0.69
CA HIS B 202 30.59 29.68 0.76
C HIS B 202 30.07 30.65 1.81
N ALA B 203 30.77 30.77 2.95
CA ALA B 203 30.37 31.74 3.95
C ALA B 203 30.44 33.16 3.41
N ALA B 204 31.44 33.44 2.57
CA ALA B 204 31.50 34.74 1.92
C ALA B 204 30.33 34.94 0.97
N LEU B 205 29.97 33.89 0.22
CA LEU B 205 28.94 34.04 -0.81
C LEU B 205 27.53 34.06 -0.22
N ALA B 206 27.25 33.26 0.80
CA ALA B 206 25.89 33.10 1.31
C ALA B 206 25.93 33.09 2.83
N ALA B 207 24.81 32.71 3.44
CA ALA B 207 24.64 32.76 4.89
C ALA B 207 24.67 31.40 5.57
N LYS B 208 24.30 30.33 4.88
CA LYS B 208 24.26 29.01 5.49
C LYS B 208 25.68 28.44 5.58
N GLU B 209 25.78 27.18 5.98
CA GLU B 209 27.07 26.51 6.15
C GLU B 209 27.12 25.27 5.27
N ALA B 210 28.27 25.05 4.64
CA ALA B 210 28.48 23.92 3.76
C ALA B 210 29.66 23.08 4.22
N GLY B 211 29.63 21.80 3.87
CA GLY B 211 30.68 20.90 4.28
C GLY B 211 30.70 19.66 3.41
N LEU B 212 31.66 18.79 3.67
CA LEU B 212 31.86 17.57 2.91
C LEU B 212 31.91 16.38 3.85
N ARG B 213 31.44 15.23 3.35
CA ARG B 213 31.47 13.99 4.12
C ARG B 213 31.87 12.86 3.19
N LEU B 214 32.87 12.08 3.61
CA LEU B 214 33.36 10.93 2.86
C LEU B 214 33.10 9.67 3.65
N GLU B 215 32.52 8.66 3.00
CA GLU B 215 32.20 7.39 3.62
C GLU B 215 33.14 6.33 3.07
N GLU B 216 33.86 5.65 3.97
CA GLU B 216 34.85 4.66 3.59
C GLU B 216 34.40 3.28 4.07
N THR B 217 34.37 2.32 3.15
CA THR B 217 34.03 0.96 3.52
C THR B 217 35.18 0.25 4.22
N ALA B 218 36.41 0.52 3.79
CA ALA B 218 37.61 -0.10 4.35
C ALA B 218 38.50 1.03 4.90
N GLY B 219 38.24 1.42 6.14
CA GLY B 219 38.98 2.52 6.75
C GLY B 219 40.22 2.08 7.49
N GLU B 220 40.31 0.79 7.81
CA GLU B 220 41.45 0.25 8.55
C GLU B 220 42.38 -0.60 7.70
N GLY B 221 41.87 -1.24 6.65
CA GLY B 221 42.70 -2.06 5.79
C GLY B 221 41.89 -2.84 4.78
N VAL B 222 42.39 -2.89 3.54
CA VAL B 222 41.67 -3.61 2.48
C VAL B 222 41.71 -5.11 2.74
N LEU B 223 42.83 -5.62 3.26
CA LEU B 223 42.97 -7.04 3.50
C LEU B 223 41.93 -7.53 4.51
N ARG B 224 41.78 -6.82 5.63
CA ARG B 224 40.82 -7.24 6.65
C ARG B 224 39.38 -7.13 6.14
N ALA B 225 39.07 -6.07 5.39
CA ALA B 225 37.73 -5.93 4.84
C ALA B 225 37.42 -7.06 3.87
N LEU B 226 38.38 -7.43 3.03
CA LEU B 226 38.19 -8.56 2.12
C LEU B 226 38.01 -9.86 2.90
N GLU B 227 38.79 -10.06 3.96
CA GLU B 227 38.71 -11.28 4.73
C GLU B 227 37.35 -11.40 5.43
N ALA B 228 36.84 -10.31 5.96
CA ALA B 228 35.61 -10.33 6.76
C ALA B 228 34.34 -10.44 5.93
N SER B 229 34.46 -10.69 4.62
CA SER B 229 33.26 -10.81 3.79
C SER B 229 33.38 -11.95 2.77
N ARG B 230 34.18 -12.97 3.05
CA ARG B 230 34.52 -13.98 2.05
C ARG B 230 33.30 -14.78 1.62
N ALA B 231 32.42 -15.12 2.56
CA ALA B 231 31.27 -15.96 2.24
C ALA B 231 30.36 -15.28 1.23
N GLU B 232 29.95 -14.04 1.51
CA GLU B 232 29.06 -13.34 0.59
C GLU B 232 29.80 -12.91 -0.67
N GLU B 233 31.12 -12.68 -0.59
CA GLU B 233 31.87 -12.39 -1.80
C GLU B 233 31.86 -13.58 -2.76
N ARG B 234 32.06 -14.79 -2.23
CA ARG B 234 32.01 -15.98 -3.06
C ARG B 234 30.58 -16.25 -3.55
N GLU B 235 29.59 -15.97 -2.71
CA GLU B 235 28.21 -16.23 -3.10
C GLU B 235 27.77 -15.31 -4.24
N ARG B 236 28.00 -14.00 -4.10
CA ARG B 236 27.54 -13.06 -5.11
C ARG B 236 28.45 -13.07 -6.35
N GLY B 237 29.76 -13.22 -6.15
CA GLY B 237 30.68 -13.26 -7.25
C GLY B 237 31.37 -11.95 -7.58
N GLN B 238 31.24 -10.93 -6.74
CA GLN B 238 31.87 -9.64 -6.96
C GLN B 238 32.53 -9.16 -5.68
N THR B 239 33.61 -8.41 -5.84
CA THR B 239 34.25 -7.78 -4.69
C THR B 239 33.34 -6.69 -4.13
N LEU B 240 33.13 -6.71 -2.82
CA LEU B 240 32.16 -5.82 -2.19
C LEU B 240 32.81 -4.73 -1.35
N VAL B 241 34.14 -4.63 -1.33
CA VAL B 241 34.83 -3.61 -0.56
C VAL B 241 35.94 -3.02 -1.41
N GLY B 242 36.37 -1.81 -1.02
CA GLY B 242 37.44 -1.13 -1.71
C GLY B 242 37.15 0.33 -1.97
N PRO B 243 38.15 1.07 -2.46
CA PRO B 243 37.94 2.49 -2.76
C PRO B 243 36.90 2.75 -3.84
N HIS B 244 36.59 1.77 -4.67
CA HIS B 244 35.65 1.96 -5.77
C HIS B 244 34.19 1.89 -5.35
N ARG B 245 33.90 1.93 -4.04
CA ARG B 245 32.53 1.95 -3.55
C ARG B 245 32.31 3.04 -2.51
N ASP B 246 33.21 4.02 -2.40
CA ASP B 246 33.02 5.11 -1.48
C ASP B 246 31.92 6.05 -1.99
N ASP B 247 31.44 6.91 -1.10
CA ASP B 247 30.39 7.87 -1.43
C ASP B 247 30.78 9.25 -0.92
N LEU B 248 30.45 10.27 -1.70
CA LEU B 248 30.70 11.66 -1.34
C LEU B 248 29.38 12.41 -1.32
N VAL B 249 29.15 13.17 -0.25
CA VAL B 249 27.88 13.86 -0.05
C VAL B 249 28.19 15.32 0.29
N PHE B 250 27.45 16.23 -0.35
CA PHE B 250 27.52 17.65 -0.04
C PHE B 250 26.41 18.01 0.94
N LEU B 251 26.75 18.76 1.98
CA LEU B 251 25.84 19.02 3.09
C LEU B 251 25.51 20.50 3.16
N LEU B 252 24.23 20.81 3.28
CA LEU B 252 23.74 22.17 3.56
C LEU B 252 23.02 22.13 4.89
N GLU B 253 23.60 22.76 5.91
CA GLU B 253 23.06 22.75 7.27
C GLU B 253 22.90 21.32 7.80
N GLY B 254 23.86 20.47 7.49
CA GLY B 254 23.86 19.12 8.00
C GLY B 254 22.91 18.16 7.32
N ARG B 255 22.44 18.49 6.13
CA ARG B 255 21.53 17.61 5.40
C ARG B 255 22.02 17.43 3.97
N PRO B 256 21.74 16.27 3.37
CA PRO B 256 22.20 16.03 2.00
C PRO B 256 21.63 17.06 1.02
N ALA B 257 22.46 17.46 0.07
CA ALA B 257 22.09 18.51 -0.87
C ALA B 257 21.24 17.99 -2.02
N HIS B 258 21.36 16.71 -2.36
CA HIS B 258 20.65 16.20 -3.53
C HIS B 258 19.20 15.83 -3.25
N ARG B 259 18.74 15.97 -2.00
CA ARG B 259 17.37 15.67 -1.65
C ARG B 259 16.58 16.85 -1.09
N PHE B 260 17.25 17.91 -0.63
CA PHE B 260 16.56 19.01 0.03
C PHE B 260 16.86 20.38 -0.57
N ALA B 261 18.02 20.58 -1.18
CA ALA B 261 18.41 21.89 -1.66
C ALA B 261 17.55 22.30 -2.85
N SER B 262 17.46 23.62 -3.05
CA SER B 262 16.73 24.20 -4.17
C SER B 262 17.70 24.54 -5.31
N ARG B 263 17.21 25.24 -6.33
CA ARG B 263 18.05 25.57 -7.48
C ARG B 263 19.11 26.60 -7.12
N GLY B 264 18.71 27.67 -6.43
CA GLY B 264 19.66 28.72 -6.09
C GLY B 264 20.76 28.23 -5.17
N GLU B 265 20.40 27.44 -4.16
CA GLU B 265 21.40 26.90 -3.24
C GLU B 265 22.38 25.98 -3.96
N ALA B 266 21.87 25.13 -4.85
CA ALA B 266 22.75 24.24 -5.60
C ALA B 266 23.68 25.02 -6.51
N LYS B 267 23.16 26.06 -7.18
CA LYS B 267 24.01 26.87 -8.04
C LYS B 267 25.09 27.58 -7.24
N THR B 268 24.73 28.12 -6.07
CA THR B 268 25.73 28.77 -5.23
C THR B 268 26.78 27.78 -4.75
N LEU B 269 26.37 26.57 -4.38
CA LEU B 269 27.33 25.57 -3.94
C LEU B 269 28.29 25.19 -5.07
N ALA B 270 27.78 25.01 -6.29
CA ALA B 270 28.65 24.68 -7.41
C ALA B 270 29.63 25.80 -7.70
N LEU B 271 29.16 27.06 -7.68
CA LEU B 271 30.05 28.18 -7.91
C LEU B 271 31.12 28.26 -6.83
N ALA B 272 30.74 27.99 -5.57
CA ALA B 272 31.71 28.00 -4.49
C ALA B 272 32.76 26.92 -4.69
N LEU B 273 32.34 25.73 -5.14
CA LEU B 273 33.30 24.66 -5.40
C LEU B 273 34.29 25.07 -6.48
N ARG B 274 33.79 25.66 -7.57
CA ARG B 274 34.68 26.08 -8.65
C ARG B 274 35.64 27.16 -8.19
N LEU B 275 35.16 28.12 -7.40
CA LEU B 275 36.02 29.19 -6.92
C LEU B 275 37.08 28.66 -5.95
N ALA B 276 36.71 27.70 -5.11
CA ALA B 276 37.69 27.08 -4.22
C ALA B 276 38.77 26.36 -5.02
N GLU B 277 38.37 25.63 -6.07
CA GLU B 277 39.36 24.99 -6.92
C GLU B 277 40.28 26.02 -7.57
N HIS B 278 39.72 27.13 -8.03
CA HIS B 278 40.52 28.19 -8.64
C HIS B 278 41.53 28.75 -7.64
N ARG B 279 41.10 29.01 -6.41
CA ARG B 279 42.01 29.55 -5.41
C ARG B 279 43.12 28.56 -5.07
N LEU B 280 42.77 27.27 -4.95
CA LEU B 280 43.80 26.28 -4.65
C LEU B 280 44.81 26.18 -5.78
N LEU B 281 44.34 26.19 -7.03
CA LEU B 281 45.25 26.16 -8.17
C LEU B 281 46.16 27.38 -8.18
N GLY B 282 45.60 28.56 -7.88
CA GLY B 282 46.42 29.76 -7.81
C GLY B 282 47.49 29.68 -6.75
N GLU B 283 47.13 29.17 -5.57
CA GLU B 283 48.11 29.04 -4.50
C GLU B 283 49.13 27.94 -4.78
N HIS B 284 48.80 26.98 -5.64
CA HIS B 284 49.72 25.88 -5.93
C HIS B 284 50.69 26.21 -7.06
N HIS B 285 50.17 26.55 -8.24
CA HIS B 285 51.03 26.75 -9.41
C HIS B 285 51.95 27.96 -9.23
N GLY B 286 51.42 29.06 -8.71
CA GLY B 286 52.23 30.25 -8.51
C GLY B 286 51.52 31.54 -8.86
N GLU B 287 50.61 31.48 -9.83
CA GLU B 287 49.80 32.63 -10.22
C GLU B 287 48.41 32.14 -10.59
N PRO B 288 47.37 32.88 -10.22
CA PRO B 288 46.00 32.42 -10.45
C PRO B 288 45.70 32.30 -11.93
N PRO B 289 44.96 31.28 -12.34
CA PRO B 289 44.55 31.15 -13.73
C PRO B 289 43.42 32.12 -14.07
N LEU B 290 43.22 32.31 -15.37
CA LEU B 290 42.10 33.11 -15.85
C LEU B 290 40.79 32.40 -15.53
N LEU B 291 39.78 33.17 -15.13
CA LEU B 291 38.49 32.63 -14.75
C LEU B 291 37.44 33.03 -15.77
N LEU B 292 36.67 32.06 -16.24
CA LEU B 292 35.59 32.29 -17.20
C LEU B 292 34.29 31.79 -16.59
N VAL B 293 33.30 32.67 -16.48
CA VAL B 293 32.00 32.34 -15.94
C VAL B 293 30.95 32.58 -17.01
N ASP B 294 30.14 31.56 -17.27
CA ASP B 294 29.14 31.60 -18.33
C ASP B 294 27.77 31.60 -17.69
N GLU B 295 26.94 32.56 -18.09
CA GLU B 295 25.55 32.67 -17.66
C GLU B 295 25.48 32.78 -16.12
N TRP B 296 26.02 33.90 -15.62
CA TRP B 296 26.37 34.00 -14.22
C TRP B 296 25.15 34.19 -13.31
N GLY B 297 24.14 34.95 -13.74
CA GLY B 297 23.15 35.41 -12.79
C GLY B 297 21.68 35.18 -13.12
N GLU B 298 21.32 34.01 -13.65
CA GLU B 298 19.92 33.79 -14.00
C GLU B 298 19.06 33.46 -12.80
N GLU B 299 19.34 32.34 -12.13
CA GLU B 299 18.46 31.80 -11.10
C GLU B 299 18.79 32.31 -9.70
N LEU B 300 19.33 33.52 -9.58
CA LEU B 300 19.67 34.10 -8.28
C LEU B 300 18.88 35.38 -8.07
N ASP B 301 18.65 35.71 -6.80
CA ASP B 301 17.93 36.92 -6.44
C ASP B 301 18.92 38.10 -6.41
N GLU B 302 18.46 39.24 -5.91
CA GLU B 302 19.28 40.45 -5.95
C GLU B 302 20.49 40.34 -5.03
N ALA B 303 20.28 39.88 -3.79
CA ALA B 303 21.37 39.83 -2.82
C ALA B 303 22.47 38.88 -3.27
N ARG B 304 22.10 37.70 -3.78
CA ARG B 304 23.09 36.74 -4.23
C ARG B 304 23.87 37.27 -5.42
N ARG B 305 23.18 37.92 -6.37
CA ARG B 305 23.87 38.50 -7.51
C ARG B 305 24.85 39.59 -7.08
N ARG B 306 24.43 40.44 -6.14
CA ARG B 306 25.33 41.49 -5.66
C ARG B 306 26.54 40.89 -4.95
N ALA B 307 26.33 39.85 -4.15
CA ALA B 307 27.45 39.20 -3.48
C ALA B 307 28.42 38.58 -4.49
N VAL B 308 27.87 37.92 -5.52
CA VAL B 308 28.73 37.31 -6.53
C VAL B 308 29.56 38.36 -7.24
N LEU B 309 28.93 39.47 -7.62
CA LEU B 309 29.65 40.54 -8.31
C LEU B 309 30.72 41.14 -7.41
N ALA B 310 30.40 41.35 -6.12
CA ALA B 310 31.37 41.91 -5.20
C ALA B 310 32.56 40.99 -5.03
N TYR B 311 32.32 39.67 -4.93
CA TYR B 311 33.42 38.73 -4.82
C TYR B 311 34.27 38.72 -6.08
N ALA B 312 33.64 38.74 -7.25
CA ALA B 312 34.38 38.70 -8.50
C ALA B 312 35.13 40.00 -8.79
N GLN B 313 34.74 41.10 -8.15
CA GLN B 313 35.39 42.37 -8.40
C GLN B 313 36.87 42.35 -8.04
N ALA B 314 37.28 41.49 -7.12
CA ALA B 314 38.63 41.51 -6.58
C ALA B 314 39.59 40.58 -7.30
N LEU B 315 39.15 39.88 -8.35
CA LEU B 315 40.03 38.94 -9.03
C LEU B 315 40.94 39.67 -10.01
N PRO B 316 42.13 39.11 -10.29
CA PRO B 316 43.04 39.75 -11.26
C PRO B 316 42.43 39.90 -12.64
N GLN B 317 41.65 38.91 -13.10
CA GLN B 317 41.01 38.99 -14.40
C GLN B 317 39.86 37.99 -14.44
N ALA B 318 38.74 38.40 -15.03
CA ALA B 318 37.58 37.53 -15.18
C ALA B 318 36.72 38.06 -16.31
N ILE B 319 35.94 37.17 -16.91
CA ILE B 319 35.02 37.51 -17.98
C ILE B 319 33.66 36.89 -17.66
N LEU B 320 32.62 37.71 -17.66
CA LEU B 320 31.27 37.27 -17.38
C LEU B 320 30.40 37.43 -18.61
N ALA B 321 29.49 36.48 -18.82
CA ALA B 321 28.57 36.52 -19.95
C ALA B 321 27.15 36.28 -19.44
N GLY B 322 26.19 36.99 -20.01
CA GLY B 322 24.81 36.84 -19.58
C GLY B 322 23.90 37.71 -20.41
N LEU B 323 22.61 37.60 -20.10
CA LEU B 323 21.59 38.35 -20.83
C LEU B 323 21.53 39.82 -20.42
N GLU B 324 21.92 40.14 -19.18
CA GLU B 324 21.81 41.49 -18.65
C GLU B 324 23.18 41.99 -18.22
N ALA B 325 23.47 43.24 -18.56
CA ALA B 325 24.76 43.82 -18.25
C ALA B 325 24.87 44.12 -16.76
N PRO B 326 25.96 43.72 -16.11
CA PRO B 326 26.17 44.14 -14.73
C PRO B 326 26.38 45.64 -14.64
N PRO B 327 25.99 46.27 -13.54
CA PRO B 327 26.12 47.73 -13.43
C PRO B 327 27.53 48.13 -12.97
N GLY B 328 28.12 49.09 -13.66
CA GLY B 328 29.40 49.65 -13.26
C GLY B 328 30.62 48.94 -13.77
N VAL B 329 30.50 48.14 -14.83
CA VAL B 329 31.64 47.43 -15.39
C VAL B 329 31.68 47.64 -16.90
N PRO B 330 32.84 47.57 -17.55
CA PRO B 330 32.88 47.64 -19.01
C PRO B 330 32.11 46.51 -19.64
N VAL B 331 31.46 46.79 -20.77
CA VAL B 331 30.57 45.84 -21.42
C VAL B 331 30.85 45.81 -22.91
N CYS B 332 30.72 44.62 -23.49
CA CYS B 332 30.83 44.42 -24.93
C CYS B 332 29.67 43.57 -25.40
N SER B 333 29.15 43.87 -26.58
CA SER B 333 27.95 43.23 -27.11
C SER B 333 28.31 42.26 -28.22
N VAL B 334 27.48 41.22 -28.37
CA VAL B 334 27.65 40.21 -29.40
C VAL B 334 26.37 40.17 -30.23
N VAL B 335 26.51 40.30 -31.55
CA VAL B 335 25.38 40.29 -32.47
C VAL B 335 25.72 39.41 -33.65
N ARG B 336 25.04 38.27 -33.78
CA ARG B 336 25.18 37.38 -34.93
C ARG B 336 26.64 36.95 -35.14
N GLY B 337 27.35 36.72 -34.04
CA GLY B 337 28.68 36.17 -34.10
C GLY B 337 29.81 37.17 -34.12
N VAL B 338 29.54 38.45 -34.30
CA VAL B 338 30.58 39.47 -34.32
C VAL B 338 30.60 40.17 -32.97
N VAL B 339 31.78 40.60 -32.56
CA VAL B 339 31.99 41.26 -31.27
C VAL B 339 32.45 42.68 -31.55
N LEU B 340 31.70 43.65 -31.02
CA LEU B 340 32.04 45.06 -31.14
C LEU B 340 32.11 45.69 -29.75
N CYS B 341 33.09 46.56 -29.55
CA CYS B 341 33.32 47.18 -28.26
C CYS B 341 33.40 48.69 -28.40
N PRO B 342 32.95 49.44 -27.39
CA PRO B 342 33.02 50.91 -27.38
C PRO B 342 34.45 51.42 -27.45
N PRO C 5 -37.41 3.41 10.65
CA PRO C 5 -38.30 4.39 10.02
C PRO C 5 -38.69 3.99 8.59
N GLU C 6 -39.95 4.23 8.23
CA GLU C 6 -40.49 3.66 7.00
C GLU C 6 -39.86 4.32 5.77
N SER C 7 -39.80 5.65 5.75
CA SER C 7 -39.19 6.35 4.63
C SER C 7 -37.70 6.04 4.51
N LEU C 8 -37.02 5.87 5.65
CA LEU C 8 -35.63 5.43 5.64
C LEU C 8 -35.48 4.06 5.00
N LEU C 9 -36.31 3.09 5.40
CA LEU C 9 -36.20 1.76 4.80
C LEU C 9 -36.56 1.78 3.32
N LYS C 10 -37.60 2.53 2.95
CA LYS C 10 -37.94 2.72 1.54
C LYS C 10 -36.78 3.30 0.73
N LEU C 11 -36.03 4.23 1.31
CA LEU C 11 -34.88 4.81 0.62
C LEU C 11 -33.75 3.81 0.53
N THR C 12 -33.39 3.15 1.63
CA THR C 12 -32.34 2.13 1.59
C THR C 12 -32.67 1.04 0.57
N ARG C 13 -33.94 0.66 0.48
CA ARG C 13 -34.36 -0.38 -0.47
C ARG C 13 -34.28 0.12 -1.91
N ALA C 14 -34.71 1.35 -2.17
CA ALA C 14 -34.55 1.90 -3.53
C ALA C 14 -33.09 2.00 -3.91
N LEU C 15 -32.24 2.49 -3.00
CA LEU C 15 -30.80 2.53 -3.26
C LEU C 15 -30.23 1.14 -3.48
N SER C 16 -30.80 0.12 -2.84
CA SER C 16 -30.32 -1.24 -3.04
C SER C 16 -30.70 -1.80 -4.40
N ARG C 17 -31.74 -1.28 -5.03
CA ARG C 17 -32.09 -1.65 -6.39
C ARG C 17 -31.00 -1.20 -7.37
N GLY C 22 -23.64 -1.96 -1.54
CA GLY C 22 -24.07 -2.78 -0.42
C GLY C 22 -25.00 -2.05 0.53
N PRO C 23 -25.55 -2.76 1.50
CA PRO C 23 -26.51 -2.14 2.42
C PRO C 23 -25.90 -1.04 3.28
N LYS C 24 -24.59 -1.09 3.52
CA LYS C 24 -23.96 -0.07 4.36
C LYS C 24 -23.87 1.26 3.63
N THR C 25 -23.55 1.24 2.33
CA THR C 25 -23.56 2.48 1.56
C THR C 25 -24.98 2.97 1.35
N ALA C 26 -25.91 2.06 1.03
CA ALA C 26 -27.32 2.43 0.95
C ALA C 26 -27.78 3.16 2.21
N GLN C 27 -27.38 2.67 3.38
CA GLN C 27 -27.76 3.29 4.64
C GLN C 27 -27.09 4.65 4.82
N ARG C 28 -25.77 4.72 4.57
CA ARG C 28 -25.06 5.98 4.69
C ARG C 28 -25.67 7.05 3.80
N LEU C 29 -26.06 6.67 2.57
CA LEU C 29 -26.64 7.64 1.65
C LEU C 29 -28.05 8.03 2.06
N ALA C 30 -28.86 7.07 2.51
CA ALA C 30 -30.20 7.39 3.00
C ALA C 30 -30.15 8.35 4.17
N LEU C 31 -29.26 8.07 5.14
CA LEU C 31 -29.06 8.98 6.27
C LEU C 31 -28.61 10.36 5.80
N HIS C 32 -27.62 10.41 4.90
CA HIS C 32 -27.15 11.71 4.40
C HIS C 32 -28.29 12.49 3.75
N LEU C 33 -29.11 11.83 2.92
CA LEU C 33 -30.20 12.52 2.26
C LEU C 33 -31.25 12.99 3.25
N ALA C 34 -31.54 12.18 4.27
CA ALA C 34 -32.43 12.60 5.34
C ALA C 34 -31.89 13.82 6.07
N PHE C 35 -30.58 13.88 6.27
CA PHE C 35 -29.94 15.00 6.94
C PHE C 35 -29.57 16.14 6.00
N HIS C 36 -29.85 15.99 4.70
CA HIS C 36 -29.63 17.06 3.71
C HIS C 36 -30.89 17.17 2.85
N LYS C 37 -31.87 17.91 3.36
CA LYS C 37 -33.14 18.06 2.64
C LYS C 37 -32.94 18.70 1.26
N GLU C 38 -32.09 19.73 1.19
CA GLU C 38 -31.85 20.42 -0.07
C GLU C 38 -31.29 19.47 -1.13
N GLU C 39 -30.23 18.74 -0.78
CA GLU C 39 -29.63 17.79 -1.73
C GLU C 39 -30.64 16.73 -2.17
N ALA C 40 -31.43 16.21 -1.23
CA ALA C 40 -32.41 15.18 -1.58
C ALA C 40 -33.48 15.74 -2.51
N GLU C 41 -33.93 16.98 -2.27
CA GLU C 41 -34.87 17.62 -3.18
C GLU C 41 -34.27 17.81 -4.56
N ALA C 42 -33.03 18.30 -4.63
CA ALA C 42 -32.33 18.43 -5.91
C ALA C 42 -32.22 17.10 -6.64
N LEU C 43 -31.99 16.01 -5.90
CA LEU C 43 -31.90 14.69 -6.51
C LEU C 43 -33.25 14.20 -7.03
N ALA C 44 -34.32 14.43 -6.25
CA ALA C 44 -35.66 14.11 -6.74
C ALA C 44 -36.01 14.93 -7.98
N GLU C 45 -35.59 16.20 -8.01
CA GLU C 45 -35.81 17.04 -9.18
C GLU C 45 -35.08 16.51 -10.41
N ALA C 46 -33.80 16.15 -10.24
CA ALA C 46 -33.03 15.59 -11.34
C ALA C 46 -33.60 14.25 -11.81
N LEU C 47 -34.12 13.45 -10.89
CA LEU C 47 -34.76 12.20 -11.28
C LEU C 47 -36.05 12.44 -12.04
N GLU C 48 -36.87 13.38 -11.59
CA GLU C 48 -38.02 13.82 -12.37
C GLU C 48 -37.57 14.42 -13.71
N GLY C 49 -36.53 15.25 -13.69
CA GLY C 49 -35.96 15.80 -14.90
C GLY C 49 -35.63 14.78 -15.98
N PRO D 5 -29.05 15.65 -24.27
CA PRO D 5 -28.36 14.93 -23.19
C PRO D 5 -27.87 15.87 -22.09
N GLU D 6 -28.12 17.17 -22.26
CA GLU D 6 -27.71 18.14 -21.25
C GLU D 6 -28.46 17.99 -19.94
N SER D 7 -29.63 17.36 -19.96
CA SER D 7 -30.40 17.18 -18.72
C SER D 7 -29.66 16.25 -17.76
N LEU D 8 -29.05 15.18 -18.28
CA LEU D 8 -28.40 14.20 -17.41
C LEU D 8 -27.18 14.78 -16.70
N LEU D 9 -26.66 15.92 -17.16
CA LEU D 9 -25.49 16.52 -16.52
C LEU D 9 -25.79 16.90 -15.07
N LYS D 10 -26.95 17.52 -14.83
CA LYS D 10 -27.30 17.90 -13.47
C LYS D 10 -27.48 16.68 -12.57
N LEU D 11 -28.10 15.62 -13.10
CA LEU D 11 -28.25 14.39 -12.33
C LEU D 11 -26.89 13.78 -11.99
N THR D 12 -25.97 13.76 -12.95
CA THR D 12 -24.64 13.23 -12.69
C THR D 12 -23.91 14.06 -11.65
N ARG D 13 -24.03 15.40 -11.72
CA ARG D 13 -23.40 16.25 -10.72
C ARG D 13 -24.00 16.00 -9.33
N ALA D 14 -25.32 15.85 -9.27
CA ALA D 14 -25.98 15.61 -7.99
C ALA D 14 -25.53 14.29 -7.39
N LEU D 15 -25.42 13.24 -8.21
CA LEU D 15 -24.99 11.97 -7.63
C LEU D 15 -23.50 11.98 -7.34
N SER D 16 -22.74 12.83 -8.04
CA SER D 16 -21.30 12.93 -7.80
C SER D 16 -21.02 13.60 -6.47
N ARG D 17 -21.88 14.54 -6.08
CA ARG D 17 -21.59 15.37 -4.90
C ARG D 17 -21.64 14.55 -3.62
N LEU D 18 -22.51 13.54 -3.56
CA LEU D 18 -22.65 12.75 -2.34
C LEU D 18 -21.37 11.94 -2.11
N PRO D 19 -20.97 11.76 -0.85
CA PRO D 19 -19.72 11.02 -0.58
C PRO D 19 -19.87 9.54 -0.91
N GLY D 20 -18.73 8.93 -1.23
CA GLY D 20 -18.67 7.50 -1.46
C GLY D 20 -18.86 7.06 -2.89
N ILE D 21 -19.15 7.97 -3.81
CA ILE D 21 -19.34 7.65 -5.21
C ILE D 21 -18.48 8.59 -6.05
N GLY D 22 -17.65 8.01 -6.91
CA GLY D 22 -16.82 8.79 -7.80
C GLY D 22 -17.58 9.25 -9.03
N PRO D 23 -16.95 10.14 -9.79
CA PRO D 23 -17.61 10.65 -11.00
C PRO D 23 -17.94 9.55 -12.01
N LYS D 24 -17.07 8.56 -12.14
CA LYS D 24 -17.35 7.47 -13.08
C LYS D 24 -18.41 6.53 -12.53
N THR D 25 -18.44 6.33 -11.21
CA THR D 25 -19.51 5.52 -10.64
C THR D 25 -20.86 6.22 -10.83
N ALA D 26 -20.88 7.55 -10.67
CA ALA D 26 -22.11 8.31 -10.88
C ALA D 26 -22.55 8.23 -12.33
N GLN D 27 -21.60 8.33 -13.26
CA GLN D 27 -21.94 8.22 -14.68
C GLN D 27 -22.47 6.83 -15.01
N ARG D 28 -21.85 5.79 -14.44
CA ARG D 28 -22.33 4.43 -14.67
C ARG D 28 -23.75 4.25 -14.12
N LEU D 29 -24.01 4.79 -12.92
CA LEU D 29 -25.34 4.69 -12.35
C LEU D 29 -26.37 5.43 -13.20
N ALA D 30 -26.01 6.62 -13.69
CA ALA D 30 -26.92 7.37 -14.54
C ALA D 30 -27.22 6.63 -15.83
N LEU D 31 -26.19 6.04 -16.44
CA LEU D 31 -26.39 5.27 -17.68
C LEU D 31 -27.26 4.05 -17.42
N HIS D 32 -27.03 3.34 -16.31
CA HIS D 32 -27.87 2.19 -15.98
C HIS D 32 -29.31 2.61 -15.70
N LEU D 33 -29.51 3.81 -15.17
CA LEU D 33 -30.85 4.31 -14.91
C LEU D 33 -31.51 4.93 -16.14
N ALA D 34 -30.74 5.19 -17.20
CA ALA D 34 -31.30 5.85 -18.37
C ALA D 34 -32.25 4.92 -19.13
N PHE D 35 -31.84 3.68 -19.36
CA PHE D 35 -32.63 2.72 -20.12
C PHE D 35 -33.41 1.76 -19.21
N HIS D 36 -33.44 2.02 -17.91
CA HIS D 36 -34.21 1.20 -16.98
C HIS D 36 -35.24 2.04 -16.25
N LYS D 37 -36.00 2.84 -17.01
CA LYS D 37 -36.92 3.80 -16.41
C LYS D 37 -37.96 3.14 -15.50
N GLU D 38 -38.17 1.84 -15.63
CA GLU D 38 -39.10 1.13 -14.76
C GLU D 38 -38.75 1.33 -13.28
N GLU D 39 -37.55 0.92 -12.88
CA GLU D 39 -37.19 1.09 -11.49
C GLU D 39 -36.79 2.52 -11.17
N ALA D 40 -36.49 3.35 -12.17
CA ALA D 40 -36.26 4.76 -11.89
C ALA D 40 -37.55 5.42 -11.42
N GLU D 41 -38.66 5.14 -12.12
CA GLU D 41 -39.97 5.60 -11.69
C GLU D 41 -40.38 4.96 -10.37
N ALA D 42 -40.04 3.67 -10.17
CA ALA D 42 -40.36 3.04 -8.89
C ALA D 42 -39.63 3.73 -7.74
N LEU D 43 -38.35 4.07 -7.93
CA LEU D 43 -37.59 4.78 -6.92
C LEU D 43 -38.15 6.17 -6.67
N ALA D 44 -38.53 6.88 -7.74
CA ALA D 44 -39.12 8.20 -7.59
C ALA D 44 -40.43 8.14 -6.81
N GLU D 45 -41.28 7.16 -7.10
CA GLU D 45 -42.53 7.04 -6.37
C GLU D 45 -42.35 6.44 -4.98
N ALA D 46 -41.19 5.84 -4.69
CA ALA D 46 -40.93 5.28 -3.38
C ALA D 46 -40.16 6.23 -2.47
N LEU D 47 -39.61 7.31 -3.03
CA LEU D 47 -38.85 8.26 -2.22
C LEU D 47 -39.72 8.86 -1.11
N GLU D 48 -40.95 9.27 -1.46
CA GLU D 48 -41.84 9.86 -0.47
C GLU D 48 -42.20 8.85 0.61
N GLY D 49 -42.50 7.62 0.22
CA GLY D 49 -42.86 6.56 1.16
C GLY D 49 -41.79 6.27 2.19
N ALA D 55 -33.24 20.70 13.53
CA ALA D 55 -33.20 20.10 14.86
C ALA D 55 -33.63 21.11 15.91
N CYS D 56 -34.35 20.63 16.93
CA CYS D 56 -34.80 21.50 18.01
C CYS D 56 -33.62 22.01 18.82
N ARG D 57 -33.67 23.29 19.19
CA ARG D 57 -32.59 23.88 19.96
C ARG D 57 -32.47 23.22 21.33
N GLU D 58 -33.60 22.92 21.97
CA GLU D 58 -33.59 22.39 23.33
C GLU D 58 -32.93 21.01 23.41
N CYS D 59 -32.87 20.27 22.31
CA CYS D 59 -32.27 18.95 22.30
C CYS D 59 -31.09 18.83 21.34
N GLY D 60 -31.23 19.34 20.12
CA GLY D 60 -30.36 19.00 19.03
C GLY D 60 -30.79 17.84 18.19
N ASN D 61 -32.01 17.34 18.39
CA ASN D 61 -32.51 16.17 17.68
C ASN D 61 -33.36 16.60 16.49
N LEU D 62 -33.16 15.92 15.35
CA LEU D 62 -33.93 16.22 14.16
C LEU D 62 -35.27 15.49 14.23
N ALA D 63 -36.35 16.23 13.96
CA ALA D 63 -37.69 15.64 13.92
C ALA D 63 -38.63 16.60 13.22
N GLU D 64 -39.69 16.04 12.63
CA GLU D 64 -40.73 16.84 12.01
C GLU D 64 -41.48 17.64 13.08
N GLY D 65 -41.55 18.95 12.89
CA GLY D 65 -42.06 19.84 13.90
C GLY D 65 -40.96 20.45 14.75
N GLU D 66 -41.29 21.58 15.37
CA GLU D 66 -40.31 22.31 16.17
C GLU D 66 -39.85 21.49 17.37
N LEU D 67 -40.78 20.81 18.04
CA LEU D 67 -40.47 20.02 19.22
C LEU D 67 -40.28 18.56 18.81
N CYS D 68 -39.18 17.96 19.25
CA CYS D 68 -38.90 16.57 18.95
C CYS D 68 -39.71 15.65 19.85
N PRO D 69 -39.82 14.36 19.48
CA PRO D 69 -40.52 13.42 20.37
C PRO D 69 -39.90 13.29 21.75
N ILE D 70 -38.60 13.56 21.90
CA ILE D 70 -37.99 13.59 23.22
C ILE D 70 -38.59 14.71 24.06
N CYS D 71 -38.74 15.90 23.47
CA CYS D 71 -39.49 16.97 24.12
C CYS D 71 -40.97 16.61 24.23
N GLN D 72 -41.54 16.03 23.18
CA GLN D 72 -42.96 15.66 23.18
C GLN D 72 -43.20 14.40 24.00
N ASP D 75 -43.01 12.93 29.11
CA ASP D 75 -42.61 11.59 29.52
C ASP D 75 -41.10 11.48 29.68
N ARG D 76 -40.41 12.61 29.55
CA ARG D 76 -38.97 12.67 29.66
C ARG D 76 -38.58 13.70 30.71
N ASP D 77 -37.38 13.52 31.26
CA ASP D 77 -36.86 14.36 32.33
C ASP D 77 -35.69 15.18 31.81
N ARG D 78 -35.58 16.42 32.30
CA ARG D 78 -34.46 17.28 31.98
C ARG D 78 -33.25 17.05 32.89
N SER D 79 -33.38 16.17 33.89
CA SER D 79 -32.26 15.92 34.79
C SER D 79 -31.08 15.30 34.06
N LEU D 80 -31.35 14.38 33.14
CA LEU D 80 -30.33 13.63 32.43
C LEU D 80 -30.22 14.16 31.01
N LEU D 81 -29.03 14.63 30.63
CA LEU D 81 -28.74 15.06 29.27
C LEU D 81 -27.48 14.36 28.81
N ALA D 82 -27.55 13.70 27.66
CA ALA D 82 -26.41 12.98 27.09
C ALA D 82 -26.00 13.63 25.78
N VAL D 83 -24.70 13.86 25.64
CA VAL D 83 -24.14 14.46 24.42
C VAL D 83 -23.73 13.34 23.47
N VAL D 84 -24.19 13.43 22.22
CA VAL D 84 -23.99 12.38 21.23
C VAL D 84 -23.19 12.95 20.07
N GLU D 85 -22.26 12.14 19.55
CA GLU D 85 -21.40 12.61 18.46
C GLU D 85 -22.16 12.66 17.14
N SER D 86 -22.97 11.65 16.85
CA SER D 86 -23.67 11.56 15.58
C SER D 86 -25.10 11.10 15.83
N VAL D 87 -25.99 11.47 14.91
CA VAL D 87 -27.41 11.14 15.03
C VAL D 87 -27.66 9.66 14.80
N ALA D 88 -26.74 8.95 14.13
CA ALA D 88 -26.84 7.51 14.04
C ALA D 88 -26.79 6.86 15.41
N ASP D 89 -25.88 7.32 16.28
CA ASP D 89 -25.87 6.84 17.66
C ASP D 89 -27.15 7.21 18.39
N LEU D 90 -27.73 8.37 18.09
CA LEU D 90 -28.99 8.74 18.71
C LEU D 90 -30.10 7.78 18.30
N TYR D 91 -30.16 7.40 17.02
CA TYR D 91 -31.14 6.44 16.57
C TYR D 91 -30.90 5.07 17.20
N ALA D 92 -29.63 4.67 17.32
CA ALA D 92 -29.31 3.40 17.95
C ALA D 92 -29.77 3.37 19.40
N LEU D 93 -29.52 4.45 20.14
CA LEU D 93 -29.95 4.49 21.54
C LEU D 93 -31.46 4.63 21.67
N GLU D 94 -32.12 5.24 20.70
CA GLU D 94 -33.58 5.23 20.67
C GLU D 94 -34.12 3.82 20.47
N ARG D 95 -33.48 3.05 19.58
CA ARG D 95 -33.78 1.63 19.48
C ARG D 95 -33.41 0.86 20.74
N SER D 96 -32.49 1.41 21.55
CA SER D 96 -32.12 0.77 22.80
C SER D 96 -33.15 1.07 23.89
N GLY D 97 -33.30 2.34 24.24
CA GLY D 97 -34.26 2.75 25.24
C GLY D 97 -33.92 2.33 26.65
N GLU D 98 -32.84 2.91 27.19
CA GLU D 98 -32.42 2.64 28.56
C GLU D 98 -32.30 3.91 29.41
N PHE D 99 -32.57 5.08 28.83
CA PHE D 99 -32.56 6.33 29.56
C PHE D 99 -33.92 7.02 29.40
N ARG D 100 -34.50 7.45 30.52
CA ARG D 100 -35.66 8.32 30.49
C ARG D 100 -35.30 9.79 30.33
N GLY D 101 -34.03 10.15 30.46
CA GLY D 101 -33.64 11.54 30.37
C GLY D 101 -33.71 12.07 28.96
N LEU D 102 -33.67 13.40 28.85
CA LEU D 102 -33.72 14.05 27.55
C LEU D 102 -32.41 13.82 26.79
N TYR D 103 -32.50 13.91 25.47
CA TYR D 103 -31.33 13.75 24.61
C TYR D 103 -31.11 14.98 23.74
N LEU D 123 -19.76 20.14 23.85
CA LEU D 123 -18.32 20.21 23.76
C LEU D 123 -17.82 21.63 24.00
N GLU D 124 -17.60 22.38 22.92
CA GLU D 124 -17.30 23.80 23.05
C GLU D 124 -18.47 24.56 23.66
N GLY D 125 -19.70 24.19 23.31
CA GLY D 125 -20.88 24.76 23.90
C GLY D 125 -21.37 24.08 25.16
N LEU D 126 -20.61 23.12 25.70
CA LEU D 126 -21.04 22.42 26.90
C LEU D 126 -20.95 23.33 28.13
N PHE D 127 -19.94 24.21 28.17
CA PHE D 127 -19.71 25.00 29.37
C PHE D 127 -20.87 25.95 29.65
N ARG D 128 -21.41 26.57 28.60
CA ARG D 128 -22.55 27.48 28.73
C ARG D 128 -23.89 26.77 28.62
N ARG D 129 -23.90 25.43 28.55
CA ARG D 129 -25.09 24.64 28.80
C ARG D 129 -25.03 23.91 30.14
N LEU D 130 -24.06 24.25 31.00
CA LEU D 130 -23.93 23.57 32.28
C LEU D 130 -25.08 23.92 33.22
N GLU D 131 -25.70 25.08 33.04
CA GLU D 131 -26.80 25.49 33.91
C GLU D 131 -27.98 24.55 33.73
N GLY D 132 -28.67 24.27 34.85
CA GLY D 132 -29.79 23.35 34.83
C GLY D 132 -29.43 21.89 34.69
N VAL D 133 -28.15 21.55 34.76
CA VAL D 133 -27.69 20.17 34.62
C VAL D 133 -26.92 19.80 35.89
N GLU D 134 -27.35 18.71 36.53
CA GLU D 134 -26.75 18.28 37.79
C GLU D 134 -25.88 17.04 37.66
N GLU D 135 -26.11 16.20 36.66
CA GLU D 135 -25.14 15.21 36.21
C GLU D 135 -25.04 15.27 34.70
N VAL D 136 -23.81 15.13 34.20
CA VAL D 136 -23.53 15.19 32.77
C VAL D 136 -23.28 13.78 32.26
N VAL D 137 -24.02 13.39 31.22
CA VAL D 137 -23.90 12.07 30.62
C VAL D 137 -23.10 12.20 29.33
N LEU D 138 -22.10 11.34 29.15
CA LEU D 138 -21.20 11.38 28.01
C LEU D 138 -21.48 10.16 27.14
N ALA D 139 -22.30 10.35 26.11
CA ALA D 139 -22.65 9.30 25.18
C ALA D 139 -21.80 9.32 23.91
N THR D 140 -20.78 10.16 23.87
CA THR D 140 -19.92 10.24 22.70
C THR D 140 -19.12 8.94 22.52
N SER D 141 -18.75 8.66 21.28
CA SER D 141 -17.95 7.49 20.99
C SER D 141 -16.52 7.67 21.50
N MET D 142 -15.78 6.56 21.53
CA MET D 142 -14.43 6.55 22.06
C MET D 142 -13.39 6.94 21.01
N THR D 143 -13.79 7.61 19.94
CA THR D 143 -12.87 8.03 18.91
C THR D 143 -11.84 9.02 19.46
N VAL D 144 -10.72 9.15 18.74
CA VAL D 144 -9.65 10.03 19.18
C VAL D 144 -10.13 11.48 19.27
N GLU D 145 -11.04 11.88 18.38
CA GLU D 145 -11.66 13.20 18.50
C GLU D 145 -12.44 13.32 19.81
N GLY D 146 -13.19 12.28 20.17
CA GLY D 146 -13.86 12.29 21.46
C GLY D 146 -12.89 12.33 22.63
N GLU D 147 -11.77 11.61 22.50
CA GLU D 147 -10.74 11.66 23.54
C GLU D 147 -10.21 13.08 23.72
N ALA D 148 -9.88 13.75 22.61
CA ALA D 148 -9.36 15.11 22.69
C ALA D 148 -10.42 16.06 23.26
N THR D 149 -11.69 15.88 22.86
CA THR D 149 -12.75 16.71 23.40
C THR D 149 -12.90 16.52 24.91
N ALA D 150 -12.84 15.28 25.37
CA ALA D 150 -12.92 15.00 26.80
C ALA D 150 -11.74 15.61 27.55
N LEU D 151 -10.53 15.50 26.98
CA LEU D 151 -9.36 16.11 27.61
C LEU D 151 -9.50 17.62 27.68
N TYR D 152 -10.03 18.24 26.62
CA TYR D 152 -10.25 19.68 26.64
C TYR D 152 -11.27 20.06 27.70
N LEU D 153 -12.36 19.30 27.81
CA LEU D 153 -13.42 19.61 28.77
C LEU D 153 -13.00 19.36 30.21
N ALA D 154 -11.88 18.67 30.43
CA ALA D 154 -11.41 18.39 31.78
C ALA D 154 -10.87 19.66 32.44
N ARG D 163 -21.85 17.05 38.15
CA ARG D 163 -21.24 15.74 38.04
C ARG D 163 -21.04 15.36 36.58
N VAL D 164 -19.97 14.60 36.30
CA VAL D 164 -19.66 14.10 34.98
C VAL D 164 -19.38 12.62 35.07
N THR D 165 -19.96 11.84 34.16
CA THR D 165 -19.80 10.40 34.13
C THR D 165 -19.43 9.93 32.74
N ARG D 166 -18.70 8.82 32.67
CA ARG D 166 -18.25 8.24 31.43
C ARG D 166 -18.35 6.72 31.51
N PRO D 167 -18.79 6.07 30.45
CA PRO D 167 -18.86 4.60 30.47
C PRO D 167 -17.48 3.96 30.56
N ALA D 168 -17.46 2.74 31.06
CA ALA D 168 -16.22 2.07 31.42
C ALA D 168 -15.61 1.37 30.22
N TYR D 169 -14.37 0.92 30.39
CA TYR D 169 -13.66 0.13 29.38
C TYR D 169 -13.59 -1.31 29.84
N GLY D 170 -14.23 -2.20 29.09
CA GLY D 170 -14.28 -3.60 29.47
C GLY D 170 -14.50 -4.49 28.27
N LEU D 171 -14.67 -5.78 28.55
CA LEU D 171 -14.78 -6.79 27.50
C LEU D 171 -16.23 -6.97 27.07
N PRO D 172 -16.47 -7.27 25.79
CA PRO D 172 -17.84 -7.41 25.30
C PRO D 172 -18.48 -8.73 25.71
N VAL D 173 -19.65 -9.02 25.18
CA VAL D 173 -20.41 -10.22 25.53
C VAL D 173 -20.38 -11.18 24.34
N GLY D 174 -20.33 -12.47 24.65
CA GLY D 174 -20.35 -13.50 23.63
C GLY D 174 -19.05 -13.60 22.85
N GLY D 175 -18.92 -14.61 22.00
CA GLY D 175 -17.76 -14.74 21.14
C GLY D 175 -16.72 -15.70 21.69
N SER D 176 -15.46 -15.29 21.64
CA SER D 176 -14.36 -16.14 22.07
C SER D 176 -13.22 -15.26 22.55
N LEU D 177 -12.61 -15.64 23.68
CA LEU D 177 -11.53 -14.86 24.25
C LEU D 177 -10.31 -14.77 23.35
N GLU D 178 -10.14 -15.73 22.44
CA GLU D 178 -9.01 -15.72 21.52
C GLU D 178 -9.22 -14.76 20.35
N TYR D 179 -10.40 -14.19 20.21
CA TYR D 179 -10.71 -13.24 19.13
C TYR D 179 -10.72 -11.80 19.62
N ALA D 180 -9.83 -11.46 20.54
CA ALA D 180 -9.79 -10.13 21.15
C ALA D 180 -8.44 -9.48 20.86
N ASP D 181 -8.22 -8.32 21.49
CA ASP D 181 -7.01 -7.54 21.29
C ASP D 181 -6.30 -7.34 22.62
N GLU D 182 -4.99 -7.09 22.53
CA GLU D 182 -4.15 -7.08 23.72
C GLU D 182 -4.49 -5.92 24.65
N VAL D 183 -4.72 -4.73 24.08
CA VAL D 183 -4.99 -3.55 24.89
C VAL D 183 -6.27 -3.73 25.70
N THR D 184 -7.29 -4.33 25.08
CA THR D 184 -8.52 -4.61 25.81
C THR D 184 -8.28 -5.59 26.94
N LEU D 185 -7.47 -6.61 26.69
CA LEU D 185 -7.11 -7.57 27.75
C LEU D 185 -6.45 -6.85 28.92
N GLY D 186 -5.46 -6.00 28.61
CA GLY D 186 -4.75 -5.30 29.66
C GLY D 186 -5.66 -4.37 30.45
N ARG D 187 -6.49 -3.60 29.75
CA ARG D 187 -7.37 -2.67 30.44
C ARG D 187 -8.40 -3.41 31.29
N ALA D 188 -8.90 -4.55 30.81
CA ALA D 188 -9.83 -5.34 31.61
C ALA D 188 -9.16 -5.93 32.83
N LEU D 189 -7.89 -6.36 32.69
CA LEU D 189 -7.14 -6.86 33.83
C LEU D 189 -6.90 -5.77 34.87
N GLU D 190 -6.59 -4.55 34.41
CA GLU D 190 -6.37 -3.44 35.33
C GLU D 190 -7.66 -2.74 35.73
N GLY D 191 -8.69 -2.80 34.89
CA GLY D 191 -10.02 -2.35 35.26
C GLY D 191 -10.85 -3.37 36.01
N ARG D 192 -10.25 -4.46 36.46
CA ARG D 192 -10.99 -5.51 37.16
C ARG D 192 -11.69 -4.94 38.40
N ARG D 193 -12.98 -5.18 38.50
CA ARG D 193 -13.81 -4.63 39.55
C ARG D 193 -14.03 -5.64 40.66
N PRO D 194 -14.30 -5.18 41.88
CA PRO D 194 -14.65 -6.11 42.96
C PRO D 194 -16.14 -6.35 43.05
N VAL D 195 -16.51 -7.62 43.21
CA VAL D 195 -17.91 -8.01 43.32
C VAL D 195 -18.10 -8.94 44.51
N LYS E 10 -8.99 -40.06 4.29
CA LYS E 10 -8.24 -39.83 5.51
C LYS E 10 -7.38 -38.58 5.39
N LEU E 11 -6.78 -38.39 4.21
CA LEU E 11 -5.97 -37.20 3.98
C LEU E 11 -6.85 -35.96 3.83
N THR E 12 -7.91 -36.06 3.02
CA THR E 12 -8.79 -34.92 2.79
C THR E 12 -9.40 -34.40 4.09
N ARG E 13 -9.82 -35.31 4.96
CA ARG E 13 -10.46 -34.89 6.21
C ARG E 13 -9.44 -34.28 7.17
N ALA E 14 -8.24 -34.85 7.24
CA ALA E 14 -7.19 -34.28 8.08
C ALA E 14 -6.82 -32.88 7.61
N LEU E 15 -6.65 -32.70 6.29
CA LEU E 15 -6.35 -31.38 5.75
C LEU E 15 -7.50 -30.40 5.98
N SER E 16 -8.75 -30.87 5.93
CA SER E 16 -9.88 -29.99 6.18
C SER E 16 -10.04 -29.63 7.65
N ARG E 17 -9.54 -30.49 8.56
CA ARG E 17 -9.57 -30.16 9.97
C ARG E 17 -8.67 -28.98 10.32
N LEU E 18 -7.71 -28.65 9.47
CA LEU E 18 -6.84 -27.51 9.74
C LEU E 18 -7.61 -26.20 9.58
N PRO E 19 -7.41 -25.23 10.48
CA PRO E 19 -8.13 -23.95 10.46
C PRO E 19 -7.71 -23.06 9.29
N PRO E 23 -8.97 -25.61 1.69
CA PRO E 23 -9.52 -26.34 0.55
C PRO E 23 -8.50 -26.54 -0.56
N LYS E 24 -8.32 -25.53 -1.41
CA LYS E 24 -7.37 -25.63 -2.51
C LYS E 24 -5.94 -25.60 -2.00
N THR E 25 -5.65 -24.75 -1.02
CA THR E 25 -4.31 -24.73 -0.42
C THR E 25 -4.04 -26.01 0.36
N ALA E 26 -5.02 -26.46 1.15
CA ALA E 26 -4.91 -27.74 1.84
C ALA E 26 -4.57 -28.87 0.88
N GLN E 27 -5.26 -28.91 -0.26
CA GLN E 27 -5.04 -29.98 -1.24
C GLN E 27 -3.67 -29.85 -1.88
N ARG E 28 -3.30 -28.64 -2.30
CA ARG E 28 -1.99 -28.44 -2.90
C ARG E 28 -0.88 -28.85 -1.94
N LEU E 29 -1.04 -28.52 -0.65
CA LEU E 29 -0.02 -28.86 0.33
C LEU E 29 0.03 -30.36 0.58
N ALA E 30 -1.12 -31.01 0.63
CA ALA E 30 -1.15 -32.46 0.78
C ALA E 30 -0.46 -33.14 -0.41
N LEU E 31 -0.76 -32.68 -1.63
CA LEU E 31 -0.10 -33.21 -2.81
C LEU E 31 1.41 -33.01 -2.75
N HIS E 32 1.86 -31.79 -2.39
CA HIS E 32 3.29 -31.56 -2.24
C HIS E 32 3.92 -32.48 -1.22
N LEU E 33 3.23 -32.69 -0.08
CA LEU E 33 3.78 -33.57 0.95
C LEU E 33 3.89 -35.00 0.43
N ALA E 34 2.90 -35.44 -0.34
CA ALA E 34 2.97 -36.75 -0.99
C ALA E 34 4.18 -36.81 -1.94
N PHE E 35 4.46 -35.71 -2.63
CA PHE E 35 5.60 -35.65 -3.54
C PHE E 35 6.90 -35.26 -2.83
N HIS E 36 6.86 -34.99 -1.53
CA HIS E 36 8.05 -34.61 -0.76
C HIS E 36 8.06 -35.45 0.52
N LYS E 37 8.59 -36.68 0.41
CA LYS E 37 8.60 -37.58 1.55
C LYS E 37 9.42 -37.03 2.71
N GLU E 38 10.57 -36.43 2.40
CA GLU E 38 11.48 -35.97 3.44
C GLU E 38 10.80 -34.97 4.37
N GLU E 39 10.08 -34.00 3.80
CA GLU E 39 9.37 -33.02 4.62
C GLU E 39 8.36 -33.71 5.53
N ALA E 40 7.67 -34.73 5.02
CA ALA E 40 6.69 -35.45 5.83
C ALA E 40 7.36 -36.18 6.99
N GLU E 41 8.50 -36.82 6.72
CA GLU E 41 9.24 -37.48 7.79
C GLU E 41 9.73 -36.47 8.83
N ALA E 42 10.26 -35.32 8.38
CA ALA E 42 10.67 -34.28 9.31
C ALA E 42 9.50 -33.79 10.16
N LEU E 43 8.31 -33.70 9.56
CA LEU E 43 7.14 -33.26 10.32
C LEU E 43 6.71 -34.30 11.33
N ALA E 44 6.75 -35.58 10.96
CA ALA E 44 6.47 -36.64 11.93
C ALA E 44 7.49 -36.63 13.07
N GLU E 45 8.76 -36.36 12.74
CA GLU E 45 9.79 -36.26 13.78
C GLU E 45 9.50 -35.11 14.73
N ALA E 46 9.15 -33.94 14.19
CA ALA E 46 8.82 -32.80 15.03
C ALA E 46 7.58 -33.08 15.89
N LEU E 47 6.62 -33.82 15.33
CA LEU E 47 5.41 -34.15 16.08
C LEU E 47 5.72 -35.10 17.23
N GLU E 48 6.53 -36.13 16.98
CA GLU E 48 6.99 -36.99 18.07
C GLU E 48 7.77 -36.21 19.11
N GLY E 49 8.67 -35.33 18.67
CA GLY E 49 9.36 -34.44 19.60
C GLY E 49 8.42 -33.65 20.47
N ILE E 50 7.30 -33.18 19.90
CA ILE E 50 6.34 -32.41 20.67
C ILE E 50 5.57 -33.30 21.64
N LYS E 51 5.37 -34.57 21.29
CA LYS E 51 4.64 -35.52 22.13
C LYS E 51 5.23 -35.62 23.52
N ALA E 55 0.85 -29.94 30.00
CA ALA E 55 0.44 -28.90 30.92
C ALA E 55 1.18 -29.00 32.25
N CYS E 56 1.59 -27.85 32.78
CA CYS E 56 2.25 -27.83 34.09
C CYS E 56 1.28 -28.24 35.19
N ARG E 57 1.79 -29.00 36.16
CA ARG E 57 0.95 -29.51 37.24
C ARG E 57 0.25 -28.38 38.00
N GLU E 58 0.89 -27.22 38.12
CA GLU E 58 0.33 -26.10 38.88
C GLU E 58 -0.19 -24.99 37.99
N CYS E 59 0.63 -24.48 37.08
CA CYS E 59 0.21 -23.38 36.22
C CYS E 59 -0.69 -23.87 35.10
N GLY E 60 -0.26 -24.89 34.36
CA GLY E 60 -0.99 -25.38 33.22
C GLY E 60 -0.43 -24.98 31.87
N ASN E 61 0.64 -24.18 31.84
CA ASN E 61 1.27 -23.77 30.60
C ASN E 61 2.19 -24.88 30.10
N LEU E 62 2.98 -24.58 29.07
CA LEU E 62 3.94 -25.55 28.58
C LEU E 62 5.13 -25.64 29.51
N ALA E 63 5.85 -26.75 29.42
CA ALA E 63 6.98 -26.99 30.31
C ALA E 63 7.83 -28.13 29.75
N GLU E 64 9.15 -28.01 29.93
CA GLU E 64 10.07 -29.11 29.65
C GLU E 64 9.97 -30.11 30.80
N GLY E 65 9.30 -31.23 30.54
CA GLY E 65 9.09 -32.24 31.55
C GLY E 65 7.96 -31.92 32.51
N GLU E 66 8.27 -31.81 33.79
CA GLU E 66 7.23 -31.76 34.82
C GLU E 66 6.82 -30.33 35.17
N LEU E 67 7.77 -29.53 35.67
CA LEU E 67 7.50 -28.17 36.10
C LEU E 67 8.10 -27.18 35.11
N CYS E 68 7.39 -26.08 34.88
CA CYS E 68 7.89 -25.03 34.02
C CYS E 68 9.02 -24.26 34.69
N PRO E 69 9.83 -23.53 33.91
CA PRO E 69 10.92 -22.75 34.53
C PRO E 69 10.45 -21.73 35.56
N ILE E 70 9.23 -21.22 35.41
CA ILE E 70 8.71 -20.24 36.38
C ILE E 70 8.49 -20.91 37.73
N CYS E 71 7.83 -22.06 37.74
CA CYS E 71 7.54 -22.75 39.00
C CYS E 71 8.84 -23.21 39.67
N GLN E 72 9.81 -23.65 38.88
CA GLN E 72 11.10 -24.06 39.43
C GLN E 72 12.08 -22.89 39.47
N ARG E 78 2.18 -14.66 44.02
CA ARG E 78 1.36 -15.84 44.27
C ARG E 78 0.17 -15.51 45.15
N SER E 79 0.10 -14.25 45.61
CA SER E 79 -1.10 -13.77 46.26
C SER E 79 -2.26 -13.63 45.28
N LEU E 80 -1.96 -13.43 44.00
CA LEU E 80 -2.98 -13.31 42.97
C LEU E 80 -3.14 -14.63 42.22
N LEU E 81 -4.39 -14.95 41.89
CA LEU E 81 -4.69 -16.15 41.11
C LEU E 81 -5.77 -15.83 40.09
N ALA E 82 -5.63 -16.38 38.90
CA ALA E 82 -6.54 -16.11 37.78
C ALA E 82 -7.20 -17.41 37.35
N VAL E 83 -8.51 -17.48 37.51
CA VAL E 83 -9.28 -18.62 37.02
C VAL E 83 -9.53 -18.45 35.53
N VAL E 84 -9.36 -19.54 34.79
CA VAL E 84 -9.37 -19.49 33.32
C VAL E 84 -10.04 -20.75 32.79
N GLU E 85 -10.70 -20.61 31.64
CA GLU E 85 -11.47 -21.70 31.07
C GLU E 85 -10.59 -22.72 30.35
N SER E 86 -9.54 -22.24 29.67
CA SER E 86 -8.72 -23.11 28.84
C SER E 86 -7.29 -22.61 28.83
N VAL E 87 -6.40 -23.44 28.33
CA VAL E 87 -4.97 -23.11 28.29
C VAL E 87 -4.72 -21.97 27.30
N ALA E 88 -5.42 -21.98 26.16
CA ALA E 88 -5.33 -20.89 25.20
C ALA E 88 -5.59 -19.55 25.86
N ASP E 89 -6.62 -19.48 26.72
CA ASP E 89 -6.91 -18.23 27.43
C ASP E 89 -5.76 -17.85 28.36
N LEU E 90 -5.26 -18.82 29.13
CA LEU E 90 -4.09 -18.61 29.98
C LEU E 90 -2.94 -17.96 29.19
N TYR E 91 -2.60 -18.56 28.04
CA TYR E 91 -1.51 -18.05 27.23
C TYR E 91 -1.80 -16.65 26.69
N ALA E 92 -3.03 -16.41 26.23
CA ALA E 92 -3.44 -15.06 25.83
C ALA E 92 -3.20 -14.06 26.95
N LEU E 93 -3.68 -14.38 28.16
CA LEU E 93 -3.46 -13.53 29.32
C LEU E 93 -1.97 -13.27 29.54
N GLU E 94 -1.15 -14.31 29.47
CA GLU E 94 0.28 -14.13 29.68
C GLU E 94 0.91 -13.24 28.61
N ARG E 95 0.46 -13.40 27.36
CA ARG E 95 0.87 -12.50 26.29
C ARG E 95 0.46 -11.06 26.57
N SER E 96 -0.66 -10.86 27.26
CA SER E 96 -1.09 -9.51 27.62
C SER E 96 -0.06 -8.82 28.51
N GLY E 97 0.61 -9.58 29.37
CA GLY E 97 1.66 -9.04 30.21
C GLY E 97 1.19 -8.39 31.49
N GLU E 98 -0.12 -8.27 31.71
CA GLU E 98 -0.66 -7.56 32.86
C GLU E 98 -1.07 -8.50 33.98
N PHE E 99 -0.41 -9.65 34.08
CA PHE E 99 -0.76 -10.66 35.10
C PHE E 99 0.49 -11.46 35.41
N ARG E 100 0.95 -11.39 36.66
CA ARG E 100 2.07 -12.19 37.14
C ARG E 100 1.68 -13.12 38.27
N GLY E 101 0.39 -13.41 38.42
CA GLY E 101 -0.08 -14.34 39.42
C GLY E 101 0.06 -15.79 38.98
N LEU E 102 -0.59 -16.66 39.73
CA LEU E 102 -0.69 -18.07 39.38
C LEU E 102 -2.04 -18.34 38.72
N TYR E 103 -2.17 -19.54 38.15
CA TYR E 103 -3.38 -19.94 37.46
C TYR E 103 -3.88 -21.28 38.01
N HIS E 104 -5.18 -21.49 37.91
CA HIS E 104 -5.80 -22.80 38.04
C HIS E 104 -6.58 -23.10 36.77
N VAL E 105 -6.23 -24.18 36.09
CA VAL E 105 -6.82 -24.52 34.80
C VAL E 105 -7.93 -25.53 35.05
N LEU E 106 -9.17 -25.13 34.77
CA LEU E 106 -10.29 -26.04 34.79
C LEU E 106 -10.27 -26.95 33.57
N GLY E 107 -11.20 -27.90 33.55
CA GLY E 107 -11.39 -28.76 32.40
C GLY E 107 -12.44 -28.29 31.42
N GLY E 108 -13.00 -27.10 31.61
CA GLY E 108 -14.11 -26.63 30.81
C GLY E 108 -15.11 -25.81 31.60
N ALA E 109 -16.38 -25.86 31.19
CA ALA E 109 -17.43 -25.11 31.83
C ALA E 109 -18.59 -26.03 32.15
N LEU E 110 -19.48 -25.58 33.03
CA LEU E 110 -20.67 -26.34 33.35
C LEU E 110 -21.62 -26.35 32.17
N ASN E 111 -22.23 -27.50 31.92
CA ASN E 111 -23.11 -27.66 30.77
C ASN E 111 -24.08 -28.81 30.99
N PRO E 112 -25.28 -28.55 31.51
CA PRO E 112 -26.28 -29.62 31.61
C PRO E 112 -26.56 -30.33 30.30
N LEU E 113 -26.57 -29.58 29.19
CA LEU E 113 -26.81 -30.18 27.88
C LEU E 113 -25.74 -31.17 27.49
N GLU E 114 -24.53 -31.05 28.04
CA GLU E 114 -23.45 -31.99 27.83
C GLU E 114 -23.16 -32.84 29.06
N GLY E 115 -24.07 -32.85 30.03
CA GLY E 115 -23.86 -33.60 31.26
C GLY E 115 -22.64 -33.18 32.05
N ILE E 116 -22.31 -31.89 32.03
CA ILE E 116 -21.15 -31.37 32.75
C ILE E 116 -21.66 -30.66 34.00
N GLY E 117 -21.15 -31.07 35.16
CA GLY E 117 -21.52 -30.46 36.41
C GLY E 117 -20.47 -30.69 37.48
N PRO E 118 -20.84 -30.43 38.75
CA PRO E 118 -19.86 -30.54 39.85
C PRO E 118 -19.12 -31.86 39.88
N LYS E 119 -19.71 -32.94 39.36
CA LYS E 119 -19.08 -34.25 39.33
C LYS E 119 -18.13 -34.42 38.14
N GLU E 120 -17.91 -33.36 37.36
CA GLU E 120 -17.07 -33.43 36.18
C GLU E 120 -15.92 -32.44 36.19
N LEU E 121 -15.95 -31.42 37.03
CA LEU E 121 -14.91 -30.41 37.09
C LEU E 121 -13.86 -30.78 38.12
N ASN E 122 -12.79 -29.98 38.19
CA ASN E 122 -11.68 -30.22 39.10
C ASN E 122 -11.79 -29.42 40.38
N LEU E 123 -13.02 -29.15 40.83
CA LEU E 123 -13.28 -28.40 42.06
C LEU E 123 -12.36 -28.83 43.21
N GLU E 124 -12.26 -30.14 43.43
CA GLU E 124 -11.45 -30.62 44.55
C GLU E 124 -9.97 -30.32 44.35
N GLY E 125 -9.49 -30.37 43.11
CA GLY E 125 -8.13 -29.91 42.84
C GLY E 125 -7.96 -28.43 43.08
N LEU E 126 -9.00 -27.65 42.77
CA LEU E 126 -8.97 -26.21 43.07
C LEU E 126 -8.84 -25.97 44.56
N PHE E 127 -9.63 -26.69 45.37
CA PHE E 127 -9.69 -26.42 46.80
C PHE E 127 -8.40 -26.80 47.52
N ARG E 128 -7.52 -27.58 46.89
CA ARG E 128 -6.25 -27.93 47.50
C ARG E 128 -5.23 -26.80 47.40
N ARG E 129 -5.49 -25.80 46.57
CA ARG E 129 -4.55 -24.72 46.32
C ARG E 129 -5.03 -23.38 46.87
N LEU E 130 -6.30 -23.27 47.26
CA LEU E 130 -6.88 -22.02 47.69
C LEU E 130 -6.69 -21.81 49.18
N GLU E 131 -6.53 -20.54 49.57
CA GLU E 131 -6.37 -20.13 50.95
C GLU E 131 -7.36 -19.02 51.26
N GLY E 132 -7.43 -18.65 52.54
CA GLY E 132 -8.40 -17.67 52.99
C GLY E 132 -8.23 -16.30 52.35
N VAL E 133 -7.04 -15.72 52.46
CA VAL E 133 -6.76 -14.42 51.86
C VAL E 133 -6.21 -14.65 50.46
N GLU E 134 -6.92 -14.14 49.45
CA GLU E 134 -6.59 -14.32 48.04
C GLU E 134 -7.67 -13.65 47.21
N GLU E 135 -7.35 -13.35 45.96
CA GLU E 135 -8.30 -12.82 45.00
C GLU E 135 -8.26 -13.68 43.75
N VAL E 136 -9.43 -14.11 43.29
CA VAL E 136 -9.56 -15.02 42.15
C VAL E 136 -10.26 -14.26 41.03
N VAL E 137 -9.51 -13.87 40.00
CA VAL E 137 -10.11 -13.22 38.84
C VAL E 137 -11.11 -14.16 38.19
N LEU E 138 -12.28 -13.63 37.85
CA LEU E 138 -13.35 -14.42 37.25
C LEU E 138 -13.34 -14.21 35.74
N ALA E 139 -12.43 -14.91 35.07
CA ALA E 139 -12.25 -14.77 33.62
C ALA E 139 -12.99 -15.87 32.87
N THR E 140 -14.26 -16.07 33.22
CA THR E 140 -15.11 -17.01 32.50
C THR E 140 -15.60 -16.41 31.19
N SER E 141 -16.23 -17.26 30.38
CA SER E 141 -16.76 -16.82 29.10
C SER E 141 -17.89 -15.81 29.31
N MET E 142 -18.13 -15.00 28.28
CA MET E 142 -19.15 -13.95 28.36
C MET E 142 -20.47 -14.42 27.77
N THR E 143 -20.95 -15.56 28.25
CA THR E 143 -22.16 -16.22 27.77
C THR E 143 -23.10 -16.42 28.96
N VAL E 144 -24.27 -17.01 28.69
CA VAL E 144 -25.15 -17.41 29.78
C VAL E 144 -24.49 -18.50 30.62
N GLU E 145 -23.78 -19.41 29.96
CA GLU E 145 -23.14 -20.51 30.66
C GLU E 145 -21.91 -20.04 31.43
N GLY E 146 -21.09 -19.20 30.81
CA GLY E 146 -19.94 -18.66 31.51
C GLY E 146 -20.33 -17.76 32.66
N GLU E 147 -21.42 -17.00 32.50
CA GLU E 147 -21.90 -16.18 33.61
C GLU E 147 -22.45 -17.04 34.74
N ALA E 148 -23.20 -18.08 34.40
CA ALA E 148 -23.69 -19.00 35.43
C ALA E 148 -22.53 -19.65 36.19
N THR E 149 -21.51 -20.09 35.47
CA THR E 149 -20.31 -20.63 36.11
C THR E 149 -19.64 -19.58 37.00
N ALA E 150 -19.54 -18.35 36.52
CA ALA E 150 -18.92 -17.28 37.29
C ALA E 150 -19.66 -17.07 38.62
N LEU E 151 -20.97 -16.89 38.54
CA LEU E 151 -21.78 -16.71 39.75
C LEU E 151 -21.68 -17.90 40.68
N TYR E 152 -21.68 -19.13 40.14
CA TYR E 152 -21.60 -20.32 40.98
C TYR E 152 -20.26 -20.37 41.71
N LEU E 153 -19.16 -20.14 40.99
CA LEU E 153 -17.84 -20.13 41.62
C LEU E 153 -17.74 -19.02 42.65
N ALA E 154 -18.31 -17.84 42.35
CA ALA E 154 -18.29 -16.74 43.31
C ALA E 154 -19.02 -17.11 44.60
N GLU E 155 -20.20 -17.70 44.46
CA GLU E 155 -20.94 -18.14 45.64
C GLU E 155 -20.16 -19.19 46.43
N GLU E 156 -19.60 -20.18 45.73
CA GLU E 156 -18.77 -21.19 46.39
C GLU E 156 -17.57 -20.58 47.10
N LEU E 157 -17.05 -19.46 46.58
CA LEU E 157 -15.89 -18.85 47.21
C LEU E 157 -16.29 -18.01 48.41
N LYS E 158 -17.41 -17.30 48.30
CA LYS E 158 -17.91 -16.51 49.43
C LYS E 158 -18.31 -17.42 50.59
N LYS E 159 -18.88 -18.59 50.27
CA LYS E 159 -19.13 -19.59 51.31
C LYS E 159 -17.83 -20.01 51.99
N ARG E 160 -16.77 -20.22 51.20
CA ARG E 160 -15.49 -20.70 51.70
C ARG E 160 -14.55 -19.56 52.10
N GLY E 161 -15.06 -18.34 52.21
CA GLY E 161 -14.31 -17.25 52.81
C GLY E 161 -13.13 -16.81 51.98
N VAL E 162 -13.41 -16.21 50.83
CA VAL E 162 -12.37 -15.66 49.96
C VAL E 162 -13.00 -14.58 49.10
N ARG E 163 -12.21 -13.57 48.75
CA ARG E 163 -12.72 -12.47 47.95
C ARG E 163 -13.17 -12.95 46.58
N VAL E 164 -14.17 -12.26 46.02
CA VAL E 164 -14.68 -12.52 44.69
C VAL E 164 -14.61 -11.21 43.90
N THR E 165 -13.91 -11.24 42.78
CA THR E 165 -13.82 -10.09 41.88
C THR E 165 -14.15 -10.52 40.46
N ARG E 166 -14.70 -9.58 39.69
CA ARG E 166 -15.14 -9.84 38.33
C ARG E 166 -14.58 -8.76 37.40
N PRO E 167 -13.94 -9.14 36.30
CA PRO E 167 -13.49 -8.14 35.31
C PRO E 167 -14.60 -7.18 34.89
N ALA E 168 -14.23 -6.01 34.39
CA ALA E 168 -15.22 -4.98 34.08
C ALA E 168 -15.98 -5.34 32.80
N TYR E 169 -17.29 -5.35 32.88
CA TYR E 169 -18.13 -5.28 31.69
C TYR E 169 -18.11 -3.87 31.11
N GLY E 170 -18.15 -3.79 29.79
CA GLY E 170 -18.23 -2.50 29.13
C GLY E 170 -17.97 -2.63 27.64
N LEU E 171 -17.72 -1.47 27.03
CA LEU E 171 -17.45 -1.42 25.60
C LEU E 171 -16.01 -1.81 25.31
N PRO E 172 -15.75 -2.51 24.20
CA PRO E 172 -14.38 -2.82 23.82
C PRO E 172 -13.70 -1.64 23.13
N VAL E 173 -12.36 -1.66 23.17
CA VAL E 173 -11.58 -0.63 22.52
C VAL E 173 -11.78 -0.70 21.01
N GLY E 174 -11.88 0.47 20.38
CA GLY E 174 -12.14 0.53 18.95
C GLY E 174 -13.53 0.13 18.53
N GLY E 175 -14.48 0.11 19.45
CA GLY E 175 -15.83 -0.34 19.15
C GLY E 175 -16.73 0.85 18.78
N SER E 176 -17.54 0.65 17.75
CA SER E 176 -18.53 1.64 17.35
C SER E 176 -19.84 1.40 18.07
N LEU E 177 -20.58 2.49 18.30
CA LEU E 177 -21.85 2.40 19.01
C LEU E 177 -22.93 1.77 18.12
N GLU E 178 -22.97 2.15 16.85
CA GLU E 178 -24.00 1.66 15.93
C GLU E 178 -24.07 0.13 15.92
N TYR E 179 -22.91 -0.53 15.94
CA TYR E 179 -22.86 -1.98 15.78
C TYR E 179 -22.80 -2.73 17.11
N ALA E 180 -22.69 -2.04 18.24
CA ALA E 180 -22.74 -2.70 19.54
C ALA E 180 -24.14 -3.23 19.81
N ASP E 181 -24.19 -4.35 20.51
CA ASP E 181 -25.46 -4.95 20.90
C ASP E 181 -26.06 -4.19 22.09
N GLU E 182 -27.38 -4.35 22.26
CA GLU E 182 -28.08 -3.58 23.28
C GLU E 182 -27.66 -3.97 24.68
N VAL E 183 -27.23 -5.23 24.87
CA VAL E 183 -26.82 -5.69 26.19
C VAL E 183 -25.48 -5.06 26.58
N THR E 184 -24.52 -5.05 25.66
CA THR E 184 -23.24 -4.42 25.91
C THR E 184 -23.42 -2.94 26.29
N LEU E 185 -24.25 -2.22 25.54
CA LEU E 185 -24.51 -0.81 25.84
C LEU E 185 -25.20 -0.66 27.19
N GLY E 186 -26.17 -1.53 27.49
CA GLY E 186 -26.86 -1.43 28.77
C GLY E 186 -25.93 -1.67 29.95
N ARG E 187 -25.01 -2.64 29.81
CA ARG E 187 -24.02 -2.87 30.85
C ARG E 187 -23.05 -1.70 30.97
N ALA E 188 -22.63 -1.14 29.83
CA ALA E 188 -21.79 0.06 29.85
C ALA E 188 -22.46 1.18 30.64
N LEU E 189 -23.74 1.42 30.37
CA LEU E 189 -24.49 2.44 31.08
C LEU E 189 -24.56 2.14 32.57
N GLU E 190 -25.14 0.98 32.92
CA GLU E 190 -25.28 0.60 34.32
C GLU E 190 -23.95 0.64 35.06
N GLY E 191 -22.85 0.30 34.38
CA GLY E 191 -21.56 0.25 35.02
C GLY E 191 -20.70 1.46 34.76
N ARG E 192 -21.34 2.61 34.53
CA ARG E 192 -20.61 3.83 34.22
C ARG E 192 -19.85 4.33 35.44
N ARG E 193 -18.67 4.91 35.19
CA ARG E 193 -17.75 5.30 36.24
C ARG E 193 -17.59 6.82 36.29
N PRO E 194 -17.30 7.39 37.45
CA PRO E 194 -17.01 8.82 37.52
C PRO E 194 -15.68 9.13 36.86
N VAL E 195 -15.54 10.40 36.46
CA VAL E 195 -14.30 10.89 35.85
C VAL E 195 -14.07 12.34 36.22
N PRO F 5 9.03 -24.90 23.34
CA PRO F 5 10.34 -25.56 23.52
C PRO F 5 11.09 -25.73 22.20
N GLU F 6 12.22 -26.44 22.25
CA GLU F 6 12.98 -26.72 21.03
C GLU F 6 12.15 -27.55 20.04
N SER F 7 11.35 -28.48 20.55
CA SER F 7 10.43 -29.22 19.69
C SER F 7 9.43 -28.28 19.01
N LEU F 8 8.90 -27.32 19.76
CA LEU F 8 8.02 -26.31 19.17
C LEU F 8 8.77 -25.49 18.12
N LEU F 9 10.04 -25.19 18.38
CA LEU F 9 10.84 -24.43 17.43
C LEU F 9 10.99 -25.20 16.12
N LYS F 10 11.33 -26.48 16.21
CA LYS F 10 11.51 -27.28 15.00
C LYS F 10 10.19 -27.52 14.29
N LEU F 11 9.09 -27.64 15.04
CA LEU F 11 7.78 -27.77 14.40
C LEU F 11 7.42 -26.50 13.64
N THR F 12 7.68 -25.34 14.22
CA THR F 12 7.43 -24.08 13.52
C THR F 12 8.33 -23.94 12.30
N ARG F 13 9.58 -24.39 12.40
CA ARG F 13 10.47 -24.38 11.25
C ARG F 13 9.93 -25.27 10.14
N ALA F 14 9.47 -26.47 10.48
CA ALA F 14 8.91 -27.38 9.50
C ALA F 14 7.68 -26.79 8.84
N LEU F 15 6.81 -26.15 9.63
CA LEU F 15 5.60 -25.56 9.06
C LEU F 15 5.93 -24.39 8.15
N SER F 16 6.86 -23.52 8.56
CA SER F 16 7.24 -22.39 7.74
C SER F 16 7.93 -22.83 6.45
N ARG F 17 8.68 -23.94 6.50
CA ARG F 17 9.41 -24.39 5.33
C ARG F 17 8.47 -24.79 4.19
N LEU F 18 7.37 -25.47 4.53
CA LEU F 18 6.45 -25.93 3.51
C LEU F 18 5.75 -24.74 2.85
N PRO F 19 5.42 -24.85 1.57
CA PRO F 19 4.90 -23.69 0.83
C PRO F 19 3.52 -23.28 1.32
N GLY F 20 3.15 -22.05 0.98
CA GLY F 20 1.82 -21.55 1.28
C GLY F 20 1.50 -21.44 2.76
N ILE F 21 2.45 -20.95 3.55
CA ILE F 21 2.26 -20.79 4.98
C ILE F 21 2.84 -19.45 5.42
N GLY F 22 2.30 -18.92 6.51
CA GLY F 22 2.83 -17.74 7.14
C GLY F 22 3.50 -18.05 8.46
N PRO F 23 4.61 -17.34 8.76
CA PRO F 23 5.27 -17.58 10.06
C PRO F 23 4.36 -17.33 11.24
N LYS F 24 3.53 -16.28 11.19
CA LYS F 24 2.52 -16.09 12.22
C LYS F 24 1.49 -17.22 12.19
N THR F 25 1.07 -17.62 10.99
CA THR F 25 0.17 -18.76 10.86
C THR F 25 0.83 -20.03 11.37
N ALA F 26 2.12 -20.22 11.06
CA ALA F 26 2.85 -21.39 11.55
C ALA F 26 2.87 -21.42 13.07
N GLN F 27 3.15 -20.27 13.70
CA GLN F 27 3.21 -20.22 15.16
C GLN F 27 1.84 -20.47 15.77
N ARG F 28 0.79 -19.88 15.19
CA ARG F 28 -0.55 -20.06 15.74
C ARG F 28 -1.01 -21.50 15.58
N LEU F 29 -0.65 -22.16 14.47
CA LEU F 29 -1.00 -23.56 14.32
C LEU F 29 -0.17 -24.45 15.23
N ALA F 30 1.07 -24.06 15.52
CA ALA F 30 1.87 -24.79 16.49
C ALA F 30 1.25 -24.71 17.89
N LEU F 31 0.79 -23.52 18.29
CA LEU F 31 0.12 -23.39 19.57
C LEU F 31 -1.20 -24.14 19.58
N HIS F 32 -1.93 -24.14 18.46
CA HIS F 32 -3.19 -24.87 18.38
C HIS F 32 -2.98 -26.37 18.52
N LEU F 33 -1.90 -26.89 17.92
CA LEU F 33 -1.60 -28.32 18.08
C LEU F 33 -1.02 -28.62 19.46
N ALA F 34 -0.36 -27.65 20.10
CA ALA F 34 -0.03 -27.80 21.51
C ALA F 34 -1.29 -27.87 22.36
N PHE F 35 -2.36 -27.21 21.93
CA PHE F 35 -3.63 -27.28 22.66
C PHE F 35 -4.37 -28.58 22.40
N HIS F 36 -4.28 -29.12 21.18
CA HIS F 36 -4.99 -30.34 20.78
C HIS F 36 -3.97 -31.46 20.58
N LYS F 37 -3.98 -32.44 21.50
CA LYS F 37 -2.99 -33.50 21.45
C LYS F 37 -3.46 -34.71 20.66
N GLU F 38 -4.78 -34.95 20.58
CA GLU F 38 -5.27 -36.08 19.81
C GLU F 38 -5.18 -35.79 18.31
N GLU F 39 -5.40 -34.53 17.91
CA GLU F 39 -5.27 -34.17 16.51
C GLU F 39 -3.85 -34.38 16.00
N ALA F 40 -2.87 -34.33 16.90
CA ALA F 40 -1.49 -34.60 16.52
C ALA F 40 -1.35 -36.01 15.94
N GLU F 41 -1.69 -37.01 16.74
CA GLU F 41 -1.58 -38.39 16.27
C GLU F 41 -2.59 -38.69 15.17
N ALA F 42 -3.72 -37.99 15.17
CA ALA F 42 -4.68 -38.16 14.08
C ALA F 42 -4.07 -37.75 12.74
N LEU F 43 -3.43 -36.58 12.70
CA LEU F 43 -2.72 -36.15 11.50
C LEU F 43 -1.56 -37.09 11.18
N ALA F 44 -0.85 -37.56 12.21
CA ALA F 44 0.28 -38.45 11.99
C ALA F 44 -0.17 -39.74 11.30
N GLU F 45 -1.30 -40.30 11.74
CA GLU F 45 -1.80 -41.53 11.15
C GLU F 45 -2.43 -41.29 9.78
N ALA F 46 -3.10 -40.14 9.59
CA ALA F 46 -3.64 -39.81 8.28
C ALA F 46 -2.57 -39.42 7.28
N LEU F 47 -1.34 -39.18 7.73
CA LEU F 47 -0.27 -38.80 6.80
C LEU F 47 0.05 -39.95 5.84
N GLU F 48 0.13 -41.18 6.35
CA GLU F 48 0.51 -42.32 5.54
C GLU F 48 -0.64 -42.76 4.64
N VAL F 53 -1.92 -45.69 -3.28
CA VAL F 53 -1.92 -44.71 -4.35
C VAL F 53 -0.50 -44.44 -4.83
N ARG F 54 -0.26 -44.66 -6.12
CA ARG F 54 1.06 -44.47 -6.71
C ARG F 54 0.89 -44.06 -8.17
N ALA F 55 2.01 -44.00 -8.90
CA ALA F 55 1.96 -43.63 -10.30
C ALA F 55 1.18 -44.66 -11.11
N CYS F 56 0.40 -44.17 -12.06
CA CYS F 56 -0.38 -45.05 -12.93
C CYS F 56 0.55 -45.93 -13.76
N ARG F 57 0.12 -47.17 -14.01
CA ARG F 57 0.92 -48.09 -14.80
C ARG F 57 1.06 -47.61 -16.24
N GLU F 58 -0.01 -47.06 -16.82
CA GLU F 58 0.02 -46.60 -18.20
C GLU F 58 0.34 -45.10 -18.30
N CYS F 59 -0.49 -44.26 -17.71
CA CYS F 59 -0.30 -42.82 -17.84
C CYS F 59 0.83 -42.30 -16.96
N GLY F 60 1.04 -42.91 -15.80
CA GLY F 60 2.00 -42.42 -14.84
C GLY F 60 1.46 -41.42 -13.83
N ASN F 61 0.18 -41.09 -13.90
CA ASN F 61 -0.42 -40.14 -12.97
C ASN F 61 -0.68 -40.81 -11.62
N LEU F 62 -0.87 -39.98 -10.60
CA LEU F 62 -1.32 -40.50 -9.31
C LEU F 62 -2.70 -41.12 -9.44
N ALA F 63 -2.84 -42.36 -8.97
CA ALA F 63 -4.04 -43.14 -9.18
C ALA F 63 -4.55 -43.66 -7.84
N GLU F 64 -5.86 -43.50 -7.61
CA GLU F 64 -6.53 -44.13 -6.48
C GLU F 64 -6.78 -45.60 -6.83
N GLY F 65 -5.71 -46.38 -6.73
CA GLY F 65 -5.76 -47.78 -7.14
C GLY F 65 -4.70 -48.12 -8.17
N GLU F 66 -5.11 -48.79 -9.26
CA GLU F 66 -4.17 -49.32 -10.24
C GLU F 66 -4.06 -48.47 -11.50
N LEU F 67 -5.17 -47.93 -11.98
CA LEU F 67 -5.17 -46.96 -13.08
C LEU F 67 -5.82 -45.67 -12.64
N CYS F 68 -5.30 -44.56 -13.15
CA CYS F 68 -5.95 -43.27 -12.96
C CYS F 68 -7.28 -43.24 -13.71
N PRO F 69 -8.23 -42.43 -13.23
CA PRO F 69 -9.55 -42.40 -13.89
C PRO F 69 -9.50 -41.98 -15.34
N ILE F 70 -8.42 -41.35 -15.79
CA ILE F 70 -8.29 -40.98 -17.20
C ILE F 70 -8.31 -42.22 -18.09
N CYS F 71 -7.49 -43.21 -17.74
CA CYS F 71 -7.46 -44.45 -18.52
C CYS F 71 -8.76 -45.23 -18.39
N GLN F 72 -9.30 -45.30 -17.18
CA GLN F 72 -10.49 -46.12 -16.92
C GLN F 72 -11.74 -45.48 -17.51
N SER F 79 -11.86 -40.88 -26.78
CA SER F 79 -10.61 -40.89 -27.54
C SER F 79 -10.08 -39.47 -27.75
N LEU F 80 -10.20 -38.64 -26.72
CA LEU F 80 -9.71 -37.27 -26.74
C LEU F 80 -8.58 -37.13 -25.73
N LEU F 81 -7.51 -36.45 -26.14
CA LEU F 81 -6.32 -36.31 -25.32
C LEU F 81 -6.03 -34.84 -25.05
N ALA F 82 -5.60 -34.55 -23.82
CA ALA F 82 -5.23 -33.21 -23.42
C ALA F 82 -3.92 -33.25 -22.65
N VAL F 83 -3.17 -32.15 -22.72
CA VAL F 83 -1.87 -32.03 -22.09
C VAL F 83 -1.91 -30.87 -21.11
N VAL F 84 -1.44 -31.10 -19.89
CA VAL F 84 -1.57 -30.14 -18.79
C VAL F 84 -0.23 -30.02 -18.08
N GLU F 85 0.02 -28.84 -17.50
CA GLU F 85 1.29 -28.61 -16.81
C GLU F 85 1.43 -29.53 -15.60
N SER F 86 0.43 -29.55 -14.73
CA SER F 86 0.55 -30.24 -13.45
C SER F 86 -0.82 -30.78 -13.04
N VAL F 87 -0.82 -31.57 -11.97
CA VAL F 87 -2.05 -32.22 -11.52
C VAL F 87 -3.07 -31.20 -11.04
N ALA F 88 -2.62 -30.03 -10.61
CA ALA F 88 -3.55 -29.03 -10.09
C ALA F 88 -4.52 -28.58 -11.18
N ASP F 89 -4.00 -28.16 -12.33
CA ASP F 89 -4.88 -27.81 -13.43
C ASP F 89 -5.63 -29.02 -13.97
N LEU F 90 -5.04 -30.22 -13.82
CA LEU F 90 -5.76 -31.44 -14.21
C LEU F 90 -7.05 -31.57 -13.42
N TYR F 91 -6.96 -31.48 -12.10
CA TYR F 91 -8.16 -31.58 -11.26
C TYR F 91 -9.09 -30.40 -11.49
N ALA F 92 -8.54 -29.20 -11.70
CA ALA F 92 -9.39 -28.04 -11.95
C ALA F 92 -10.20 -28.20 -13.22
N LEU F 93 -9.58 -28.77 -14.27
CA LEU F 93 -10.28 -28.96 -15.53
C LEU F 93 -11.27 -30.10 -15.45
N GLU F 94 -10.91 -31.19 -14.77
CA GLU F 94 -11.80 -32.33 -14.67
C GLU F 94 -13.01 -32.04 -13.78
N ARG F 95 -12.82 -31.21 -12.75
CA ARG F 95 -13.90 -30.93 -11.82
C ARG F 95 -15.09 -30.28 -12.51
N SER F 96 -14.83 -29.32 -13.40
CA SER F 96 -15.92 -28.70 -14.14
C SER F 96 -16.58 -29.71 -15.09
N GLY F 97 -15.81 -30.65 -15.61
CA GLY F 97 -16.36 -31.77 -16.36
C GLY F 97 -17.07 -31.44 -17.66
N GLU F 98 -16.48 -30.56 -18.47
CA GLU F 98 -17.07 -30.29 -19.78
C GLU F 98 -16.96 -31.49 -20.71
N PHE F 99 -15.82 -32.20 -20.67
CA PHE F 99 -15.59 -33.33 -21.53
C PHE F 99 -14.89 -34.43 -20.74
N ARG F 100 -14.89 -35.63 -21.32
CA ARG F 100 -14.19 -36.78 -20.75
C ARG F 100 -13.28 -37.36 -21.82
N GLY F 101 -12.03 -37.60 -21.46
CA GLY F 101 -11.08 -38.16 -22.40
C GLY F 101 -9.79 -38.56 -21.71
N LEU F 102 -8.83 -38.99 -22.51
CA LEU F 102 -7.52 -39.33 -21.99
C LEU F 102 -6.81 -38.07 -21.51
N TYR F 103 -6.14 -38.18 -20.36
CA TYR F 103 -5.53 -37.04 -19.70
C TYR F 103 -4.04 -37.28 -19.56
N HIS F 104 -3.24 -36.24 -19.83
CA HIS F 104 -1.79 -36.32 -19.72
C HIS F 104 -1.27 -35.13 -18.95
N VAL F 105 -0.19 -35.36 -18.20
CA VAL F 105 0.41 -34.34 -17.35
C VAL F 105 1.90 -34.24 -17.67
N LEU F 106 2.41 -33.01 -17.73
CA LEU F 106 3.82 -32.77 -17.97
C LEU F 106 4.57 -32.60 -16.65
N GLY F 107 5.89 -32.57 -16.75
CA GLY F 107 6.71 -32.27 -15.58
C GLY F 107 6.54 -30.83 -15.13
N GLY F 108 6.40 -29.91 -16.07
CA GLY F 108 6.26 -28.50 -15.73
C GLY F 108 6.33 -27.65 -16.98
N ALA F 109 6.67 -26.37 -16.78
CA ALA F 109 6.77 -25.43 -17.88
C ALA F 109 8.12 -25.62 -18.58
N LEU F 110 8.46 -24.71 -19.50
CA LEU F 110 9.69 -24.78 -20.28
C LEU F 110 10.35 -23.40 -20.26
N ASN F 111 11.23 -23.19 -19.28
CA ASN F 111 11.94 -21.93 -19.15
C ASN F 111 13.43 -22.19 -18.95
N PRO F 112 14.31 -21.54 -19.70
CA PRO F 112 15.74 -21.81 -19.58
C PRO F 112 16.45 -21.02 -18.49
N LEU F 113 15.74 -20.14 -17.78
CA LEU F 113 16.40 -19.36 -16.73
C LEU F 113 16.92 -20.26 -15.61
N GLU F 114 16.12 -21.25 -15.21
CA GLU F 114 16.52 -22.18 -14.16
C GLU F 114 16.76 -23.59 -14.70
N GLY F 115 16.97 -23.72 -16.01
CA GLY F 115 17.46 -24.95 -16.59
C GLY F 115 16.47 -26.11 -16.64
N ILE F 116 15.38 -25.95 -17.37
CA ILE F 116 14.45 -27.04 -17.66
C ILE F 116 14.28 -27.10 -19.16
N GLY F 117 14.95 -28.06 -19.80
CA GLY F 117 14.82 -28.27 -21.22
C GLY F 117 13.83 -29.37 -21.54
N PRO F 118 13.73 -29.74 -22.82
CA PRO F 118 12.83 -30.84 -23.19
C PRO F 118 13.19 -32.16 -22.53
N LYS F 119 14.48 -32.41 -22.30
CA LYS F 119 14.88 -33.67 -21.67
C LYS F 119 14.37 -33.76 -20.24
N GLU F 120 14.41 -32.65 -19.50
CA GLU F 120 13.95 -32.67 -18.12
C GLU F 120 12.44 -32.88 -18.01
N LEU F 121 11.71 -32.74 -19.11
CA LEU F 121 10.28 -32.99 -19.12
C LEU F 121 10.01 -34.41 -19.59
N ASN F 122 8.73 -34.78 -19.60
CA ASN F 122 8.28 -36.12 -19.96
C ASN F 122 7.77 -36.21 -21.38
N LEU F 123 8.36 -35.47 -22.33
CA LEU F 123 7.94 -35.56 -23.72
C LEU F 123 8.13 -36.96 -24.29
N GLU F 124 9.16 -37.68 -23.84
CA GLU F 124 9.41 -39.02 -24.36
C GLU F 124 8.26 -39.96 -24.07
N GLY F 125 7.72 -39.89 -22.85
CA GLY F 125 6.60 -40.76 -22.49
C GLY F 125 5.36 -40.49 -23.32
N LEU F 126 5.13 -39.22 -23.66
CA LEU F 126 3.97 -38.83 -24.44
C LEU F 126 3.99 -39.45 -25.83
N PHE F 127 5.19 -39.73 -26.34
CA PHE F 127 5.35 -40.22 -27.71
C PHE F 127 5.08 -41.70 -27.86
N ARG F 128 4.90 -42.43 -26.76
CA ARG F 128 4.68 -43.87 -26.86
C ARG F 128 3.27 -44.21 -27.31
N ARG F 129 2.27 -43.39 -26.95
CA ARG F 129 0.89 -43.78 -27.14
C ARG F 129 0.11 -42.83 -28.04
N LEU F 130 0.69 -42.46 -29.19
CA LEU F 130 -0.06 -41.71 -30.19
C LEU F 130 -1.06 -42.57 -30.96
N GLU F 131 -1.01 -43.89 -30.78
CA GLU F 131 -1.89 -44.78 -31.53
C GLU F 131 -3.34 -44.56 -31.14
N GLY F 132 -4.22 -44.55 -32.14
CA GLY F 132 -5.63 -44.36 -31.90
C GLY F 132 -6.05 -42.94 -31.58
N VAL F 133 -5.14 -41.97 -31.72
CA VAL F 133 -5.42 -40.58 -31.40
C VAL F 133 -5.85 -39.86 -32.67
N GLU F 134 -6.99 -39.18 -32.61
CA GLU F 134 -7.50 -38.41 -33.72
C GLU F 134 -7.54 -36.91 -33.46
N GLU F 135 -7.37 -36.49 -32.20
CA GLU F 135 -7.44 -35.08 -31.84
C GLU F 135 -6.71 -34.87 -30.52
N VAL F 136 -5.98 -33.77 -30.42
CA VAL F 136 -5.28 -33.40 -29.21
C VAL F 136 -5.47 -31.90 -28.97
N VAL F 137 -5.73 -31.54 -27.73
CA VAL F 137 -5.91 -30.14 -27.33
C VAL F 137 -4.87 -29.80 -26.27
N LEU F 138 -4.23 -28.65 -26.42
CA LEU F 138 -3.16 -28.24 -25.53
C LEU F 138 -3.71 -27.22 -24.53
N ALA F 139 -4.12 -27.72 -23.37
CA ALA F 139 -4.62 -26.86 -22.30
C ALA F 139 -3.41 -26.39 -21.49
N THR F 140 -2.96 -25.17 -21.78
CA THR F 140 -1.72 -24.65 -21.21
C THR F 140 -1.98 -23.25 -20.67
N SER F 141 -1.19 -22.87 -19.66
CA SER F 141 -1.39 -21.60 -18.96
C SER F 141 -1.17 -20.41 -19.88
N MET F 142 -1.42 -19.20 -19.37
CA MET F 142 -1.36 -17.98 -20.17
C MET F 142 -0.03 -17.24 -20.05
N THR F 143 0.95 -17.81 -19.35
CA THR F 143 2.25 -17.18 -19.27
C THR F 143 3.03 -17.41 -20.56
N VAL F 144 4.13 -16.67 -20.70
CA VAL F 144 4.94 -16.78 -21.91
C VAL F 144 5.58 -18.16 -22.02
N GLU F 145 5.97 -18.76 -20.89
CA GLU F 145 6.52 -20.11 -20.93
C GLU F 145 5.48 -21.10 -21.45
N GLY F 146 4.23 -20.93 -21.04
CA GLY F 146 3.18 -21.79 -21.56
C GLY F 146 3.01 -21.65 -23.06
N GLU F 147 3.07 -20.42 -23.57
CA GLU F 147 2.95 -20.20 -25.02
C GLU F 147 4.12 -20.83 -25.76
N ALA F 148 5.33 -20.69 -25.23
CA ALA F 148 6.49 -21.32 -25.88
C ALA F 148 6.36 -22.83 -25.88
N THR F 149 5.91 -23.41 -24.77
CA THR F 149 5.71 -24.86 -24.71
C THR F 149 4.66 -25.30 -25.72
N ALA F 150 3.56 -24.54 -25.83
CA ALA F 150 2.52 -24.88 -26.78
C ALA F 150 3.03 -24.81 -28.20
N LEU F 151 3.84 -23.80 -28.52
CA LEU F 151 4.41 -23.69 -29.86
C LEU F 151 5.32 -24.87 -30.17
N TYR F 152 6.17 -25.25 -29.21
CA TYR F 152 7.07 -26.38 -29.43
C TYR F 152 6.28 -27.67 -29.63
N LEU F 153 5.26 -27.90 -28.80
CA LEU F 153 4.45 -29.10 -28.94
C LEU F 153 3.71 -29.12 -30.27
N ALA F 154 3.16 -27.98 -30.69
CA ALA F 154 2.45 -27.93 -31.96
C ALA F 154 3.39 -28.23 -33.11
N GLU F 155 4.60 -27.67 -33.08
CA GLU F 155 5.58 -27.95 -34.13
C GLU F 155 5.92 -29.43 -34.17
N GLU F 156 6.15 -30.03 -33.00
CA GLU F 156 6.54 -31.44 -32.97
C GLU F 156 5.41 -32.35 -33.47
N LEU F 157 4.19 -32.12 -33.00
CA LEU F 157 3.07 -32.94 -33.45
C LEU F 157 2.80 -32.75 -34.94
N LYS F 158 2.89 -31.51 -35.43
CA LYS F 158 2.73 -31.29 -36.86
C LYS F 158 3.82 -32.00 -37.66
N LYS F 159 5.04 -32.08 -37.12
CA LYS F 159 6.07 -32.89 -37.75
C LYS F 159 5.64 -34.36 -37.79
N ARG F 160 5.07 -34.85 -36.69
CA ARG F 160 4.49 -36.19 -36.71
C ARG F 160 3.19 -36.22 -37.51
N GLY F 161 2.34 -35.22 -37.30
CA GLY F 161 1.10 -35.06 -38.04
C GLY F 161 -0.14 -35.46 -37.26
N VAL F 162 -0.76 -34.48 -36.61
CA VAL F 162 -2.01 -34.59 -35.86
C VAL F 162 -2.63 -33.20 -35.81
N ARG F 163 -3.92 -33.09 -36.12
CA ARG F 163 -4.58 -31.80 -36.03
C ARG F 163 -4.73 -31.38 -34.57
N VAL F 164 -4.36 -30.15 -34.27
CA VAL F 164 -4.30 -29.67 -32.90
C VAL F 164 -5.19 -28.45 -32.73
N THR F 165 -5.63 -28.23 -31.49
CA THR F 165 -6.42 -27.06 -31.12
C THR F 165 -5.95 -26.55 -29.78
N ARG F 166 -6.32 -25.31 -29.47
CA ARG F 166 -6.01 -24.66 -28.21
C ARG F 166 -7.23 -23.92 -27.71
N PRO F 167 -7.39 -23.78 -26.40
CA PRO F 167 -8.50 -22.99 -25.86
C PRO F 167 -8.34 -21.52 -26.19
N ALA F 168 -9.48 -20.83 -26.23
CA ALA F 168 -9.50 -19.40 -26.52
C ALA F 168 -8.82 -18.61 -25.41
N LEU G 15 -37.14 -15.48 6.18
CA LEU G 15 -37.15 -14.93 7.54
C LEU G 15 -38.04 -15.74 8.46
N GLU G 16 -37.56 -16.00 9.67
CA GLU G 16 -38.30 -16.77 10.65
C GLU G 16 -38.07 -16.17 12.04
N GLU G 17 -39.00 -16.47 12.94
CA GLU G 17 -38.94 -16.00 14.32
C GLU G 17 -39.00 -17.19 15.27
N GLY G 18 -38.11 -17.22 16.25
CA GLY G 18 -38.02 -18.36 17.13
C GLY G 18 -37.18 -18.06 18.34
N ILE G 19 -36.81 -19.12 19.04
CA ILE G 19 -36.10 -19.02 20.31
C ILE G 19 -34.78 -19.77 20.19
N VAL G 20 -33.84 -19.41 21.06
CA VAL G 20 -32.54 -20.07 21.15
C VAL G 20 -32.59 -21.07 22.28
N VAL G 21 -32.45 -22.36 21.95
CA VAL G 21 -32.52 -23.43 22.94
C VAL G 21 -31.34 -24.38 22.86
N GLY G 22 -30.40 -24.16 21.94
CA GLY G 22 -29.24 -25.02 21.83
C GLY G 22 -28.01 -24.30 21.34
N ARG G 23 -26.90 -24.44 22.07
CA ARG G 23 -25.62 -23.83 21.71
C ARG G 23 -24.54 -24.91 21.79
N LYS G 24 -24.15 -25.44 20.63
CA LYS G 24 -23.05 -26.40 20.56
C LYS G 24 -21.87 -25.76 19.86
N PRO G 25 -20.79 -25.42 20.58
CA PRO G 25 -19.64 -24.78 19.94
C PRO G 25 -19.00 -25.71 18.91
N LEU G 26 -18.55 -25.12 17.80
CA LEU G 26 -17.88 -25.92 16.79
C LEU G 26 -16.37 -25.72 16.86
N PRO G 27 -15.60 -26.81 16.70
CA PRO G 27 -14.14 -26.70 16.92
C PRO G 27 -13.45 -25.71 15.99
N GLN G 28 -14.02 -25.45 14.81
CA GLN G 28 -13.44 -24.51 13.87
C GLN G 28 -13.81 -23.06 14.17
N GLY G 29 -14.30 -22.77 15.38
CA GLY G 29 -14.70 -21.44 15.74
C GLY G 29 -16.13 -21.09 15.42
N ASP G 30 -16.86 -21.96 14.71
CA ASP G 30 -18.24 -21.70 14.38
C ASP G 30 -19.14 -22.10 15.55
N LEU G 31 -20.45 -22.07 15.35
CA LEU G 31 -21.40 -22.38 16.40
C LEU G 31 -22.60 -23.12 15.80
N LEU G 32 -23.00 -24.21 16.44
CA LEU G 32 -24.21 -24.92 16.06
C LEU G 32 -25.40 -24.37 16.85
N LEU G 33 -26.42 -23.91 16.14
CA LEU G 33 -27.60 -23.31 16.76
C LEU G 33 -28.80 -24.23 16.58
N ARG G 34 -29.60 -24.34 17.65
CA ARG G 34 -30.84 -25.11 17.62
C ARG G 34 -31.99 -24.17 17.96
N LEU G 35 -32.97 -24.08 17.07
CA LEU G 35 -34.07 -23.14 17.21
C LEU G 35 -35.37 -23.83 16.87
N VAL G 36 -36.47 -23.32 17.43
CA VAL G 36 -37.81 -23.80 17.15
C VAL G 36 -38.70 -22.61 16.83
N THR G 37 -39.50 -22.74 15.77
CA THR G 37 -40.44 -21.70 15.39
C THR G 37 -41.87 -22.22 15.52
N PRO G 38 -42.89 -21.37 15.37
CA PRO G 38 -44.27 -21.86 15.33
C PRO G 38 -44.55 -22.79 14.15
N ARG G 39 -43.58 -22.98 13.27
CA ARG G 39 -43.72 -23.88 12.14
C ARG G 39 -42.95 -25.19 12.30
N GLY G 40 -42.14 -25.32 13.34
CA GLY G 40 -41.40 -26.54 13.59
C GLY G 40 -39.99 -26.23 14.03
N SER G 41 -39.34 -27.22 14.64
CA SER G 41 -37.96 -27.06 15.08
C SER G 41 -37.01 -27.12 13.89
N LEU G 42 -35.78 -26.67 14.12
CA LEU G 42 -34.76 -26.66 13.08
C LEU G 42 -33.39 -26.63 13.74
N GLU G 43 -32.37 -26.94 12.95
CA GLU G 43 -30.97 -26.78 13.33
C GLU G 43 -30.26 -25.92 12.32
N ALA G 44 -29.42 -25.01 12.81
CA ALA G 44 -28.74 -24.03 11.97
C ALA G 44 -27.31 -23.83 12.46
N VAL G 45 -26.49 -23.25 11.58
CA VAL G 45 -25.10 -22.97 11.90
C VAL G 45 -24.80 -21.52 11.56
N VAL G 46 -23.76 -20.99 12.19
CA VAL G 46 -23.31 -19.62 11.98
C VAL G 46 -21.80 -19.62 11.79
N ARG G 47 -21.31 -18.75 10.90
CA ARG G 47 -19.89 -18.54 10.76
C ARG G 47 -19.36 -17.70 11.92
N LYS G 48 -18.27 -18.17 12.53
CA LYS G 48 -17.70 -17.55 13.73
C LYS G 48 -18.71 -17.54 14.87
N LEU G 59 -28.35 -13.20 19.90
CA LEU G 59 -28.16 -14.62 19.62
C LEU G 59 -27.81 -15.39 20.87
N SER G 60 -27.88 -14.72 22.02
CA SER G 60 -27.61 -15.37 23.29
C SER G 60 -28.72 -16.37 23.63
N LEU G 61 -28.43 -17.22 24.62
CA LEU G 61 -29.33 -18.33 24.93
C LEU G 61 -30.66 -17.81 25.47
N PHE G 62 -31.74 -18.47 25.06
CA PHE G 62 -33.08 -18.24 25.59
C PHE G 62 -33.64 -16.88 25.20
N HIS G 63 -33.24 -16.37 24.04
CA HIS G 63 -33.69 -15.08 23.55
C HIS G 63 -34.62 -15.27 22.36
N HIS G 64 -35.78 -14.64 22.42
CA HIS G 64 -36.71 -14.62 21.28
C HIS G 64 -36.13 -13.77 20.17
N VAL G 65 -35.77 -14.41 19.06
CA VAL G 65 -35.00 -13.76 18.00
C VAL G 65 -35.71 -14.01 16.67
N ARG G 66 -35.65 -13.02 15.78
CA ARG G 66 -36.10 -13.16 14.40
C ARG G 66 -34.88 -13.23 13.50
N PHE G 67 -34.79 -14.30 12.70
CA PHE G 67 -33.58 -14.62 11.97
C PHE G 67 -33.92 -15.06 10.57
N GLN G 68 -32.97 -14.86 9.64
CA GLN G 68 -33.12 -15.27 8.25
C GLN G 68 -32.14 -16.39 7.96
N LEU G 69 -32.66 -17.52 7.47
CA LEU G 69 -31.87 -18.72 7.25
C LEU G 69 -31.57 -18.87 5.76
N TYR G 70 -30.35 -19.31 5.46
CA TYR G 70 -29.94 -19.61 4.09
C TYR G 70 -29.38 -21.02 4.04
N ALA G 71 -29.85 -21.81 3.07
CA ALA G 71 -29.39 -23.18 2.92
C ALA G 71 -29.07 -23.48 1.45
N LEU G 76 -27.12 -28.33 6.79
CA LEU G 76 -27.65 -27.42 7.79
C LEU G 76 -27.70 -26.00 7.26
N PRO G 77 -28.84 -25.33 7.46
CA PRO G 77 -28.96 -23.93 7.01
C PRO G 77 -27.97 -23.03 7.74
N THR G 78 -27.46 -22.04 7.01
CA THR G 78 -26.50 -21.09 7.56
C THR G 78 -27.21 -19.76 7.79
N LEU G 79 -27.19 -19.30 9.04
CA LEU G 79 -27.85 -18.04 9.39
C LEU G 79 -27.12 -16.86 8.76
N THR G 80 -27.88 -15.89 8.28
CA THR G 80 -27.34 -14.69 7.66
C THR G 80 -27.58 -13.44 8.49
N GLN G 81 -28.82 -13.22 8.93
CA GLN G 81 -29.18 -12.04 9.70
C GLN G 81 -29.97 -12.44 10.93
N ALA G 82 -29.83 -11.65 11.99
CA ALA G 82 -30.50 -11.91 13.26
C ALA G 82 -30.92 -10.59 13.88
N GLU G 83 -32.13 -10.58 14.45
CA GLU G 83 -32.69 -9.40 15.10
C GLU G 83 -33.14 -9.76 16.50
N LEU G 84 -32.70 -9.00 17.49
CA LEU G 84 -33.08 -9.24 18.87
C LEU G 84 -34.43 -8.60 19.17
N LEU G 85 -35.30 -9.35 19.84
CA LEU G 85 -36.63 -8.86 20.20
C LEU G 85 -36.89 -8.80 21.69
N GLY G 86 -35.96 -9.27 22.52
CA GLY G 86 -36.13 -9.19 23.96
C GLY G 86 -35.10 -9.97 24.73
N ARG G 87 -34.81 -9.55 25.96
CA ARG G 87 -33.87 -10.22 26.83
C ARG G 87 -34.54 -10.56 28.16
N LEU G 88 -34.26 -11.76 28.66
CA LEU G 88 -34.74 -12.20 29.97
C LEU G 88 -33.59 -12.05 30.97
N HIS G 89 -33.52 -10.87 31.61
CA HIS G 89 -32.35 -10.53 32.41
C HIS G 89 -32.25 -11.39 33.67
N GLY G 90 -33.38 -11.86 34.18
CA GLY G 90 -33.42 -12.56 35.45
C GLY G 90 -33.03 -14.01 35.42
N LEU G 91 -32.68 -14.55 34.25
CA LEU G 91 -32.36 -15.96 34.12
C LEU G 91 -30.98 -16.32 34.64
N GLU G 92 -30.18 -15.32 35.04
CA GLU G 92 -28.81 -15.58 35.45
C GLU G 92 -28.71 -16.35 36.76
N ALA G 93 -29.80 -16.48 37.51
CA ALA G 93 -29.78 -17.27 38.72
C ALA G 93 -29.47 -18.73 38.41
N PRO G 94 -28.63 -19.40 39.21
CA PRO G 94 -28.24 -20.78 38.89
C PRO G 94 -29.41 -21.74 38.77
N ARG G 95 -30.24 -21.80 39.81
CA ARG G 95 -31.40 -22.69 39.78
C ARG G 95 -32.37 -22.28 38.68
N ARG G 96 -32.60 -20.97 38.53
CA ARG G 96 -33.49 -20.50 37.47
C ARG G 96 -32.95 -20.85 36.09
N PHE G 97 -31.64 -20.70 35.89
CA PHE G 97 -31.03 -21.07 34.61
C PHE G 97 -31.17 -22.56 34.36
N LEU G 98 -30.96 -23.39 35.38
CA LEU G 98 -31.11 -24.83 35.23
C LEU G 98 -32.55 -25.19 34.86
N LEU G 99 -33.53 -24.58 35.53
CA LEU G 99 -34.92 -24.86 35.23
C LEU G 99 -35.30 -24.40 33.83
N ALA G 100 -34.79 -23.24 33.40
CA ALA G 100 -35.05 -22.77 32.06
C ALA G 100 -34.44 -23.70 31.01
N ALA G 101 -33.22 -24.19 31.27
CA ALA G 101 -32.61 -25.15 30.35
C ALA G 101 -33.41 -26.44 30.29
N PHE G 102 -33.88 -26.93 31.43
CA PHE G 102 -34.76 -28.10 31.46
C PHE G 102 -36.00 -27.87 30.60
N LEU G 103 -36.67 -26.73 30.81
CA LEU G 103 -37.89 -26.43 30.07
C LEU G 103 -37.62 -26.35 28.57
N ALA G 104 -36.53 -25.69 28.19
CA ALA G 104 -36.20 -25.55 26.77
C ALA G 104 -35.89 -26.90 26.14
N GLU G 105 -35.14 -27.74 26.84
CA GLU G 105 -34.81 -29.06 26.31
C GLU G 105 -36.06 -29.92 26.15
N LEU G 106 -36.95 -29.90 27.16
CA LEU G 106 -38.19 -30.64 27.04
C LEU G 106 -39.05 -30.12 25.89
N ALA G 107 -39.10 -28.80 25.71
CA ALA G 107 -39.85 -28.21 24.61
C ALA G 107 -39.28 -28.67 23.27
N TYR G 108 -37.95 -28.64 23.13
CA TYR G 108 -37.32 -29.05 21.87
C TYR G 108 -37.58 -30.52 21.58
N ARG G 109 -37.48 -31.37 22.60
CA ARG G 109 -37.77 -32.79 22.40
C ARG G 109 -39.24 -33.04 22.10
N LEU G 110 -40.12 -32.10 22.45
CA LEU G 110 -41.53 -32.18 22.14
C LEU G 110 -41.93 -31.26 20.98
N ALA G 111 -40.95 -30.64 20.31
CA ALA G 111 -41.21 -29.62 19.30
C ALA G 111 -41.52 -30.30 17.96
N SER G 112 -42.72 -30.84 17.86
CA SER G 112 -43.19 -31.33 16.57
C SER G 112 -43.74 -30.16 15.75
N PRO G 113 -43.59 -30.22 14.41
CA PRO G 113 -44.11 -29.12 13.58
C PRO G 113 -45.60 -28.89 13.73
N GLU G 114 -46.39 -29.96 13.91
CA GLU G 114 -47.83 -29.78 14.10
C GLU G 114 -48.12 -29.10 15.42
N ALA G 115 -47.43 -29.49 16.49
CA ALA G 115 -47.64 -28.91 17.81
C ALA G 115 -46.89 -27.61 18.02
N ALA G 116 -45.95 -27.27 17.13
CA ALA G 116 -45.16 -26.05 17.29
C ALA G 116 -45.98 -24.78 17.45
N PRO G 117 -47.03 -24.54 16.67
CA PRO G 117 -47.85 -23.33 16.89
C PRO G 117 -48.50 -23.28 18.25
N ARG G 118 -48.70 -24.43 18.91
CA ARG G 118 -49.23 -24.46 20.27
C ARG G 118 -48.13 -24.28 21.31
N ILE G 119 -47.01 -24.98 21.13
CA ILE G 119 -45.96 -24.98 22.13
C ILE G 119 -45.26 -23.62 22.18
N TYR G 120 -45.07 -22.98 21.03
CA TYR G 120 -44.28 -21.74 21.00
C TYR G 120 -44.87 -20.66 21.90
N PRO G 121 -46.16 -20.32 21.80
CA PRO G 121 -46.71 -19.37 22.78
C PRO G 121 -46.65 -19.89 24.20
N LEU G 122 -46.86 -21.20 24.40
CA LEU G 122 -46.69 -21.78 25.73
C LEU G 122 -45.26 -21.66 26.20
N LEU G 123 -44.29 -21.89 25.31
CA LEU G 123 -42.89 -21.71 25.64
C LEU G 123 -42.62 -20.28 26.11
N VAL G 124 -43.08 -19.30 25.33
CA VAL G 124 -42.83 -17.90 25.66
C VAL G 124 -43.49 -17.54 26.99
N SER G 125 -44.72 -18.00 27.21
CA SER G 125 -45.42 -17.69 28.45
C SER G 125 -44.72 -18.31 29.65
N GLY G 126 -44.26 -19.56 29.52
CA GLY G 126 -43.54 -20.20 30.60
C GLY G 126 -42.22 -19.51 30.91
N LEU G 127 -41.50 -19.10 29.86
CA LEU G 127 -40.25 -18.38 30.07
C LEU G 127 -40.49 -17.05 30.78
N ARG G 128 -41.52 -16.31 30.35
CA ARG G 128 -41.86 -15.06 31.01
C ARG G 128 -42.23 -15.29 32.47
N GLY G 129 -43.01 -16.34 32.73
CA GLY G 129 -43.40 -16.63 34.11
C GLY G 129 -42.22 -16.97 34.99
N ILE G 130 -41.32 -17.83 34.50
CA ILE G 130 -40.15 -18.21 35.28
C ILE G 130 -39.18 -17.05 35.41
N ALA G 131 -39.22 -16.07 34.50
CA ALA G 131 -38.41 -14.89 34.64
C ALA G 131 -38.97 -13.93 35.69
N LYS G 132 -40.30 -13.79 35.73
CA LYS G 132 -40.94 -12.78 36.56
C LYS G 132 -41.39 -13.29 37.92
N HIS G 133 -41.94 -14.49 37.99
CA HIS G 133 -42.51 -14.99 39.24
C HIS G 133 -41.42 -15.22 40.28
N GLU G 134 -41.80 -15.08 41.55
CA GLU G 134 -40.85 -15.27 42.64
C GLU G 134 -40.33 -16.69 42.68
N ASP G 135 -41.20 -17.68 42.46
CA ASP G 135 -40.80 -19.07 42.42
C ASP G 135 -40.82 -19.57 40.98
N PRO G 136 -39.66 -19.78 40.35
CA PRO G 136 -39.67 -20.25 38.95
C PRO G 136 -40.32 -21.60 38.77
N LEU G 137 -40.26 -22.48 39.78
CA LEU G 137 -40.76 -23.84 39.63
C LEU G 137 -42.25 -23.87 39.36
N LEU G 138 -43.00 -22.92 39.92
CA LEU G 138 -44.45 -22.90 39.72
C LEU G 138 -44.81 -22.71 38.26
N PRO G 139 -44.47 -21.56 37.63
CA PRO G 139 -44.78 -21.42 36.20
C PRO G 139 -44.02 -22.41 35.34
N LEU G 140 -42.84 -22.88 35.78
CA LEU G 140 -42.12 -23.89 35.02
C LEU G 140 -42.96 -25.14 34.86
N VAL G 141 -43.46 -25.68 35.98
CA VAL G 141 -44.28 -26.89 35.93
C VAL G 141 -45.61 -26.61 35.24
N TRP G 142 -46.16 -25.41 35.45
CA TRP G 142 -47.42 -25.04 34.80
C TRP G 142 -47.29 -25.10 33.28
N ALA G 143 -46.20 -24.55 32.74
CA ALA G 143 -46.00 -24.60 31.29
C ALA G 143 -45.62 -26.00 30.84
N GLY G 144 -44.85 -26.72 31.64
CA GLY G 144 -44.38 -28.04 31.23
C GLY G 144 -45.51 -29.04 31.12
N TRP G 145 -46.46 -29.00 32.06
CA TRP G 145 -47.60 -29.91 31.99
C TRP G 145 -48.44 -29.64 30.75
N ARG G 146 -48.66 -28.37 30.42
CA ARG G 146 -49.45 -28.04 29.24
C ARG G 146 -48.72 -28.42 27.97
N VAL G 147 -47.39 -28.24 27.93
CA VAL G 147 -46.62 -28.66 26.78
C VAL G 147 -46.69 -30.18 26.61
N ALA G 148 -46.59 -30.93 27.71
CA ALA G 148 -46.73 -32.38 27.64
C ALA G 148 -48.10 -32.79 27.14
N LYS G 149 -49.15 -32.12 27.61
CA LYS G 149 -50.50 -32.41 27.16
C LYS G 149 -50.65 -32.15 25.66
N ALA G 150 -50.13 -31.01 25.19
CA ALA G 150 -50.31 -30.63 23.79
C ALA G 150 -49.37 -31.36 22.86
N GLY G 151 -48.31 -31.98 23.37
CA GLY G 151 -47.35 -32.69 22.54
C GLY G 151 -47.67 -34.14 22.26
N GLY G 152 -48.90 -34.57 22.52
CA GLY G 152 -49.25 -35.97 22.34
C GLY G 152 -48.84 -36.88 23.46
N ILE G 153 -48.33 -36.36 24.57
CA ILE G 153 -47.84 -37.17 25.67
C ILE G 153 -48.69 -36.92 26.91
N GLY G 154 -49.97 -36.62 26.71
CA GLY G 154 -50.88 -36.38 27.80
C GLY G 154 -51.05 -37.61 28.68
N PRO G 155 -50.76 -37.47 29.97
CA PRO G 155 -50.89 -38.62 30.87
C PRO G 155 -52.35 -39.00 31.09
N ASN G 156 -52.56 -40.27 31.42
CA ASN G 156 -53.89 -40.81 31.67
C ASN G 156 -54.21 -40.64 33.15
N LEU G 157 -55.03 -39.64 33.47
CA LEU G 157 -55.42 -39.36 34.84
C LEU G 157 -56.67 -40.13 35.27
N GLU G 158 -57.24 -40.94 34.38
CA GLU G 158 -58.42 -41.74 34.72
C GLU G 158 -58.05 -42.90 35.62
N LEU G 162 -53.36 -43.00 43.76
CA LEU G 162 -52.84 -41.69 44.11
C LEU G 162 -51.43 -41.49 43.59
N ARG G 163 -50.82 -42.57 43.11
CA ARG G 163 -49.48 -42.55 42.54
C ARG G 163 -49.57 -42.77 41.03
N LEU G 164 -48.96 -41.87 40.27
CA LEU G 164 -48.97 -41.94 38.81
C LEU G 164 -47.74 -42.70 38.33
N LYS G 165 -47.95 -43.76 37.56
CA LYS G 165 -46.89 -44.55 36.97
C LYS G 165 -47.03 -44.57 35.47
N ARG G 166 -45.92 -44.36 34.77
CA ARG G 166 -45.89 -44.22 33.30
C ARG G 166 -47.08 -43.42 32.76
N GLY G 167 -47.42 -42.33 33.44
CA GLY G 167 -48.56 -41.52 33.06
C GLY G 167 -49.91 -42.07 33.45
N ARG G 168 -49.96 -43.14 34.25
CA ARG G 168 -51.21 -43.76 34.67
C ARG G 168 -51.26 -43.81 36.19
N LEU G 169 -52.40 -43.41 36.74
CA LEU G 169 -52.56 -43.43 38.19
C LEU G 169 -52.64 -44.87 38.71
N GLY G 170 -52.27 -45.04 39.97
CA GLY G 170 -52.29 -46.36 40.57
C GLY G 170 -51.63 -46.34 41.94
N GLU G 171 -51.27 -47.53 42.41
CA GLU G 171 -50.59 -47.69 43.69
C GLU G 171 -49.07 -47.70 43.57
N GLU G 172 -48.54 -47.58 42.35
CA GLU G 172 -47.11 -47.52 42.12
C GLU G 172 -46.72 -46.18 41.52
N GLY G 173 -45.52 -45.71 41.84
CA GLY G 173 -45.02 -44.45 41.37
C GLY G 173 -44.90 -43.44 42.51
N VAL G 174 -44.74 -42.17 42.11
CA VAL G 174 -44.60 -41.09 43.06
C VAL G 174 -45.97 -40.74 43.63
N TYR G 175 -46.05 -40.65 44.96
CA TYR G 175 -47.32 -40.37 45.64
C TYR G 175 -47.71 -38.92 45.39
N LEU G 176 -48.61 -38.71 44.43
CA LEU G 176 -49.04 -37.36 44.09
C LEU G 176 -50.01 -36.80 45.11
N GLY G 177 -50.78 -37.65 45.78
CA GLY G 177 -51.77 -37.19 46.74
C GLY G 177 -53.03 -36.68 46.08
N ARG G 178 -54.09 -36.58 46.89
CA ARG G 178 -55.38 -36.10 46.37
C ARG G 178 -55.28 -34.66 45.90
N GLU G 179 -54.59 -33.80 46.66
CA GLU G 179 -54.43 -32.40 46.25
C GLU G 179 -53.64 -32.31 44.96
N GLY G 180 -52.56 -33.09 44.84
CA GLY G 180 -51.77 -33.09 43.62
C GLY G 180 -52.57 -33.55 42.42
N VAL G 181 -53.36 -34.62 42.59
CA VAL G 181 -54.18 -35.12 41.50
C VAL G 181 -55.22 -34.09 41.09
N GLU G 182 -55.84 -33.43 42.07
CA GLU G 182 -56.84 -32.41 41.75
C GLU G 182 -56.22 -31.24 41.01
N ALA G 183 -55.06 -30.78 41.47
CA ALA G 183 -54.38 -29.66 40.79
C ALA G 183 -53.97 -30.06 39.37
N LEU G 184 -53.49 -31.29 39.19
CA LEU G 184 -53.12 -31.76 37.86
C LEU G 184 -54.32 -31.80 36.94
N LYS G 185 -55.45 -32.32 37.43
CA LYS G 185 -56.66 -32.36 36.62
C LYS G 185 -57.14 -30.95 36.26
N ALA G 186 -57.09 -30.03 37.23
CA ALA G 186 -57.50 -28.66 36.97
C ALA G 186 -56.61 -28.03 35.91
N THR G 187 -55.29 -28.23 36.01
CA THR G 187 -54.39 -27.66 35.02
C THR G 187 -54.63 -28.27 33.64
N LEU G 188 -54.84 -29.59 33.58
CA LEU G 188 -55.05 -30.26 32.31
C LEU G 188 -56.40 -29.90 31.68
N ARG G 189 -57.38 -29.49 32.48
CA ARG G 189 -58.71 -29.18 31.97
C ARG G 189 -59.03 -27.69 31.97
N LEU G 190 -58.83 -27.01 33.09
CA LEU G 190 -59.12 -25.58 33.14
C LEU G 190 -57.97 -24.79 32.53
N PRO G 191 -58.27 -23.61 31.97
CA PRO G 191 -57.19 -22.72 31.50
C PRO G 191 -56.28 -22.30 32.65
N GLY G 192 -55.14 -21.73 32.27
CA GLY G 192 -54.09 -21.45 33.24
C GLY G 192 -54.49 -20.41 34.28
N ALA G 193 -55.38 -19.48 33.90
CA ALA G 193 -55.73 -18.38 34.80
C ALA G 193 -56.27 -18.89 36.13
N GLN G 194 -57.21 -19.82 36.09
CA GLN G 194 -57.71 -20.43 37.30
C GLN G 194 -56.98 -21.71 37.67
N ALA G 195 -56.09 -22.20 36.81
CA ALA G 195 -55.24 -23.33 37.17
C ALA G 195 -54.12 -22.91 38.12
N LEU G 196 -53.69 -21.65 38.04
CA LEU G 196 -52.64 -21.17 38.94
C LEU G 196 -53.03 -21.28 40.41
N PRO G 197 -54.22 -20.85 40.83
CA PRO G 197 -54.57 -20.96 42.26
C PRO G 197 -54.55 -22.39 42.77
N HIS G 198 -54.93 -23.36 41.94
CA HIS G 198 -54.94 -24.76 42.38
C HIS G 198 -53.53 -25.22 42.74
N LEU G 199 -52.54 -24.86 41.93
CA LEU G 199 -51.15 -25.27 42.14
C LEU G 199 -50.39 -24.32 43.05
N GLU G 200 -51.01 -23.21 43.47
CA GLU G 200 -50.38 -22.29 44.42
C GLU G 200 -50.37 -22.88 45.82
N ARG G 206 -43.85 -31.87 43.41
CA ARG G 206 -44.05 -33.31 43.31
C ARG G 206 -44.59 -33.69 41.95
N LEU G 207 -45.46 -32.84 41.39
CA LEU G 207 -45.91 -33.03 40.02
C LEU G 207 -44.75 -32.99 39.03
N PHE G 208 -43.70 -32.25 39.35
CA PHE G 208 -42.51 -32.23 38.49
C PHE G 208 -41.91 -33.62 38.36
N LEU G 209 -41.88 -34.39 39.45
CA LEU G 209 -41.35 -35.75 39.39
C LEU G 209 -42.18 -36.63 38.47
N ALA G 210 -43.50 -36.55 38.57
CA ALA G 210 -44.37 -37.34 37.71
C ALA G 210 -44.22 -36.93 36.26
N LEU G 211 -44.14 -35.63 35.98
CA LEU G 211 -43.95 -35.18 34.61
C LEU G 211 -42.62 -35.66 34.05
N LYS G 212 -41.56 -35.61 34.86
CA LYS G 212 -40.26 -36.10 34.41
C LYS G 212 -40.31 -37.59 34.13
N ALA G 213 -40.96 -38.37 35.00
CA ALA G 213 -41.09 -39.80 34.78
C ALA G 213 -41.86 -40.10 33.50
N HIS G 214 -42.96 -39.38 33.27
CA HIS G 214 -43.75 -39.59 32.07
C HIS G 214 -42.95 -39.24 30.81
N ALA G 215 -42.22 -38.12 30.85
CA ALA G 215 -41.42 -37.74 29.70
C ALA G 215 -40.30 -38.74 29.43
N GLU G 216 -39.69 -39.27 30.49
CA GLU G 216 -38.65 -40.28 30.31
C GLU G 216 -39.23 -41.57 29.74
N GLU G 217 -40.42 -41.96 30.19
CA GLU G 217 -41.09 -43.13 29.63
C GLU G 217 -41.41 -42.93 28.15
N ALA G 218 -41.87 -41.73 27.80
CA ALA G 218 -42.30 -41.49 26.42
C ALA G 218 -41.12 -41.37 25.46
N LEU G 219 -40.04 -40.69 25.90
CA LEU G 219 -38.98 -40.30 24.98
C LEU G 219 -37.60 -40.81 25.35
N GLY G 220 -37.39 -41.27 26.59
CA GLY G 220 -36.10 -41.74 27.01
C GLY G 220 -35.42 -40.77 27.96
N PRO G 221 -34.13 -40.98 28.20
CA PRO G 221 -33.42 -40.18 29.20
C PRO G 221 -33.21 -38.74 28.73
N LEU G 222 -32.84 -37.89 29.68
CA LEU G 222 -32.62 -36.46 29.43
C LEU G 222 -31.17 -36.12 29.73
N ARG G 223 -30.55 -35.37 28.82
CA ARG G 223 -29.15 -34.99 29.01
C ARG G 223 -28.99 -34.05 30.20
N SER G 224 -29.91 -33.11 30.37
CA SER G 224 -29.79 -32.10 31.41
C SER G 224 -30.19 -32.61 32.79
N ALA G 225 -30.69 -33.85 32.89
CA ALA G 225 -31.19 -34.36 34.16
C ALA G 225 -30.10 -34.46 35.22
N GLU G 226 -28.83 -34.44 34.82
CA GLU G 226 -27.75 -34.61 35.79
C GLU G 226 -27.59 -33.39 36.68
N ALA G 227 -27.96 -32.21 36.19
CA ALA G 227 -27.65 -30.97 36.90
C ALA G 227 -28.34 -30.91 38.25
N ILE G 228 -29.63 -31.24 38.28
CA ILE G 228 -30.41 -31.13 39.50
C ILE G 228 -30.00 -32.23 40.47
N GLY G 229 -29.80 -31.88 41.73
CA GLY G 229 -29.41 -32.83 42.75
C GLY G 229 -30.13 -32.64 44.07
PG ANP J . 14.32 28.59 -5.85
O1G ANP J . 14.33 29.99 -6.33
O2G ANP J . 13.72 27.71 -6.86
O3G ANP J . 15.69 28.19 -5.47
PB ANP J . 11.87 27.77 -4.32
O1B ANP J . 11.42 27.00 -5.50
O2B ANP J . 10.98 28.91 -3.99
N3B ANP J . 13.35 28.42 -4.56
PA ANP J . 11.63 25.39 -2.58
O1A ANP J . 10.17 25.20 -2.73
O2A ANP J . 12.56 24.49 -3.29
O3A ANP J . 12.00 26.90 -2.96
O5' ANP J . 11.96 25.35 -1.02
C5' ANP J . 13.30 25.05 -0.60
C4' ANP J . 13.46 25.40 0.87
O4' ANP J . 12.68 24.48 1.66
C3' ANP J . 14.88 25.32 1.40
O3' ANP J . 15.10 26.31 2.40
C2' ANP J . 14.93 23.91 1.99
O2' ANP J . 15.89 23.80 3.03
C1' ANP J . 13.52 23.77 2.55
N9 ANP J . 13.04 22.39 2.64
C8 ANP J . 13.10 21.43 1.67
N7 ANP J . 12.60 20.28 2.03
C5 ANP J . 12.19 20.49 3.34
C6 ANP J . 11.57 19.65 4.28
N6 ANP J . 11.26 18.37 4.06
N1 ANP J . 11.29 20.17 5.49
C2 ANP J . 11.61 21.45 5.73
N3 ANP J . 12.19 22.34 4.92
C4 ANP J . 12.45 21.79 3.73
MG MG K . 12.28 26.17 -7.26
PG ANP L . 22.03 31.07 -25.25
O1G ANP L . 21.60 32.33 -24.63
O2G ANP L . 23.00 30.35 -24.38
O3G ANP L . 20.85 30.25 -25.59
PB ANP L . 24.47 31.55 -26.90
O1B ANP L . 25.29 31.00 -25.81
O2B ANP L . 24.65 33.00 -27.10
N3B ANP L . 22.88 31.35 -26.61
PA ANP L . 25.65 29.65 -28.83
O1A ANP L . 27.06 30.07 -28.79
O2A ANP L . 25.24 28.42 -28.11
O3A ANP L . 24.73 30.87 -28.35
O5' ANP L . 25.22 29.52 -30.36
C5' ANP L . 24.45 28.38 -30.78
C4' ANP L . 24.00 28.60 -32.21
O4' ANP L . 25.16 28.69 -33.06
C3' ANP L . 23.15 27.48 -32.80
O3' ANP L . 21.77 27.68 -32.50
C2' ANP L . 23.43 27.61 -34.29
O2' ANP L . 22.64 28.64 -34.88
C1' ANP L . 24.92 28.02 -34.29
N9 ANP L . 25.85 26.90 -34.40
C8 ANP L . 26.15 25.97 -33.44
N7 ANP L . 27.04 25.09 -33.82
C5 ANP L . 27.34 25.46 -35.12
C6 ANP L . 28.22 24.92 -36.08
N6 ANP L . 29.00 23.85 -35.87
N1 ANP L . 28.28 25.53 -37.28
C2 ANP L . 27.52 26.61 -37.50
N3 ANP L . 26.66 27.20 -36.67
C4 ANP L . 26.61 26.57 -35.49
MG MG M . 24.87 29.48 -24.39
ZN ZN N . -36.55 18.63 21.43
ZN ZN O . 4.47 -24.08 36.10
ZN ZN P . -3.90 -44.07 -16.00
#